data_3KNY
# 
_entry.id   3KNY 
# 
_audit_conform.dict_name       mmcif_pdbx.dic 
_audit_conform.dict_version    5.397 
_audit_conform.dict_location   http://mmcif.pdb.org/dictionaries/ascii/mmcif_pdbx.dic 
# 
loop_
_database_2.database_id 
_database_2.database_code 
_database_2.pdbx_database_accession 
_database_2.pdbx_DOI 
PDB   3KNY         pdb_00003kny 10.2210/pdb3kny/pdb 
RCSB  RCSB056228   ?            ?                   
WWPDB D_1000056228 ?            ?                   
# 
loop_
_pdbx_audit_revision_history.ordinal 
_pdbx_audit_revision_history.data_content_type 
_pdbx_audit_revision_history.major_revision 
_pdbx_audit_revision_history.minor_revision 
_pdbx_audit_revision_history.revision_date 
1 'Structure model' 1 0 2009-12-01 
2 'Structure model' 1 1 2011-07-13 
3 'Structure model' 1 2 2017-10-25 
4 'Structure model' 1 3 2019-07-17 
5 'Structure model' 1 4 2023-02-01 
6 'Structure model' 1 5 2024-10-16 
# 
_pdbx_audit_revision_details.ordinal             1 
_pdbx_audit_revision_details.revision_ordinal    1 
_pdbx_audit_revision_details.data_content_type   'Structure model' 
_pdbx_audit_revision_details.provider            repository 
_pdbx_audit_revision_details.type                'Initial release' 
_pdbx_audit_revision_details.description         ? 
_pdbx_audit_revision_details.details             ? 
# 
loop_
_pdbx_audit_revision_group.ordinal 
_pdbx_audit_revision_group.revision_ordinal 
_pdbx_audit_revision_group.data_content_type 
_pdbx_audit_revision_group.group 
1  2 'Structure model' Advisory                     
2  2 'Structure model' 'Version format compliance'  
3  3 'Structure model' 'Author supporting evidence' 
4  3 'Structure model' 'Refinement description'     
5  4 'Structure model' 'Data collection'            
6  4 'Structure model' 'Derived calculations'       
7  4 'Structure model' 'Refinement description'     
8  5 'Structure model' 'Database references'        
9  6 'Structure model' 'Data collection'            
10 6 'Structure model' 'Structure summary'          
# 
loop_
_pdbx_audit_revision_category.ordinal 
_pdbx_audit_revision_category.revision_ordinal 
_pdbx_audit_revision_category.data_content_type 
_pdbx_audit_revision_category.category 
1  3 'Structure model' pdbx_struct_assembly_auth_evidence 
2  3 'Structure model' software                           
3  4 'Structure model' software                           
4  4 'Structure model' struct_conn                        
5  5 'Structure model' database_2                         
6  5 'Structure model' struct_ref_seq_dif                 
7  6 'Structure model' chem_comp_atom                     
8  6 'Structure model' chem_comp_bond                     
9  6 'Structure model' pdbx_entry_details                 
10 6 'Structure model' pdbx_modification_feature          
# 
loop_
_pdbx_audit_revision_item.ordinal 
_pdbx_audit_revision_item.revision_ordinal 
_pdbx_audit_revision_item.data_content_type 
_pdbx_audit_revision_item.item 
1  3 'Structure model' '_software.classification'                     
2  3 'Structure model' '_software.name'                               
3  4 'Structure model' '_software.classification'                     
4  4 'Structure model' '_software.contact_author'                     
5  4 'Structure model' '_software.contact_author_email'               
6  4 'Structure model' '_software.language'                           
7  4 'Structure model' '_software.location'                           
8  4 'Structure model' '_software.name'                               
9  4 'Structure model' '_software.type'                               
10 4 'Structure model' '_software.version'                            
11 4 'Structure model' '_struct_conn.pdbx_leaving_atom_flag'          
12 5 'Structure model' '_database_2.pdbx_DOI'                         
13 5 'Structure model' '_database_2.pdbx_database_accession'          
14 5 'Structure model' '_struct_ref_seq_dif.details'                  
15 6 'Structure model' '_pdbx_entry_details.has_protein_modification' 
# 
_pdbx_database_status.SG_entry                        Y 
_pdbx_database_status.entry_id                        3KNY 
_pdbx_database_status.deposit_site                    RCSB 
_pdbx_database_status.process_site                    RCSB 
_pdbx_database_status.recvd_initial_deposition_date   2009-11-12 
_pdbx_database_status.status_code                     REL 
_pdbx_database_status.status_code_sf                  REL 
_pdbx_database_status.status_code_mr                  ? 
_pdbx_database_status.status_code_cs                  ? 
_pdbx_database_status.pdb_format_compatible           Y 
_pdbx_database_status.methods_development_category    ? 
_pdbx_database_status.status_code_nmr_data            ? 
# 
_pdbx_database_related.db_name        TargetDB 
_pdbx_database_related.db_id          393001 
_pdbx_database_related.details        . 
_pdbx_database_related.content_type   unspecified 
# 
_audit_author.name           'Joint Center for Structural Genomics (JCSG)' 
_audit_author.pdbx_ordinal   1 
# 
_citation.id                        primary 
_citation.title                     
;Crystal structure of hypothetical protein BT_3535 (NP_812447.1) from
BACTERIODES THETAIOTAOMICRON VPI-5482 at 2.60 A resolution
;
_citation.journal_abbrev            'To be published' 
_citation.journal_volume            ? 
_citation.page_first                ? 
_citation.page_last                 ? 
_citation.year                      ? 
_citation.journal_id_ASTM           ? 
_citation.country                   ? 
_citation.journal_id_ISSN           ? 
_citation.journal_id_CSD            0353 
_citation.book_publisher            ? 
_citation.pdbx_database_id_PubMed   ? 
_citation.pdbx_database_id_DOI      ? 
# 
_citation_author.citation_id        primary 
_citation_author.name               'Joint Center for Structural Genomics (JCSG)' 
_citation_author.ordinal            1 
_citation_author.identifier_ORCID   ? 
# 
_entity.id                         1 
_entity.type                       polymer 
_entity.src_method                 man 
_entity.pdbx_description           'hypothetical protein BT_3535' 
_entity.formula_weight             24645.857 
_entity.pdbx_number_of_molecules   1 
_entity.pdbx_ec                    ? 
_entity.pdbx_mutation              ? 
_entity.pdbx_fragment              ? 
_entity.details                    ? 
# 
_entity_poly.entity_id                      1 
_entity_poly.type                           'polypeptide(L)' 
_entity_poly.nstd_linkage                   no 
_entity_poly.nstd_monomer                   yes 
_entity_poly.pdbx_seq_one_letter_code       
;GACEQNEDWVVNEP(MSE)QSFEENPEYAPLNTIPDWVSEKVTPKEYELWRT(MSE)SSRYEINYSFLKKDISEKRKKEI
YDCINNICERIEKGQINKYEGFLNIADEDGTTLSDSQYFGRIATRSPEGGAEYKTNGCTLYTHSLGPYIKAAVTYKKSDD
DVTITSSSVYTGSPYLGNDPSFSGASSVSYDKDKKLIAASCSGTLSFKDGSRKVEVTVQKTGF(MSE)IP
;
_entity_poly.pdbx_seq_one_letter_code_can   
;GACEQNEDWVVNEPMQSFEENPEYAPLNTIPDWVSEKVTPKEYELWRTMSSRYEINYSFLKKDISEKRKKEIYDCINNIC
ERIEKGQINKYEGFLNIADEDGTTLSDSQYFGRIATRSPEGGAEYKTNGCTLYTHSLGPYIKAAVTYKKSDDDVTITSSS
VYTGSPYLGNDPSFSGASSVSYDKDKKLIAASCSGTLSFKDGSRKVEVTVQKTGFMIP
;
_entity_poly.pdbx_strand_id                 A 
_entity_poly.pdbx_target_identifier         393001 
# 
loop_
_entity_poly_seq.entity_id 
_entity_poly_seq.num 
_entity_poly_seq.mon_id 
_entity_poly_seq.hetero 
1 1   GLY n 
1 2   ALA n 
1 3   CYS n 
1 4   GLU n 
1 5   GLN n 
1 6   ASN n 
1 7   GLU n 
1 8   ASP n 
1 9   TRP n 
1 10  VAL n 
1 11  VAL n 
1 12  ASN n 
1 13  GLU n 
1 14  PRO n 
1 15  MSE n 
1 16  GLN n 
1 17  SER n 
1 18  PHE n 
1 19  GLU n 
1 20  GLU n 
1 21  ASN n 
1 22  PRO n 
1 23  GLU n 
1 24  TYR n 
1 25  ALA n 
1 26  PRO n 
1 27  LEU n 
1 28  ASN n 
1 29  THR n 
1 30  ILE n 
1 31  PRO n 
1 32  ASP n 
1 33  TRP n 
1 34  VAL n 
1 35  SER n 
1 36  GLU n 
1 37  LYS n 
1 38  VAL n 
1 39  THR n 
1 40  PRO n 
1 41  LYS n 
1 42  GLU n 
1 43  TYR n 
1 44  GLU n 
1 45  LEU n 
1 46  TRP n 
1 47  ARG n 
1 48  THR n 
1 49  MSE n 
1 50  SER n 
1 51  SER n 
1 52  ARG n 
1 53  TYR n 
1 54  GLU n 
1 55  ILE n 
1 56  ASN n 
1 57  TYR n 
1 58  SER n 
1 59  PHE n 
1 60  LEU n 
1 61  LYS n 
1 62  LYS n 
1 63  ASP n 
1 64  ILE n 
1 65  SER n 
1 66  GLU n 
1 67  LYS n 
1 68  ARG n 
1 69  LYS n 
1 70  LYS n 
1 71  GLU n 
1 72  ILE n 
1 73  TYR n 
1 74  ASP n 
1 75  CYS n 
1 76  ILE n 
1 77  ASN n 
1 78  ASN n 
1 79  ILE n 
1 80  CYS n 
1 81  GLU n 
1 82  ARG n 
1 83  ILE n 
1 84  GLU n 
1 85  LYS n 
1 86  GLY n 
1 87  GLN n 
1 88  ILE n 
1 89  ASN n 
1 90  LYS n 
1 91  TYR n 
1 92  GLU n 
1 93  GLY n 
1 94  PHE n 
1 95  LEU n 
1 96  ASN n 
1 97  ILE n 
1 98  ALA n 
1 99  ASP n 
1 100 GLU n 
1 101 ASP n 
1 102 GLY n 
1 103 THR n 
1 104 THR n 
1 105 LEU n 
1 106 SER n 
1 107 ASP n 
1 108 SER n 
1 109 GLN n 
1 110 TYR n 
1 111 PHE n 
1 112 GLY n 
1 113 ARG n 
1 114 ILE n 
1 115 ALA n 
1 116 THR n 
1 117 ARG n 
1 118 SER n 
1 119 PRO n 
1 120 GLU n 
1 121 GLY n 
1 122 GLY n 
1 123 ALA n 
1 124 GLU n 
1 125 TYR n 
1 126 LYS n 
1 127 THR n 
1 128 ASN n 
1 129 GLY n 
1 130 CYS n 
1 131 THR n 
1 132 LEU n 
1 133 TYR n 
1 134 THR n 
1 135 HIS n 
1 136 SER n 
1 137 LEU n 
1 138 GLY n 
1 139 PRO n 
1 140 TYR n 
1 141 ILE n 
1 142 LYS n 
1 143 ALA n 
1 144 ALA n 
1 145 VAL n 
1 146 THR n 
1 147 TYR n 
1 148 LYS n 
1 149 LYS n 
1 150 SER n 
1 151 ASP n 
1 152 ASP n 
1 153 ASP n 
1 154 VAL n 
1 155 THR n 
1 156 ILE n 
1 157 THR n 
1 158 SER n 
1 159 SER n 
1 160 SER n 
1 161 VAL n 
1 162 TYR n 
1 163 THR n 
1 164 GLY n 
1 165 SER n 
1 166 PRO n 
1 167 TYR n 
1 168 LEU n 
1 169 GLY n 
1 170 ASN n 
1 171 ASP n 
1 172 PRO n 
1 173 SER n 
1 174 PHE n 
1 175 SER n 
1 176 GLY n 
1 177 ALA n 
1 178 SER n 
1 179 SER n 
1 180 VAL n 
1 181 SER n 
1 182 TYR n 
1 183 ASP n 
1 184 LYS n 
1 185 ASP n 
1 186 LYS n 
1 187 LYS n 
1 188 LEU n 
1 189 ILE n 
1 190 ALA n 
1 191 ALA n 
1 192 SER n 
1 193 CYS n 
1 194 SER n 
1 195 GLY n 
1 196 THR n 
1 197 LEU n 
1 198 SER n 
1 199 PHE n 
1 200 LYS n 
1 201 ASP n 
1 202 GLY n 
1 203 SER n 
1 204 ARG n 
1 205 LYS n 
1 206 VAL n 
1 207 GLU n 
1 208 VAL n 
1 209 THR n 
1 210 VAL n 
1 211 GLN n 
1 212 LYS n 
1 213 THR n 
1 214 GLY n 
1 215 PHE n 
1 216 MSE n 
1 217 ILE n 
1 218 PRO n 
# 
_entity_src_gen.entity_id                          1 
_entity_src_gen.pdbx_src_id                        1 
_entity_src_gen.pdbx_alt_source_flag               sample 
_entity_src_gen.pdbx_seq_type                      ? 
_entity_src_gen.pdbx_beg_seq_num                   ? 
_entity_src_gen.pdbx_end_seq_num                   ? 
_entity_src_gen.gene_src_common_name               ? 
_entity_src_gen.gene_src_genus                     ? 
_entity_src_gen.pdbx_gene_src_gene                 BT_3535 
_entity_src_gen.gene_src_species                   ? 
_entity_src_gen.gene_src_strain                    ? 
_entity_src_gen.gene_src_tissue                    ? 
_entity_src_gen.gene_src_tissue_fraction           ? 
_entity_src_gen.gene_src_details                   ? 
_entity_src_gen.pdbx_gene_src_fragment             ? 
_entity_src_gen.pdbx_gene_src_scientific_name      'Bacteroides thetaiotaomicron VPI-5482' 
_entity_src_gen.pdbx_gene_src_ncbi_taxonomy_id     226186 
_entity_src_gen.pdbx_gene_src_variant              ? 
_entity_src_gen.pdbx_gene_src_cell_line            ? 
_entity_src_gen.pdbx_gene_src_atcc                 ? 
_entity_src_gen.pdbx_gene_src_organ                ? 
_entity_src_gen.pdbx_gene_src_organelle            ? 
_entity_src_gen.pdbx_gene_src_cell                 ? 
_entity_src_gen.pdbx_gene_src_cellular_location    ? 
_entity_src_gen.host_org_common_name               ? 
_entity_src_gen.pdbx_host_org_scientific_name      'Escherichia Coli' 
_entity_src_gen.pdbx_host_org_ncbi_taxonomy_id     562 
_entity_src_gen.host_org_genus                     ? 
_entity_src_gen.pdbx_host_org_gene                 ? 
_entity_src_gen.pdbx_host_org_organ                ? 
_entity_src_gen.host_org_species                   ? 
_entity_src_gen.pdbx_host_org_tissue               ? 
_entity_src_gen.pdbx_host_org_tissue_fraction      ? 
_entity_src_gen.pdbx_host_org_strain               HK100 
_entity_src_gen.pdbx_host_org_variant              ? 
_entity_src_gen.pdbx_host_org_cell_line            ? 
_entity_src_gen.pdbx_host_org_atcc                 ? 
_entity_src_gen.pdbx_host_org_culture_collection   ? 
_entity_src_gen.pdbx_host_org_cell                 ? 
_entity_src_gen.pdbx_host_org_organelle            ? 
_entity_src_gen.pdbx_host_org_cellular_location    ? 
_entity_src_gen.pdbx_host_org_vector_type          Plasmid 
_entity_src_gen.pdbx_host_org_vector               ? 
_entity_src_gen.host_org_details                   ? 
_entity_src_gen.expression_system_id               ? 
_entity_src_gen.plasmid_name                       SpeedET 
_entity_src_gen.plasmid_details                    ? 
_entity_src_gen.pdbx_description                   ? 
# 
loop_
_chem_comp.id 
_chem_comp.type 
_chem_comp.mon_nstd_flag 
_chem_comp.name 
_chem_comp.pdbx_synonyms 
_chem_comp.formula 
_chem_comp.formula_weight 
ALA 'L-peptide linking' y ALANINE          ? 'C3 H7 N O2'     89.093  
ARG 'L-peptide linking' y ARGININE         ? 'C6 H15 N4 O2 1' 175.209 
ASN 'L-peptide linking' y ASPARAGINE       ? 'C4 H8 N2 O3'    132.118 
ASP 'L-peptide linking' y 'ASPARTIC ACID'  ? 'C4 H7 N O4'     133.103 
CYS 'L-peptide linking' y CYSTEINE         ? 'C3 H7 N O2 S'   121.158 
GLN 'L-peptide linking' y GLUTAMINE        ? 'C5 H10 N2 O3'   146.144 
GLU 'L-peptide linking' y 'GLUTAMIC ACID'  ? 'C5 H9 N O4'     147.129 
GLY 'peptide linking'   y GLYCINE          ? 'C2 H5 N O2'     75.067  
HIS 'L-peptide linking' y HISTIDINE        ? 'C6 H10 N3 O2 1' 156.162 
ILE 'L-peptide linking' y ISOLEUCINE       ? 'C6 H13 N O2'    131.173 
LEU 'L-peptide linking' y LEUCINE          ? 'C6 H13 N O2'    131.173 
LYS 'L-peptide linking' y LYSINE           ? 'C6 H15 N2 O2 1' 147.195 
MSE 'L-peptide linking' n SELENOMETHIONINE ? 'C5 H11 N O2 Se' 196.106 
PHE 'L-peptide linking' y PHENYLALANINE    ? 'C9 H11 N O2'    165.189 
PRO 'L-peptide linking' y PROLINE          ? 'C5 H9 N O2'     115.130 
SER 'L-peptide linking' y SERINE           ? 'C3 H7 N O3'     105.093 
THR 'L-peptide linking' y THREONINE        ? 'C4 H9 N O3'     119.119 
TRP 'L-peptide linking' y TRYPTOPHAN       ? 'C11 H12 N2 O2'  204.225 
TYR 'L-peptide linking' y TYROSINE         ? 'C9 H11 N O3'    181.189 
VAL 'L-peptide linking' y VALINE           ? 'C5 H11 N O2'    117.146 
# 
loop_
_pdbx_poly_seq_scheme.asym_id 
_pdbx_poly_seq_scheme.entity_id 
_pdbx_poly_seq_scheme.seq_id 
_pdbx_poly_seq_scheme.mon_id 
_pdbx_poly_seq_scheme.ndb_seq_num 
_pdbx_poly_seq_scheme.pdb_seq_num 
_pdbx_poly_seq_scheme.auth_seq_num 
_pdbx_poly_seq_scheme.pdb_mon_id 
_pdbx_poly_seq_scheme.auth_mon_id 
_pdbx_poly_seq_scheme.pdb_strand_id 
_pdbx_poly_seq_scheme.pdb_ins_code 
_pdbx_poly_seq_scheme.hetero 
A 1 1   GLY 1   0   ?   ?   ?   A . n 
A 1 2   ALA 2   18  ?   ?   ?   A . n 
A 1 3   CYS 3   19  ?   ?   ?   A . n 
A 1 4   GLU 4   20  ?   ?   ?   A . n 
A 1 5   GLN 5   21  ?   ?   ?   A . n 
A 1 6   ASN 6   22  22  ASN ASN A . n 
A 1 7   GLU 7   23  23  GLU GLU A . n 
A 1 8   ASP 8   24  24  ASP ASP A . n 
A 1 9   TRP 9   25  25  TRP TRP A . n 
A 1 10  VAL 10  26  26  VAL VAL A . n 
A 1 11  VAL 11  27  27  VAL VAL A . n 
A 1 12  ASN 12  28  28  ASN ASN A . n 
A 1 13  GLU 13  29  29  GLU GLU A . n 
A 1 14  PRO 14  30  30  PRO PRO A . n 
A 1 15  MSE 15  31  31  MSE MSE A . n 
A 1 16  GLN 16  32  32  GLN GLN A . n 
A 1 17  SER 17  33  33  SER SER A . n 
A 1 18  PHE 18  34  34  PHE PHE A . n 
A 1 19  GLU 19  35  35  GLU GLU A . n 
A 1 20  GLU 20  36  36  GLU GLU A . n 
A 1 21  ASN 21  37  37  ASN ASN A . n 
A 1 22  PRO 22  38  38  PRO PRO A . n 
A 1 23  GLU 23  39  39  GLU GLU A . n 
A 1 24  TYR 24  40  40  TYR TYR A . n 
A 1 25  ALA 25  41  41  ALA ALA A . n 
A 1 26  PRO 26  42  42  PRO PRO A . n 
A 1 27  LEU 27  43  43  LEU LEU A . n 
A 1 28  ASN 28  44  44  ASN ASN A . n 
A 1 29  THR 29  45  45  THR THR A . n 
A 1 30  ILE 30  46  46  ILE ILE A . n 
A 1 31  PRO 31  47  47  PRO PRO A . n 
A 1 32  ASP 32  48  48  ASP ASP A . n 
A 1 33  TRP 33  49  49  TRP TRP A . n 
A 1 34  VAL 34  50  50  VAL VAL A . n 
A 1 35  SER 35  51  51  SER SER A . n 
A 1 36  GLU 36  52  52  GLU GLU A . n 
A 1 37  LYS 37  53  53  LYS LYS A . n 
A 1 38  VAL 38  54  54  VAL VAL A . n 
A 1 39  THR 39  55  55  THR THR A . n 
A 1 40  PRO 40  56  56  PRO PRO A . n 
A 1 41  LYS 41  57  57  LYS LYS A . n 
A 1 42  GLU 42  58  58  GLU GLU A . n 
A 1 43  TYR 43  59  59  TYR TYR A . n 
A 1 44  GLU 44  60  60  GLU GLU A . n 
A 1 45  LEU 45  61  61  LEU LEU A . n 
A 1 46  TRP 46  62  62  TRP TRP A . n 
A 1 47  ARG 47  63  63  ARG ARG A . n 
A 1 48  THR 48  64  64  THR THR A . n 
A 1 49  MSE 49  65  65  MSE MSE A . n 
A 1 50  SER 50  66  66  SER SER A . n 
A 1 51  SER 51  67  67  SER SER A . n 
A 1 52  ARG 52  68  68  ARG ARG A . n 
A 1 53  TYR 53  69  69  TYR TYR A . n 
A 1 54  GLU 54  70  70  GLU GLU A . n 
A 1 55  ILE 55  71  71  ILE ILE A . n 
A 1 56  ASN 56  72  72  ASN ASN A . n 
A 1 57  TYR 57  73  73  TYR TYR A . n 
A 1 58  SER 58  74  74  SER SER A . n 
A 1 59  PHE 59  75  75  PHE PHE A . n 
A 1 60  LEU 60  76  76  LEU LEU A . n 
A 1 61  LYS 61  77  77  LYS LYS A . n 
A 1 62  LYS 62  78  78  LYS LYS A . n 
A 1 63  ASP 63  79  79  ASP ASP A . n 
A 1 64  ILE 64  80  80  ILE ILE A . n 
A 1 65  SER 65  81  81  SER SER A . n 
A 1 66  GLU 66  82  82  GLU GLU A . n 
A 1 67  LYS 67  83  83  LYS LYS A . n 
A 1 68  ARG 68  84  84  ARG ARG A . n 
A 1 69  LYS 69  85  85  LYS LYS A . n 
A 1 70  LYS 70  86  86  LYS LYS A . n 
A 1 71  GLU 71  87  87  GLU GLU A . n 
A 1 72  ILE 72  88  88  ILE ILE A . n 
A 1 73  TYR 73  89  89  TYR TYR A . n 
A 1 74  ASP 74  90  90  ASP ASP A . n 
A 1 75  CYS 75  91  91  CYS CYS A . n 
A 1 76  ILE 76  92  92  ILE ILE A . n 
A 1 77  ASN 77  93  93  ASN ASN A . n 
A 1 78  ASN 78  94  94  ASN ASN A . n 
A 1 79  ILE 79  95  95  ILE ILE A . n 
A 1 80  CYS 80  96  96  CYS CYS A . n 
A 1 81  GLU 81  97  97  GLU GLU A . n 
A 1 82  ARG 82  98  98  ARG ARG A . n 
A 1 83  ILE 83  99  99  ILE ILE A . n 
A 1 84  GLU 84  100 100 GLU GLU A . n 
A 1 85  LYS 85  101 101 LYS LYS A . n 
A 1 86  GLY 86  102 102 GLY GLY A . n 
A 1 87  GLN 87  103 103 GLN GLN A . n 
A 1 88  ILE 88  104 104 ILE ILE A . n 
A 1 89  ASN 89  105 105 ASN ASN A . n 
A 1 90  LYS 90  106 106 LYS LYS A . n 
A 1 91  TYR 91  107 107 TYR TYR A . n 
A 1 92  GLU 92  108 108 GLU GLU A . n 
A 1 93  GLY 93  109 109 GLY GLY A . n 
A 1 94  PHE 94  110 110 PHE PHE A . n 
A 1 95  LEU 95  111 111 LEU LEU A . n 
A 1 96  ASN 96  112 112 ASN ASN A . n 
A 1 97  ILE 97  113 113 ILE ILE A . n 
A 1 98  ALA 98  114 114 ALA ALA A . n 
A 1 99  ASP 99  115 115 ASP ASP A . n 
A 1 100 GLU 100 116 116 GLU GLU A . n 
A 1 101 ASP 101 117 117 ASP ASP A . n 
A 1 102 GLY 102 118 118 GLY GLY A . n 
A 1 103 THR 103 119 119 THR THR A . n 
A 1 104 THR 104 120 ?   ?   ?   A . n 
A 1 105 LEU 105 121 ?   ?   ?   A . n 
A 1 106 SER 106 122 ?   ?   ?   A . n 
A 1 107 ASP 107 123 ?   ?   ?   A . n 
A 1 108 SER 108 124 ?   ?   ?   A . n 
A 1 109 GLN 109 125 ?   ?   ?   A . n 
A 1 110 TYR 110 126 ?   ?   ?   A . n 
A 1 111 PHE 111 127 ?   ?   ?   A . n 
A 1 112 GLY 112 128 ?   ?   ?   A . n 
A 1 113 ARG 113 129 ?   ?   ?   A . n 
A 1 114 ILE 114 130 ?   ?   ?   A . n 
A 1 115 ALA 115 131 ?   ?   ?   A . n 
A 1 116 THR 116 132 ?   ?   ?   A . n 
A 1 117 ARG 117 133 ?   ?   ?   A . n 
A 1 118 SER 118 134 ?   ?   ?   A . n 
A 1 119 PRO 119 135 ?   ?   ?   A . n 
A 1 120 GLU 120 136 ?   ?   ?   A . n 
A 1 121 GLY 121 137 ?   ?   ?   A . n 
A 1 122 GLY 122 138 ?   ?   ?   A . n 
A 1 123 ALA 123 139 139 ALA ALA A . n 
A 1 124 GLU 124 140 140 GLU GLU A . n 
A 1 125 TYR 125 141 141 TYR TYR A . n 
A 1 126 LYS 126 142 142 LYS LYS A . n 
A 1 127 THR 127 143 143 THR THR A . n 
A 1 128 ASN 128 144 144 ASN ASN A . n 
A 1 129 GLY 129 145 145 GLY GLY A . n 
A 1 130 CYS 130 146 146 CYS CYS A . n 
A 1 131 THR 131 147 147 THR THR A . n 
A 1 132 LEU 132 148 148 LEU LEU A . n 
A 1 133 TYR 133 149 149 TYR TYR A . n 
A 1 134 THR 134 150 150 THR THR A . n 
A 1 135 HIS 135 151 151 HIS HIS A . n 
A 1 136 SER 136 152 152 SER SER A . n 
A 1 137 LEU 137 153 153 LEU LEU A . n 
A 1 138 GLY 138 154 154 GLY GLY A . n 
A 1 139 PRO 139 155 155 PRO PRO A . n 
A 1 140 TYR 140 156 156 TYR TYR A . n 
A 1 141 ILE 141 157 157 ILE ILE A . n 
A 1 142 LYS 142 158 158 LYS LYS A . n 
A 1 143 ALA 143 159 159 ALA ALA A . n 
A 1 144 ALA 144 160 160 ALA ALA A . n 
A 1 145 VAL 145 161 161 VAL VAL A . n 
A 1 146 THR 146 162 162 THR THR A . n 
A 1 147 TYR 147 163 163 TYR TYR A . n 
A 1 148 LYS 148 164 164 LYS LYS A . n 
A 1 149 LYS 149 165 165 LYS LYS A . n 
A 1 150 SER 150 166 166 SER SER A . n 
A 1 151 ASP 151 167 167 ASP ASP A . n 
A 1 152 ASP 152 168 168 ASP ASP A . n 
A 1 153 ASP 153 169 169 ASP ASP A . n 
A 1 154 VAL 154 170 170 VAL VAL A . n 
A 1 155 THR 155 171 171 THR THR A . n 
A 1 156 ILE 156 172 172 ILE ILE A . n 
A 1 157 THR 157 173 173 THR THR A . n 
A 1 158 SER 158 174 174 SER SER A . n 
A 1 159 SER 159 175 175 SER SER A . n 
A 1 160 SER 160 176 176 SER SER A . n 
A 1 161 VAL 161 177 177 VAL VAL A . n 
A 1 162 TYR 162 178 178 TYR TYR A . n 
A 1 163 THR 163 179 179 THR THR A . n 
A 1 164 GLY 164 180 180 GLY GLY A . n 
A 1 165 SER 165 181 181 SER SER A . n 
A 1 166 PRO 166 182 182 PRO PRO A . n 
A 1 167 TYR 167 183 183 TYR TYR A . n 
A 1 168 LEU 168 184 184 LEU LEU A . n 
A 1 169 GLY 169 185 185 GLY GLY A . n 
A 1 170 ASN 170 186 186 ASN ASN A . n 
A 1 171 ASP 171 187 187 ASP ASP A . n 
A 1 172 PRO 172 188 188 PRO PRO A . n 
A 1 173 SER 173 189 189 SER SER A . n 
A 1 174 PHE 174 190 190 PHE PHE A . n 
A 1 175 SER 175 191 191 SER SER A . n 
A 1 176 GLY 176 192 192 GLY GLY A . n 
A 1 177 ALA 177 193 193 ALA ALA A . n 
A 1 178 SER 178 194 194 SER SER A . n 
A 1 179 SER 179 195 195 SER SER A . n 
A 1 180 VAL 180 196 196 VAL VAL A . n 
A 1 181 SER 181 197 197 SER SER A . n 
A 1 182 TYR 182 198 198 TYR TYR A . n 
A 1 183 ASP 183 199 199 ASP ASP A . n 
A 1 184 LYS 184 200 200 LYS LYS A . n 
A 1 185 ASP 185 201 201 ASP ASP A . n 
A 1 186 LYS 186 202 202 LYS LYS A . n 
A 1 187 LYS 187 203 203 LYS LYS A . n 
A 1 188 LEU 188 204 204 LEU LEU A . n 
A 1 189 ILE 189 205 205 ILE ILE A . n 
A 1 190 ALA 190 206 206 ALA ALA A . n 
A 1 191 ALA 191 207 207 ALA ALA A . n 
A 1 192 SER 192 208 208 SER SER A . n 
A 1 193 CYS 193 209 209 CYS CYS A . n 
A 1 194 SER 194 210 210 SER SER A . n 
A 1 195 GLY 195 211 211 GLY GLY A . n 
A 1 196 THR 196 212 212 THR THR A . n 
A 1 197 LEU 197 213 213 LEU LEU A . n 
A 1 198 SER 198 214 214 SER SER A . n 
A 1 199 PHE 199 215 215 PHE PHE A . n 
A 1 200 LYS 200 216 216 LYS LYS A . n 
A 1 201 ASP 201 217 217 ASP ASP A . n 
A 1 202 GLY 202 218 218 GLY GLY A . n 
A 1 203 SER 203 219 219 SER SER A . n 
A 1 204 ARG 204 220 220 ARG ARG A . n 
A 1 205 LYS 205 221 221 LYS LYS A . n 
A 1 206 VAL 206 222 222 VAL VAL A . n 
A 1 207 GLU 207 223 223 GLU GLU A . n 
A 1 208 VAL 208 224 224 VAL VAL A . n 
A 1 209 THR 209 225 225 THR THR A . n 
A 1 210 VAL 210 226 226 VAL VAL A . n 
A 1 211 GLN 211 227 227 GLN GLN A . n 
A 1 212 LYS 212 228 228 LYS LYS A . n 
A 1 213 THR 213 229 229 THR THR A . n 
A 1 214 GLY 214 230 230 GLY GLY A . n 
A 1 215 PHE 215 231 231 PHE PHE A . n 
A 1 216 MSE 216 232 232 MSE MSE A . n 
A 1 217 ILE 217 233 233 ILE ILE A . n 
A 1 218 PRO 218 234 234 PRO PRO A . n 
# 
loop_
_pdbx_unobs_or_zero_occ_atoms.id 
_pdbx_unobs_or_zero_occ_atoms.PDB_model_num 
_pdbx_unobs_or_zero_occ_atoms.polymer_flag 
_pdbx_unobs_or_zero_occ_atoms.occupancy_flag 
_pdbx_unobs_or_zero_occ_atoms.auth_asym_id 
_pdbx_unobs_or_zero_occ_atoms.auth_comp_id 
_pdbx_unobs_or_zero_occ_atoms.auth_seq_id 
_pdbx_unobs_or_zero_occ_atoms.PDB_ins_code 
_pdbx_unobs_or_zero_occ_atoms.auth_atom_id 
_pdbx_unobs_or_zero_occ_atoms.label_alt_id 
_pdbx_unobs_or_zero_occ_atoms.label_asym_id 
_pdbx_unobs_or_zero_occ_atoms.label_comp_id 
_pdbx_unobs_or_zero_occ_atoms.label_seq_id 
_pdbx_unobs_or_zero_occ_atoms.label_atom_id 
1  1 Y 1 A ASN 22  ? CG  ? A ASN 6   CG  
2  1 Y 1 A ASN 22  ? OD1 ? A ASN 6   OD1 
3  1 Y 1 A ASN 22  ? ND2 ? A ASN 6   ND2 
4  1 Y 1 A GLU 23  ? CG  ? A GLU 7   CG  
5  1 Y 1 A GLU 23  ? CD  ? A GLU 7   CD  
6  1 Y 1 A GLU 23  ? OE1 ? A GLU 7   OE1 
7  1 Y 1 A GLU 23  ? OE2 ? A GLU 7   OE2 
8  1 Y 1 A GLU 35  ? CD  ? A GLU 19  CD  
9  1 Y 1 A GLU 35  ? OE1 ? A GLU 19  OE1 
10 1 Y 1 A GLU 35  ? OE2 ? A GLU 19  OE2 
11 1 Y 1 A ASP 167 ? CG  ? A ASP 151 CG  
12 1 Y 1 A ASP 167 ? OD1 ? A ASP 151 OD1 
13 1 Y 1 A ASP 167 ? OD2 ? A ASP 151 OD2 
14 1 Y 1 A ARG 220 ? CZ  ? A ARG 204 CZ  
15 1 Y 1 A ARG 220 ? NH1 ? A ARG 204 NH1 
16 1 Y 1 A ARG 220 ? NH2 ? A ARG 204 NH2 
17 1 Y 1 A LYS 221 ? CD  ? A LYS 205 CD  
18 1 Y 1 A LYS 221 ? CE  ? A LYS 205 CE  
19 1 Y 1 A LYS 221 ? NZ  ? A LYS 205 NZ  
# 
loop_
_software.name 
_software.version 
_software.date 
_software.type 
_software.contact_author 
_software.contact_author_email 
_software.classification 
_software.location 
_software.language 
_software.citation_id 
_software.pdbx_ordinal 
REFMAC      5.5.0053 ?               program 'Garib N. Murshudov'         garib@ysbl.york.ac.uk                refinement        
http://www.ccp4.ac.uk/dist/html/refmac5.html Fortran_77 ? 1 
PHENIX      .        ?               package 'P.D. Adams'                 PDAdams@lbl.gov                      refinement        
http://www.phenix-online.org/                C++        ? 2 
SHELX       .        ?               package 'George M. Sheldrick'        gsheldr@shelx.uni-ac.gwdg.de         phasing           
http://shelx.uni-ac.gwdg.de/SHELX/           Fortran_77 ? 3 
MolProbity  3beta29  ?               package 'D.C. & J.S. Richardson lab' molprobity@kinemage.biochem.duke.edu 'model building'  
http://kinemage.biochem.duke.edu/molprobity/ ?          ? 4 
SCALA       3.2.5    5/04/2004       other   'Phil R. Evans'              pre@mrc-lmb.cam.ac.uk                'data scaling'    
http://www.ccp4.ac.uk/dist/html/scala.html   Fortran_77 ? 5 
PDB_EXTRACT 3.006    'June 11, 2008' package PDB                          help@deposit.rcsb.org                'data extraction' 
http://sw-tools.pdb.org/apps/PDB_EXTRACT/    C++        ? 6 
MOSFLM      .        ?               ?       ?                            ?                                    'data reduction'  ? 
?          ? 7 
SHELXD      .        ?               ?       ?                            ?                                    phasing           ? 
?          ? 8 
autoSHARP   .        ?               ?       ?                            ?                                    phasing           ? 
?          ? 9 
# 
_cell.entry_id           3KNY 
_cell.length_a           120.029 
_cell.length_b           120.029 
_cell.length_c           94.767 
_cell.angle_alpha        90.000 
_cell.angle_beta         90.000 
_cell.angle_gamma        120.000 
_cell.pdbx_unique_axis   ? 
_cell.Z_PDB              12 
_cell.length_a_esd       ? 
_cell.length_b_esd       ? 
_cell.length_c_esd       ? 
_cell.angle_alpha_esd    ? 
_cell.angle_beta_esd     ? 
_cell.angle_gamma_esd    ? 
# 
_symmetry.entry_id                         3KNY 
_symmetry.Int_Tables_number                181 
_symmetry.space_group_name_H-M             'P 64 2 2' 
_symmetry.pdbx_full_space_group_name_H-M   ? 
_symmetry.cell_setting                     ? 
_symmetry.space_group_name_Hall            ? 
# 
_exptl.crystals_number   1 
_exptl.method            'X-RAY DIFFRACTION' 
_exptl.entry_id          3KNY 
# 
_exptl_crystal.id                    1 
_exptl_crystal.density_Matthews      4.00 
_exptl_crystal.density_meas          ? 
_exptl_crystal.density_percent_sol   69.23 
_exptl_crystal.description           ? 
_exptl_crystal.F_000                 ? 
_exptl_crystal.preparation           ? 
# 
_exptl_crystal_grow.crystal_id      1 
_exptl_crystal_grow.method          'VAPOR DIFFUSION, SITTING DROP' 
_exptl_crystal_grow.pH              6.93 
_exptl_crystal_grow.temp            277 
_exptl_crystal_grow.pdbx_details    
'40.9000% 2-methyl-2,4-pentanediol, 0.1M HEPES pH 6.93, NANODROP, VAPOR DIFFUSION, SITTING DROP, temperature 277K' 
_exptl_crystal_grow.temp_details    ? 
_exptl_crystal_grow.pdbx_pH_range   ? 
# 
_diffrn.id                     1 
_diffrn.ambient_temp           100 
_diffrn.ambient_temp_details   ? 
_diffrn.crystal_id             1 
# 
_diffrn_detector.diffrn_id              1 
_diffrn_detector.detector               CCD 
_diffrn_detector.type                   'MARMOSAIC 325 mm CCD' 
_diffrn_detector.details                'Flat mirror (vertical focusing)' 
_diffrn_detector.pdbx_collection_date   2009-07-08 
# 
_diffrn_radiation.diffrn_id                        1 
_diffrn_radiation.pdbx_monochromatic_or_laue_m_l   M 
_diffrn_radiation.monochromator                    'Single crystal Si(111) bent monochromator (horizontal focusing)' 
_diffrn_radiation.pdbx_diffrn_protocol             MAD 
_diffrn_radiation.wavelength_id                    1 
_diffrn_radiation.pdbx_scattering_type             x-ray 
# 
loop_
_diffrn_radiation_wavelength.id 
_diffrn_radiation_wavelength.wavelength 
_diffrn_radiation_wavelength.wt 
1 0.91162 1.0 
2 0.97941 1.0 
# 
_diffrn_source.diffrn_id                   1 
_diffrn_source.source                      SYNCHROTRON 
_diffrn_source.pdbx_synchrotron_beamline   BL11-1 
_diffrn_source.type                        'SSRL BEAMLINE BL11-1' 
_diffrn_source.pdbx_wavelength_list        0.91162,0.97941 
_diffrn_source.pdbx_wavelength             ? 
_diffrn_source.pdbx_synchrotron_site       SSRL 
# 
_reflns.entry_id                     3KNY 
_reflns.d_resolution_high            2.60 
_reflns.d_resolution_low             28.831 
_reflns.number_obs                   12900 
_reflns.pdbx_Rmerge_I_obs            0.124 
_reflns.pdbx_netI_over_sigmaI        16.700 
_reflns.pdbx_Rsym_value              0.124 
_reflns.pdbx_redundancy              10.500 
_reflns.percent_possible_obs         99.900 
_reflns.observed_criterion_sigma_F   ? 
_reflns.observed_criterion_sigma_I   ? 
_reflns.number_all                   ? 
_reflns.B_iso_Wilson_estimate        ? 
_reflns.R_free_details               ? 
_reflns.limit_h_max                  ? 
_reflns.limit_h_min                  ? 
_reflns.limit_k_max                  ? 
_reflns.limit_k_min                  ? 
_reflns.limit_l_max                  ? 
_reflns.limit_l_min                  ? 
_reflns.observed_criterion_F_max     ? 
_reflns.observed_criterion_F_min     ? 
_reflns.pdbx_chi_squared             ? 
_reflns.pdbx_scaling_rejects         ? 
_reflns.pdbx_ordinal                 1 
_reflns.pdbx_diffrn_id               1 
# 
loop_
_reflns_shell.d_res_high 
_reflns_shell.d_res_low 
_reflns_shell.number_measured_obs 
_reflns_shell.number_measured_all 
_reflns_shell.number_unique_obs 
_reflns_shell.Rmerge_I_obs 
_reflns_shell.meanI_over_sigI_obs 
_reflns_shell.pdbx_Rsym_value 
_reflns_shell.pdbx_chi_squared 
_reflns_shell.pdbx_redundancy 
_reflns_shell.percent_possible_obs 
_reflns_shell.number_unique_all 
_reflns_shell.percent_possible_all 
_reflns_shell.pdbx_ordinal 
_reflns_shell.pdbx_diffrn_id 
2.60  2.67  ? 10029 ? 0.011 0.7  1.056 ? 10.70 ? 941 100.00 1  1 
2.67  2.74  ? 9701  ? 0.011 0.9  0.822 ? 10.80 ? 902 100.00 2  1 
2.74  2.82  ? 9399  ? 0.011 1.1  0.692 ? 10.80 ? 870 100.00 3  1 
2.82  2.91  ? 9369  ? 0.011 1.4  0.564 ? 10.80 ? 866 100.00 4  1 
2.91  3.00  ? 9033  ? 0.011 1.8  0.440 ? 10.70 ? 842 100.00 5  1 
3.00  3.11  ? 8566  ? 0.011 2.4  0.326 ? 10.80 ? 790 100.00 6  1 
3.11  3.22  ? 8399  ? 0.011 3.0  0.259 ? 10.70 ? 784 100.00 7  1 
3.22  3.36  ? 8120  ? 0.011 3.8  0.199 ? 10.60 ? 763 100.00 8  1 
3.36  3.51  ? 7630  ? 0.011 4.7  0.154 ? 10.70 ? 715 100.00 9  1 
3.51  3.68  ? 7463  ? 0.011 5.8  0.125 ? 10.70 ? 700 100.00 10 1 
3.68  3.88  ? 7087  ? 0.011 6.7  0.109 ? 10.50 ? 672 100.00 11 1 
3.88  4.11  ? 6580  ? 0.011 7.7  0.094 ? 10.60 ? 621 100.00 12 1 
4.11  4.39  ? 6332  ? 0.011 9.1  0.074 ? 10.50 ? 604 100.00 13 1 
4.39  4.75  ? 5902  ? 0.011 10.8 0.063 ? 10.40 ? 567 100.00 14 1 
4.75  5.20  ? 5322  ? 0.011 10.8 0.061 ? 10.40 ? 513 100.00 15 1 
5.20  5.81  ? 4904  ? 0.011 9.6  0.070 ? 10.30 ? 478 100.00 16 1 
5.81  6.71  ? 4280  ? 0.011 9.2  0.073 ? 10.00 ? 429 100.00 17 1 
6.71  8.22  ? 3576  ? 0.011 10.1 0.063 ? 9.80  ? 364 100.00 18 1 
8.22  11.63 ? 2841  ? 0.011 10.9 0.053 ? 9.30  ? 304 100.00 19 1 
11.63 28.83 ? 1398  ? 0.011 12.4 0.048 ? 8.00  ? 175 93.80  20 1 
# 
_refine.entry_id                                 3KNY 
_refine.ls_d_res_high                            2.600 
_refine.ls_d_res_low                             28.831 
_refine.pdbx_ls_sigma_F                          0.00 
_refine.pdbx_data_cutoff_high_absF               ? 
_refine.pdbx_data_cutoff_low_absF                ? 
_refine.ls_percent_reflns_obs                    99.870 
_refine.ls_number_reflns_obs                     12878 
_refine.ls_number_reflns_all                     ? 
_refine.pdbx_ls_cross_valid_method               THROUGHOUT 
_refine.pdbx_R_Free_selection_details            RANDOM 
_refine.details                                  
;1. HYDROGENS HAVE BEEN ADDED IN THE RIDING POSITIONS. 2. A MET-INHIBITION PROTOCOL WAS USED FOR SELENOMETHIONINE INCORPORATION DURING PROTEIN EXPRESSION. THE OCCUPANCY OF THE SE ATOMS IN THE MSE RESIDUES WAS REDUCED TO 0.75 FOR THE REDUCED SCATTERING POWER DUE TO PARTIAL S-MET INCORPORATION. 3. ATOM RECORDS CONTAIN RESIDUAL B FACTORS ONLY.
;
_refine.ls_R_factor_all                          ? 
_refine.ls_R_factor_obs                          0.204 
_refine.ls_R_factor_R_work                       0.202 
_refine.ls_wR_factor_R_work                      ? 
_refine.ls_R_factor_R_free                       0.239 
_refine.ls_wR_factor_R_free                      ? 
_refine.ls_percent_reflns_R_free                 4.900 
_refine.ls_number_reflns_R_free                  629 
_refine.ls_R_factor_R_free_error                 ? 
_refine.B_iso_mean                               39.252 
_refine.solvent_model_param_bsol                 ? 
_refine.solvent_model_param_ksol                 ? 
_refine.pdbx_isotropic_thermal_model             ? 
_refine.aniso_B[1][1]                            1.280 
_refine.aniso_B[2][2]                            1.280 
_refine.aniso_B[3][3]                            -1.920 
_refine.aniso_B[1][2]                            0.640 
_refine.aniso_B[1][3]                            0.000 
_refine.aniso_B[2][3]                            0.000 
_refine.correlation_coeff_Fo_to_Fc               0.946 
_refine.correlation_coeff_Fo_to_Fc_free          0.922 
_refine.overall_SU_R_Cruickshank_DPI             ? 
_refine.overall_SU_R_free                        ? 
_refine.pdbx_overall_ESU_R                       0.269 
_refine.pdbx_overall_ESU_R_Free                  0.224 
_refine.overall_SU_ML                            0.171 
_refine.overall_SU_B                             18.125 
_refine.solvent_model_details                    MASK 
_refine.pdbx_solvent_vdw_probe_radii             1.200 
_refine.pdbx_solvent_ion_probe_radii             0.800 
_refine.pdbx_solvent_shrinkage_radii             0.800 
_refine.ls_number_parameters                     ? 
_refine.ls_number_restraints                     ? 
_refine.pdbx_method_to_determine_struct          MAD 
_refine.pdbx_stereochemistry_target_values       'MAXIMUM LIKELIHOOD WITH PHASES' 
_refine.pdbx_stereochem_target_val_spec_case     ? 
_refine.overall_FOM_work_R_set                   ? 
_refine.B_iso_max                                86.95 
_refine.B_iso_min                                10.55 
_refine.occupancy_max                            1.00 
_refine.occupancy_min                            0.50 
_refine.pdbx_ls_sigma_I                          ? 
_refine.ls_redundancy_reflns_obs                 ? 
_refine.ls_R_factor_R_free_error_details         ? 
_refine.pdbx_starting_model                      ? 
_refine.pdbx_data_cutoff_high_rms_absF           ? 
_refine.overall_FOM_free_R_set                   ? 
_refine.pdbx_overall_phase_error                 ? 
_refine.pdbx_refine_id                           'X-RAY DIFFRACTION' 
_refine.pdbx_TLS_residual_ADP_flag               'LIKELY RESIDUAL' 
_refine.pdbx_diffrn_id                           1 
_refine.pdbx_overall_SU_R_free_Cruickshank_DPI   ? 
_refine.pdbx_overall_SU_R_Blow_DPI               ? 
_refine.pdbx_overall_SU_R_free_Blow_DPI          ? 
# 
_refine_hist.pdbx_refine_id                   'X-RAY DIFFRACTION' 
_refine_hist.cycle_id                         LAST 
_refine_hist.pdbx_number_atoms_protein        1526 
_refine_hist.pdbx_number_atoms_nucleic_acid   0 
_refine_hist.pdbx_number_atoms_ligand         0 
_refine_hist.number_atoms_solvent             0 
_refine_hist.number_atoms_total               1526 
_refine_hist.d_res_high                       2.600 
_refine_hist.d_res_low                        28.831 
# 
loop_
_refine_ls_restr.type 
_refine_ls_restr.pdbx_refine_id 
_refine_ls_restr.number 
_refine_ls_restr.dev_ideal 
_refine_ls_restr.dev_ideal_target 
_refine_ls_restr.weight 
_refine_ls_restr.pdbx_restraint_function 
r_bond_refined_d       'X-RAY DIFFRACTION' 1573 0.015  0.022  ? ? 
r_bond_other_d         'X-RAY DIFFRACTION' 1068 0.002  0.020  ? ? 
r_angle_refined_deg    'X-RAY DIFFRACTION' 2132 1.536  1.959  ? ? 
r_angle_other_deg      'X-RAY DIFFRACTION' 2620 0.819  3.000  ? ? 
r_dihedral_angle_1_deg 'X-RAY DIFFRACTION' 194  5.773  5.000  ? ? 
r_dihedral_angle_2_deg 'X-RAY DIFFRACTION' 68   33.512 25.294 ? ? 
r_dihedral_angle_3_deg 'X-RAY DIFFRACTION' 274  16.351 15.000 ? ? 
r_dihedral_angle_4_deg 'X-RAY DIFFRACTION' 4    11.566 15.000 ? ? 
r_chiral_restr         'X-RAY DIFFRACTION' 231  0.084  0.200  ? ? 
r_gen_planes_refined   'X-RAY DIFFRACTION' 1736 0.006  0.021  ? ? 
r_gen_planes_other     'X-RAY DIFFRACTION' 304  0.001  0.020  ? ? 
r_mcbond_it            'X-RAY DIFFRACTION' 970  1.675  3.000  ? ? 
r_mcbond_other         'X-RAY DIFFRACTION' 390  0.313  3.000  ? ? 
r_mcangle_it           'X-RAY DIFFRACTION' 1575 3.187  5.000  ? ? 
r_scbond_it            'X-RAY DIFFRACTION' 603  5.109  8.000  ? ? 
r_scangle_it           'X-RAY DIFFRACTION' 556  7.184  11.000 ? ? 
# 
_refine_ls_shell.d_res_high                       2.600 
_refine_ls_shell.d_res_low                        2.667 
_refine_ls_shell.pdbx_total_number_of_bins_used   20 
_refine_ls_shell.percent_reflns_obs               99.790 
_refine_ls_shell.number_reflns_R_work             894 
_refine_ls_shell.R_factor_all                     ? 
_refine_ls_shell.R_factor_R_work                  0.361 
_refine_ls_shell.R_factor_R_free                  0.407 
_refine_ls_shell.percent_reflns_R_free            ? 
_refine_ls_shell.number_reflns_R_free             45 
_refine_ls_shell.R_factor_R_free_error            ? 
_refine_ls_shell.number_reflns_all                939 
_refine_ls_shell.number_reflns_obs                ? 
_refine_ls_shell.redundancy_reflns_obs            ? 
_refine_ls_shell.pdbx_refine_id                   'X-RAY DIFFRACTION' 
# 
_struct.entry_id                  3KNY 
_struct.title                     
;Crystal structure of a two domain protein with unknown function (bt_3535) from bacteroides thetaiotaomicron vpi-5482 at 2.60 A resolution
;
_struct.pdbx_model_details        ? 
_struct.pdbx_CASP_flag            ? 
_struct.pdbx_model_type_details   ? 
# 
_struct_keywords.text            
'Structural genomics, Joint Center for Structural Genomics, JCSG, Protein Structure Initiative, PSI-2, unknown function' 
_struct_keywords.pdbx_keywords   'UNKNOWN FUNCTION' 
_struct_keywords.entry_id        3KNY 
# 
_struct_asym.id                            A 
_struct_asym.pdbx_blank_PDB_chainid_flag   N 
_struct_asym.pdbx_modified                 N 
_struct_asym.entity_id                     1 
_struct_asym.details                       ? 
# 
_struct_ref.id                         1 
_struct_ref.db_name                    UNP 
_struct_ref.db_code                    Q8A1X3_BACTN 
_struct_ref.pdbx_db_accession          Q8A1X3 
_struct_ref.entity_id                  1 
_struct_ref.pdbx_seq_one_letter_code   
;ACEQNEDWVVNEPMQSFEENPEYAPLNTIPDWVSEKVTPKEYELWRTMSSRYEINYSFLKKDISEKRKKEIYDCINNICE
RIEKGQINKYEGFLNIADEDGTTLSDSQYFGRIATRSPEGGAEYKTNGCTLYTHSLGPYIKAAVTYKKSDDDVTITSSSV
YTGSPYLGNDPSFSGASSVSYDKDKKLIAASCSGTLSFKDGSRKVEVTVQKTGFMIP
;
_struct_ref.pdbx_align_begin           18 
_struct_ref.pdbx_db_isoform            ? 
# 
_struct_ref_seq.align_id                      1 
_struct_ref_seq.ref_id                        1 
_struct_ref_seq.pdbx_PDB_id_code              3KNY 
_struct_ref_seq.pdbx_strand_id                A 
_struct_ref_seq.seq_align_beg                 2 
_struct_ref_seq.pdbx_seq_align_beg_ins_code   ? 
_struct_ref_seq.seq_align_end                 218 
_struct_ref_seq.pdbx_seq_align_end_ins_code   ? 
_struct_ref_seq.pdbx_db_accession             Q8A1X3 
_struct_ref_seq.db_align_beg                  18 
_struct_ref_seq.pdbx_db_align_beg_ins_code    ? 
_struct_ref_seq.db_align_end                  234 
_struct_ref_seq.pdbx_db_align_end_ins_code    ? 
_struct_ref_seq.pdbx_auth_seq_align_beg       18 
_struct_ref_seq.pdbx_auth_seq_align_end       234 
# 
_struct_ref_seq_dif.align_id                     1 
_struct_ref_seq_dif.pdbx_pdb_id_code             3KNY 
_struct_ref_seq_dif.mon_id                       GLY 
_struct_ref_seq_dif.pdbx_pdb_strand_id           A 
_struct_ref_seq_dif.seq_num                      1 
_struct_ref_seq_dif.pdbx_pdb_ins_code            ? 
_struct_ref_seq_dif.pdbx_seq_db_name             UNP 
_struct_ref_seq_dif.pdbx_seq_db_accession_code   Q8A1X3 
_struct_ref_seq_dif.db_mon_id                    ? 
_struct_ref_seq_dif.pdbx_seq_db_seq_num          ? 
_struct_ref_seq_dif.details                      'expression tag' 
_struct_ref_seq_dif.pdbx_auth_seq_num            0 
_struct_ref_seq_dif.pdbx_ordinal                 1 
# 
loop_
_pdbx_struct_assembly.id 
_pdbx_struct_assembly.details 
_pdbx_struct_assembly.method_details 
_pdbx_struct_assembly.oligomeric_details 
_pdbx_struct_assembly.oligomeric_count 
1 author_defined_assembly   ?    monomeric 1 
2 software_defined_assembly PISA dimeric   2 
# 
loop_
_pdbx_struct_assembly_prop.biol_id 
_pdbx_struct_assembly_prop.type 
_pdbx_struct_assembly_prop.value 
_pdbx_struct_assembly_prop.details 
2 'ABSA (A^2)' 1410  ? 
2 MORE         0     ? 
2 'SSA (A^2)'  18790 ? 
# 
loop_
_pdbx_struct_assembly_gen.assembly_id 
_pdbx_struct_assembly_gen.oper_expression 
_pdbx_struct_assembly_gen.asym_id_list 
1 1   A 
2 1,2 A 
# 
_pdbx_struct_assembly_auth_evidence.id                     1 
_pdbx_struct_assembly_auth_evidence.assembly_id            1 
_pdbx_struct_assembly_auth_evidence.experimental_support   'gel filtration' 
_pdbx_struct_assembly_auth_evidence.details                ? 
# 
loop_
_pdbx_struct_oper_list.id 
_pdbx_struct_oper_list.type 
_pdbx_struct_oper_list.name 
_pdbx_struct_oper_list.symmetry_operation 
_pdbx_struct_oper_list.matrix[1][1] 
_pdbx_struct_oper_list.matrix[1][2] 
_pdbx_struct_oper_list.matrix[1][3] 
_pdbx_struct_oper_list.vector[1] 
_pdbx_struct_oper_list.matrix[2][1] 
_pdbx_struct_oper_list.matrix[2][2] 
_pdbx_struct_oper_list.matrix[2][3] 
_pdbx_struct_oper_list.vector[2] 
_pdbx_struct_oper_list.matrix[3][1] 
_pdbx_struct_oper_list.matrix[3][2] 
_pdbx_struct_oper_list.matrix[3][3] 
_pdbx_struct_oper_list.vector[3] 
1 'identity operation'         1_555 x,y,z              1.0000000000  0.0000000000 0.0000000000 0.0000000000  0.0000000000 1.0000000000  0.0000000000 0.0000000000   0.0000000000 0.0000000000 1.0000000000 0.0000000000  
2 'crystal symmetry operation' 9_764 -x+2,-x+y+1,-z-1/3 -0.8599495777 0.0477794007 0.5081376317 21.8925236648 0.0477794007 -0.9836996484 0.1733555036 -22.2704864506 0.5081376317 0.1733555036 0.8436492261 -3.9398512622 
# 
_struct_biol.id        1 
_struct_biol.details   
'ANALYTICAL SIZE-EXCLUSION CHROMATOGRAPHY SUPPORTS THE ASSIGNMENT OF A MONOMER AS THE SIGNIFICANT OLIGOMERIC FORM IN SOLUTION.' 
# 
loop_
_struct_conf.conf_type_id 
_struct_conf.id 
_struct_conf.pdbx_PDB_helix_id 
_struct_conf.beg_label_comp_id 
_struct_conf.beg_label_asym_id 
_struct_conf.beg_label_seq_id 
_struct_conf.pdbx_beg_PDB_ins_code 
_struct_conf.end_label_comp_id 
_struct_conf.end_label_asym_id 
_struct_conf.end_label_seq_id 
_struct_conf.pdbx_end_PDB_ins_code 
_struct_conf.beg_auth_comp_id 
_struct_conf.beg_auth_asym_id 
_struct_conf.beg_auth_seq_id 
_struct_conf.end_auth_comp_id 
_struct_conf.end_auth_asym_id 
_struct_conf.end_auth_seq_id 
_struct_conf.pdbx_PDB_helix_class 
_struct_conf.details 
_struct_conf.pdbx_PDB_helix_length 
HELX_P HELX_P1 1 SER A 17 ? ASN A 21 ? SER A 33 ASN A 37  5 ? 5  
HELX_P HELX_P2 2 PRO A 31 ? LYS A 37 ? PRO A 47 LYS A 53  5 ? 7  
HELX_P HELX_P3 3 THR A 39 ? SER A 50 ? THR A 55 SER A 66  1 ? 12 
HELX_P HELX_P4 4 TYR A 57 ? LYS A 61 ? TYR A 73 LYS A 77  5 ? 5  
HELX_P HELX_P5 5 SER A 65 ? LYS A 85 ? SER A 81 LYS A 101 1 ? 21 
# 
_struct_conf_type.id          HELX_P 
_struct_conf_type.criteria    ? 
_struct_conf_type.reference   ? 
# 
loop_
_struct_conn.id 
_struct_conn.conn_type_id 
_struct_conn.pdbx_leaving_atom_flag 
_struct_conn.pdbx_PDB_id 
_struct_conn.ptnr1_label_asym_id 
_struct_conn.ptnr1_label_comp_id 
_struct_conn.ptnr1_label_seq_id 
_struct_conn.ptnr1_label_atom_id 
_struct_conn.pdbx_ptnr1_label_alt_id 
_struct_conn.pdbx_ptnr1_PDB_ins_code 
_struct_conn.pdbx_ptnr1_standard_comp_id 
_struct_conn.ptnr1_symmetry 
_struct_conn.ptnr2_label_asym_id 
_struct_conn.ptnr2_label_comp_id 
_struct_conn.ptnr2_label_seq_id 
_struct_conn.ptnr2_label_atom_id 
_struct_conn.pdbx_ptnr2_label_alt_id 
_struct_conn.pdbx_ptnr2_PDB_ins_code 
_struct_conn.ptnr1_auth_asym_id 
_struct_conn.ptnr1_auth_comp_id 
_struct_conn.ptnr1_auth_seq_id 
_struct_conn.ptnr2_auth_asym_id 
_struct_conn.ptnr2_auth_comp_id 
_struct_conn.ptnr2_auth_seq_id 
_struct_conn.ptnr2_symmetry 
_struct_conn.pdbx_ptnr3_label_atom_id 
_struct_conn.pdbx_ptnr3_label_seq_id 
_struct_conn.pdbx_ptnr3_label_comp_id 
_struct_conn.pdbx_ptnr3_label_asym_id 
_struct_conn.pdbx_ptnr3_label_alt_id 
_struct_conn.pdbx_ptnr3_PDB_ins_code 
_struct_conn.details 
_struct_conn.pdbx_dist_value 
_struct_conn.pdbx_value_order 
_struct_conn.pdbx_role 
covale1 covale both ? A MSE 15  C ? ? ? 1_555 A GLN 16  N ? ? A MSE 31  A GLN 32  1_555 ? ? ? ? ? ? ? 1.334 ? ? 
covale2 covale both ? A MSE 49  C ? ? ? 1_555 A SER 50  N ? ? A MSE 65  A SER 66  1_555 ? ? ? ? ? ? ? 1.335 ? ? 
covale3 covale both ? A MSE 216 C ? ? ? 1_555 A ILE 217 N ? ? A MSE 232 A ILE 233 1_555 ? ? ? ? ? ? ? 1.336 ? ? 
# 
_struct_conn_type.id          covale 
_struct_conn_type.criteria    ? 
_struct_conn_type.reference   ? 
# 
loop_
_pdbx_modification_feature.ordinal 
_pdbx_modification_feature.label_comp_id 
_pdbx_modification_feature.label_asym_id 
_pdbx_modification_feature.label_seq_id 
_pdbx_modification_feature.label_alt_id 
_pdbx_modification_feature.modified_residue_label_comp_id 
_pdbx_modification_feature.modified_residue_label_asym_id 
_pdbx_modification_feature.modified_residue_label_seq_id 
_pdbx_modification_feature.modified_residue_label_alt_id 
_pdbx_modification_feature.auth_comp_id 
_pdbx_modification_feature.auth_asym_id 
_pdbx_modification_feature.auth_seq_id 
_pdbx_modification_feature.PDB_ins_code 
_pdbx_modification_feature.symmetry 
_pdbx_modification_feature.modified_residue_auth_comp_id 
_pdbx_modification_feature.modified_residue_auth_asym_id 
_pdbx_modification_feature.modified_residue_auth_seq_id 
_pdbx_modification_feature.modified_residue_PDB_ins_code 
_pdbx_modification_feature.modified_residue_symmetry 
_pdbx_modification_feature.comp_id_linking_atom 
_pdbx_modification_feature.modified_residue_id_linking_atom 
_pdbx_modification_feature.modified_residue_id 
_pdbx_modification_feature.ref_pcm_id 
_pdbx_modification_feature.ref_comp_id 
_pdbx_modification_feature.type 
_pdbx_modification_feature.category 
1 MSE A 15  ? . . . . MSE A 31  ? 1_555 . . . . . . . MET 1 MSE Selenomethionine 'Named protein modification' 
2 MSE A 49  ? . . . . MSE A 65  ? 1_555 . . . . . . . MET 1 MSE Selenomethionine 'Named protein modification' 
3 MSE A 216 ? . . . . MSE A 232 ? 1_555 . . . . . . . MET 1 MSE Selenomethionine 'Named protein modification' 
# 
loop_
_struct_sheet.id 
_struct_sheet.type 
_struct_sheet.number_strands 
_struct_sheet.details 
A ? 4 ? 
B ? 4 ? 
C ? 3 ? 
# 
loop_
_struct_sheet_order.sheet_id 
_struct_sheet_order.range_id_1 
_struct_sheet_order.range_id_2 
_struct_sheet_order.offset 
_struct_sheet_order.sense 
A 1 2 ? parallel      
A 2 3 ? parallel      
A 3 4 ? parallel      
B 1 2 ? parallel      
B 2 3 ? anti-parallel 
B 3 4 ? anti-parallel 
C 1 2 ? anti-parallel 
C 2 3 ? anti-parallel 
# 
loop_
_struct_sheet_range.sheet_id 
_struct_sheet_range.id 
_struct_sheet_range.beg_label_comp_id 
_struct_sheet_range.beg_label_asym_id 
_struct_sheet_range.beg_label_seq_id 
_struct_sheet_range.pdbx_beg_PDB_ins_code 
_struct_sheet_range.end_label_comp_id 
_struct_sheet_range.end_label_asym_id 
_struct_sheet_range.end_label_seq_id 
_struct_sheet_range.pdbx_end_PDB_ins_code 
_struct_sheet_range.beg_auth_comp_id 
_struct_sheet_range.beg_auth_asym_id 
_struct_sheet_range.beg_auth_seq_id 
_struct_sheet_range.end_auth_comp_id 
_struct_sheet_range.end_auth_asym_id 
_struct_sheet_range.end_auth_seq_id 
A 1 GLU A 7   ? VAL A 10  ? GLU A 23  VAL A 26  
A 2 ARG A 204 ? ILE A 217 ? ARG A 220 ILE A 233 
A 3 GLY A 93  ? ILE A 97  ? GLY A 109 ILE A 113 
A 4 TYR A 53  ? ILE A 55  ? TYR A 69  ILE A 71  
B 1 GLU A 7   ? VAL A 10  ? GLU A 23  VAL A 26  
B 2 ARG A 204 ? ILE A 217 ? ARG A 220 ILE A 233 
B 3 LEU A 188 ? ASP A 201 ? LEU A 204 ASP A 217 
B 4 SER A 173 ? ASP A 183 ? SER A 189 ASP A 199 
C 1 GLU A 124 ? THR A 134 ? GLU A 140 THR A 150 
C 2 TYR A 140 ? LYS A 149 ? TYR A 156 LYS A 165 
C 3 VAL A 154 ? GLY A 164 ? VAL A 170 GLY A 180 
# 
loop_
_pdbx_struct_sheet_hbond.sheet_id 
_pdbx_struct_sheet_hbond.range_id_1 
_pdbx_struct_sheet_hbond.range_id_2 
_pdbx_struct_sheet_hbond.range_1_label_atom_id 
_pdbx_struct_sheet_hbond.range_1_label_comp_id 
_pdbx_struct_sheet_hbond.range_1_label_asym_id 
_pdbx_struct_sheet_hbond.range_1_label_seq_id 
_pdbx_struct_sheet_hbond.range_1_PDB_ins_code 
_pdbx_struct_sheet_hbond.range_1_auth_atom_id 
_pdbx_struct_sheet_hbond.range_1_auth_comp_id 
_pdbx_struct_sheet_hbond.range_1_auth_asym_id 
_pdbx_struct_sheet_hbond.range_1_auth_seq_id 
_pdbx_struct_sheet_hbond.range_2_label_atom_id 
_pdbx_struct_sheet_hbond.range_2_label_comp_id 
_pdbx_struct_sheet_hbond.range_2_label_asym_id 
_pdbx_struct_sheet_hbond.range_2_label_seq_id 
_pdbx_struct_sheet_hbond.range_2_PDB_ins_code 
_pdbx_struct_sheet_hbond.range_2_auth_atom_id 
_pdbx_struct_sheet_hbond.range_2_auth_comp_id 
_pdbx_struct_sheet_hbond.range_2_auth_asym_id 
_pdbx_struct_sheet_hbond.range_2_auth_seq_id 
A 1 2 N VAL A 10  ? N VAL A 26  O THR A 209 ? O THR A 225 
A 2 3 O ILE A 217 ? O ILE A 233 N ASN A 96  ? N ASN A 112 
A 3 4 O GLY A 93  ? O GLY A 109 N GLU A 54  ? N GLU A 70  
B 1 2 N VAL A 10  ? N VAL A 26  O THR A 209 ? O THR A 225 
B 2 3 O VAL A 208 ? O VAL A 224 N LEU A 197 ? N LEU A 213 
B 3 4 O LEU A 188 ? O LEU A 204 N ASP A 183 ? N ASP A 199 
C 1 2 N CYS A 130 ? N CYS A 146 O ALA A 143 ? O ALA A 159 
C 2 3 N LYS A 142 ? N LYS A 158 O TYR A 162 ? O TYR A 178 
# 
_pdbx_entry_details.entry_id                   3KNY 
_pdbx_entry_details.compound_details           ? 
_pdbx_entry_details.source_details             ? 
_pdbx_entry_details.nonpolymer_details         ? 
_pdbx_entry_details.sequence_details           
;THE CONSTRUCT (RESIDUES 18-234) WAS EXPRESSED WITH A PURIFICATION TAG MGSDKIHHHHHHENLYFQG. THE TAG WAS REMOVED WITH TEV PROTEASE LEAVING ONLY A GLYCINE (0) FOLLOWED BY THE TARGET SEQUENCE.
;
_pdbx_entry_details.has_ligand_of_interest     ? 
_pdbx_entry_details.has_protein_modification   Y 
# 
_pdbx_validate_symm_contact.id                1 
_pdbx_validate_symm_contact.PDB_model_num     1 
_pdbx_validate_symm_contact.auth_atom_id_1    NE 
_pdbx_validate_symm_contact.auth_asym_id_1    A 
_pdbx_validate_symm_contact.auth_comp_id_1    ARG 
_pdbx_validate_symm_contact.auth_seq_id_1     220 
_pdbx_validate_symm_contact.PDB_ins_code_1    ? 
_pdbx_validate_symm_contact.label_alt_id_1    ? 
_pdbx_validate_symm_contact.site_symmetry_1   1_555 
_pdbx_validate_symm_contact.auth_atom_id_2    NE 
_pdbx_validate_symm_contact.auth_asym_id_2    A 
_pdbx_validate_symm_contact.auth_comp_id_2    ARG 
_pdbx_validate_symm_contact.auth_seq_id_2     220 
_pdbx_validate_symm_contact.PDB_ins_code_2    ? 
_pdbx_validate_symm_contact.label_alt_id_2    ? 
_pdbx_validate_symm_contact.site_symmetry_2   10_664 
_pdbx_validate_symm_contact.dist              2.11 
# 
_pdbx_validate_rmsd_bond.id                        1 
_pdbx_validate_rmsd_bond.PDB_model_num             1 
_pdbx_validate_rmsd_bond.auth_atom_id_1            CB 
_pdbx_validate_rmsd_bond.auth_asym_id_1            A 
_pdbx_validate_rmsd_bond.auth_comp_id_1            CYS 
_pdbx_validate_rmsd_bond.auth_seq_id_1             146 
_pdbx_validate_rmsd_bond.PDB_ins_code_1            ? 
_pdbx_validate_rmsd_bond.label_alt_id_1            ? 
_pdbx_validate_rmsd_bond.auth_atom_id_2            SG 
_pdbx_validate_rmsd_bond.auth_asym_id_2            A 
_pdbx_validate_rmsd_bond.auth_comp_id_2            CYS 
_pdbx_validate_rmsd_bond.auth_seq_id_2             146 
_pdbx_validate_rmsd_bond.PDB_ins_code_2            ? 
_pdbx_validate_rmsd_bond.label_alt_id_2            ? 
_pdbx_validate_rmsd_bond.bond_value                1.579 
_pdbx_validate_rmsd_bond.bond_target_value         1.812 
_pdbx_validate_rmsd_bond.bond_deviation            -0.233 
_pdbx_validate_rmsd_bond.bond_standard_deviation   0.016 
_pdbx_validate_rmsd_bond.linker_flag               N 
# 
loop_
_pdbx_validate_torsion.id 
_pdbx_validate_torsion.PDB_model_num 
_pdbx_validate_torsion.auth_comp_id 
_pdbx_validate_torsion.auth_asym_id 
_pdbx_validate_torsion.auth_seq_id 
_pdbx_validate_torsion.PDB_ins_code 
_pdbx_validate_torsion.label_alt_id 
_pdbx_validate_torsion.phi 
_pdbx_validate_torsion.psi 
1 1 SER A 51  ? ? -59.81  -8.22  
2 1 LYS A 77  ? ? -89.64  36.66  
3 1 ILE A 104 ? ? -106.23 79.44  
4 1 ASP A 117 ? ? -39.23  121.22 
5 1 CYS A 146 ? ? -171.94 127.29 
6 1 ASP A 217 ? ? -112.37 70.25  
# 
_pdbx_SG_project.project_name          'PSI, Protein Structure Initiative' 
_pdbx_SG_project.full_name_of_center   'Joint Center for Structural Genomics' 
_pdbx_SG_project.id                    1 
_pdbx_SG_project.initial_of_center     JCSG 
# 
loop_
_pdbx_struct_mod_residue.id 
_pdbx_struct_mod_residue.label_asym_id 
_pdbx_struct_mod_residue.label_comp_id 
_pdbx_struct_mod_residue.label_seq_id 
_pdbx_struct_mod_residue.auth_asym_id 
_pdbx_struct_mod_residue.auth_comp_id 
_pdbx_struct_mod_residue.auth_seq_id 
_pdbx_struct_mod_residue.PDB_ins_code 
_pdbx_struct_mod_residue.parent_comp_id 
_pdbx_struct_mod_residue.details 
1 A MSE 15  A MSE 31  ? MET SELENOMETHIONINE 
2 A MSE 49  A MSE 65  ? MET SELENOMETHIONINE 
3 A MSE 216 A MSE 232 ? MET SELENOMETHIONINE 
# 
_pdbx_refine_tls.pdbx_refine_id   'X-RAY DIFFRACTION' 
_pdbx_refine_tls.id               1 
_pdbx_refine_tls.details          ? 
_pdbx_refine_tls.method           refined 
_pdbx_refine_tls.origin_x         -0.2025 
_pdbx_refine_tls.origin_y         1.1837 
_pdbx_refine_tls.origin_z         0.0502 
_pdbx_refine_tls.T[1][1]          0.1126 
_pdbx_refine_tls.T[2][2]          0.0765 
_pdbx_refine_tls.T[3][3]          0.1217 
_pdbx_refine_tls.T[1][2]          0.0418 
_pdbx_refine_tls.T[1][3]          0.0394 
_pdbx_refine_tls.T[2][3]          -0.0584 
_pdbx_refine_tls.L[1][1]          2.1214 
_pdbx_refine_tls.L[2][2]          2.6945 
_pdbx_refine_tls.L[3][3]          2.0903 
_pdbx_refine_tls.L[1][2]          -0.0514 
_pdbx_refine_tls.L[1][3]          0.0917 
_pdbx_refine_tls.L[2][3]          0.4466 
_pdbx_refine_tls.S[1][1]          -0.0035 
_pdbx_refine_tls.S[2][2]          0.0544 
_pdbx_refine_tls.S[3][3]          -0.0509 
_pdbx_refine_tls.S[1][2]          -0.3536 
_pdbx_refine_tls.S[1][3]          0.3993 
_pdbx_refine_tls.S[2][3]          0.0193 
_pdbx_refine_tls.S[2][1]          0.2338 
_pdbx_refine_tls.S[3][1]          -0.3629 
_pdbx_refine_tls.S[3][2]          -0.1913 
# 
_pdbx_refine_tls_group.pdbx_refine_id      'X-RAY DIFFRACTION' 
_pdbx_refine_tls_group.id                  1 
_pdbx_refine_tls_group.refine_tls_id       1 
_pdbx_refine_tls_group.beg_auth_asym_id    A 
_pdbx_refine_tls_group.beg_auth_seq_id     22 
_pdbx_refine_tls_group.end_auth_asym_id    A 
_pdbx_refine_tls_group.end_auth_seq_id     234 
_pdbx_refine_tls_group.selection_details   ? 
_pdbx_refine_tls_group.beg_label_asym_id   . 
_pdbx_refine_tls_group.beg_label_seq_id    . 
_pdbx_refine_tls_group.end_label_asym_id   . 
_pdbx_refine_tls_group.end_label_seq_id    . 
_pdbx_refine_tls_group.selection           ? 
# 
_phasing.method   MAD 
# 
loop_
_pdbx_unobs_or_zero_occ_residues.id 
_pdbx_unobs_or_zero_occ_residues.PDB_model_num 
_pdbx_unobs_or_zero_occ_residues.polymer_flag 
_pdbx_unobs_or_zero_occ_residues.occupancy_flag 
_pdbx_unobs_or_zero_occ_residues.auth_asym_id 
_pdbx_unobs_or_zero_occ_residues.auth_comp_id 
_pdbx_unobs_or_zero_occ_residues.auth_seq_id 
_pdbx_unobs_or_zero_occ_residues.PDB_ins_code 
_pdbx_unobs_or_zero_occ_residues.label_asym_id 
_pdbx_unobs_or_zero_occ_residues.label_comp_id 
_pdbx_unobs_or_zero_occ_residues.label_seq_id 
1  1 Y 1 A GLY 0   ? A GLY 1   
2  1 Y 1 A ALA 18  ? A ALA 2   
3  1 Y 1 A CYS 19  ? A CYS 3   
4  1 Y 1 A GLU 20  ? A GLU 4   
5  1 Y 1 A GLN 21  ? A GLN 5   
6  1 Y 1 A THR 120 ? A THR 104 
7  1 Y 1 A LEU 121 ? A LEU 105 
8  1 Y 1 A SER 122 ? A SER 106 
9  1 Y 1 A ASP 123 ? A ASP 107 
10 1 Y 1 A SER 124 ? A SER 108 
11 1 Y 1 A GLN 125 ? A GLN 109 
12 1 Y 1 A TYR 126 ? A TYR 110 
13 1 Y 1 A PHE 127 ? A PHE 111 
14 1 Y 1 A GLY 128 ? A GLY 112 
15 1 Y 1 A ARG 129 ? A ARG 113 
16 1 Y 1 A ILE 130 ? A ILE 114 
17 1 Y 1 A ALA 131 ? A ALA 115 
18 1 Y 1 A THR 132 ? A THR 116 
19 1 Y 1 A ARG 133 ? A ARG 117 
20 1 Y 1 A SER 134 ? A SER 118 
21 1 Y 1 A PRO 135 ? A PRO 119 
22 1 Y 1 A GLU 136 ? A GLU 120 
23 1 Y 1 A GLY 137 ? A GLY 121 
24 1 Y 1 A GLY 138 ? A GLY 122 
# 
loop_
_chem_comp_atom.comp_id 
_chem_comp_atom.atom_id 
_chem_comp_atom.type_symbol 
_chem_comp_atom.pdbx_aromatic_flag 
_chem_comp_atom.pdbx_stereo_config 
_chem_comp_atom.pdbx_ordinal 
ALA N    N  N N 1   
ALA CA   C  N S 2   
ALA C    C  N N 3   
ALA O    O  N N 4   
ALA CB   C  N N 5   
ALA OXT  O  N N 6   
ALA H    H  N N 7   
ALA H2   H  N N 8   
ALA HA   H  N N 9   
ALA HB1  H  N N 10  
ALA HB2  H  N N 11  
ALA HB3  H  N N 12  
ALA HXT  H  N N 13  
ARG N    N  N N 14  
ARG CA   C  N S 15  
ARG C    C  N N 16  
ARG O    O  N N 17  
ARG CB   C  N N 18  
ARG CG   C  N N 19  
ARG CD   C  N N 20  
ARG NE   N  N N 21  
ARG CZ   C  N N 22  
ARG NH1  N  N N 23  
ARG NH2  N  N N 24  
ARG OXT  O  N N 25  
ARG H    H  N N 26  
ARG H2   H  N N 27  
ARG HA   H  N N 28  
ARG HB2  H  N N 29  
ARG HB3  H  N N 30  
ARG HG2  H  N N 31  
ARG HG3  H  N N 32  
ARG HD2  H  N N 33  
ARG HD3  H  N N 34  
ARG HE   H  N N 35  
ARG HH11 H  N N 36  
ARG HH12 H  N N 37  
ARG HH21 H  N N 38  
ARG HH22 H  N N 39  
ARG HXT  H  N N 40  
ASN N    N  N N 41  
ASN CA   C  N S 42  
ASN C    C  N N 43  
ASN O    O  N N 44  
ASN CB   C  N N 45  
ASN CG   C  N N 46  
ASN OD1  O  N N 47  
ASN ND2  N  N N 48  
ASN OXT  O  N N 49  
ASN H    H  N N 50  
ASN H2   H  N N 51  
ASN HA   H  N N 52  
ASN HB2  H  N N 53  
ASN HB3  H  N N 54  
ASN HD21 H  N N 55  
ASN HD22 H  N N 56  
ASN HXT  H  N N 57  
ASP N    N  N N 58  
ASP CA   C  N S 59  
ASP C    C  N N 60  
ASP O    O  N N 61  
ASP CB   C  N N 62  
ASP CG   C  N N 63  
ASP OD1  O  N N 64  
ASP OD2  O  N N 65  
ASP OXT  O  N N 66  
ASP H    H  N N 67  
ASP H2   H  N N 68  
ASP HA   H  N N 69  
ASP HB2  H  N N 70  
ASP HB3  H  N N 71  
ASP HD2  H  N N 72  
ASP HXT  H  N N 73  
CYS N    N  N N 74  
CYS CA   C  N R 75  
CYS C    C  N N 76  
CYS O    O  N N 77  
CYS CB   C  N N 78  
CYS SG   S  N N 79  
CYS OXT  O  N N 80  
CYS H    H  N N 81  
CYS H2   H  N N 82  
CYS HA   H  N N 83  
CYS HB2  H  N N 84  
CYS HB3  H  N N 85  
CYS HG   H  N N 86  
CYS HXT  H  N N 87  
GLN N    N  N N 88  
GLN CA   C  N S 89  
GLN C    C  N N 90  
GLN O    O  N N 91  
GLN CB   C  N N 92  
GLN CG   C  N N 93  
GLN CD   C  N N 94  
GLN OE1  O  N N 95  
GLN NE2  N  N N 96  
GLN OXT  O  N N 97  
GLN H    H  N N 98  
GLN H2   H  N N 99  
GLN HA   H  N N 100 
GLN HB2  H  N N 101 
GLN HB3  H  N N 102 
GLN HG2  H  N N 103 
GLN HG3  H  N N 104 
GLN HE21 H  N N 105 
GLN HE22 H  N N 106 
GLN HXT  H  N N 107 
GLU N    N  N N 108 
GLU CA   C  N S 109 
GLU C    C  N N 110 
GLU O    O  N N 111 
GLU CB   C  N N 112 
GLU CG   C  N N 113 
GLU CD   C  N N 114 
GLU OE1  O  N N 115 
GLU OE2  O  N N 116 
GLU OXT  O  N N 117 
GLU H    H  N N 118 
GLU H2   H  N N 119 
GLU HA   H  N N 120 
GLU HB2  H  N N 121 
GLU HB3  H  N N 122 
GLU HG2  H  N N 123 
GLU HG3  H  N N 124 
GLU HE2  H  N N 125 
GLU HXT  H  N N 126 
GLY N    N  N N 127 
GLY CA   C  N N 128 
GLY C    C  N N 129 
GLY O    O  N N 130 
GLY OXT  O  N N 131 
GLY H    H  N N 132 
GLY H2   H  N N 133 
GLY HA2  H  N N 134 
GLY HA3  H  N N 135 
GLY HXT  H  N N 136 
HIS N    N  N N 137 
HIS CA   C  N S 138 
HIS C    C  N N 139 
HIS O    O  N N 140 
HIS CB   C  N N 141 
HIS CG   C  Y N 142 
HIS ND1  N  Y N 143 
HIS CD2  C  Y N 144 
HIS CE1  C  Y N 145 
HIS NE2  N  Y N 146 
HIS OXT  O  N N 147 
HIS H    H  N N 148 
HIS H2   H  N N 149 
HIS HA   H  N N 150 
HIS HB2  H  N N 151 
HIS HB3  H  N N 152 
HIS HD1  H  N N 153 
HIS HD2  H  N N 154 
HIS HE1  H  N N 155 
HIS HE2  H  N N 156 
HIS HXT  H  N N 157 
ILE N    N  N N 158 
ILE CA   C  N S 159 
ILE C    C  N N 160 
ILE O    O  N N 161 
ILE CB   C  N S 162 
ILE CG1  C  N N 163 
ILE CG2  C  N N 164 
ILE CD1  C  N N 165 
ILE OXT  O  N N 166 
ILE H    H  N N 167 
ILE H2   H  N N 168 
ILE HA   H  N N 169 
ILE HB   H  N N 170 
ILE HG12 H  N N 171 
ILE HG13 H  N N 172 
ILE HG21 H  N N 173 
ILE HG22 H  N N 174 
ILE HG23 H  N N 175 
ILE HD11 H  N N 176 
ILE HD12 H  N N 177 
ILE HD13 H  N N 178 
ILE HXT  H  N N 179 
LEU N    N  N N 180 
LEU CA   C  N S 181 
LEU C    C  N N 182 
LEU O    O  N N 183 
LEU CB   C  N N 184 
LEU CG   C  N N 185 
LEU CD1  C  N N 186 
LEU CD2  C  N N 187 
LEU OXT  O  N N 188 
LEU H    H  N N 189 
LEU H2   H  N N 190 
LEU HA   H  N N 191 
LEU HB2  H  N N 192 
LEU HB3  H  N N 193 
LEU HG   H  N N 194 
LEU HD11 H  N N 195 
LEU HD12 H  N N 196 
LEU HD13 H  N N 197 
LEU HD21 H  N N 198 
LEU HD22 H  N N 199 
LEU HD23 H  N N 200 
LEU HXT  H  N N 201 
LYS N    N  N N 202 
LYS CA   C  N S 203 
LYS C    C  N N 204 
LYS O    O  N N 205 
LYS CB   C  N N 206 
LYS CG   C  N N 207 
LYS CD   C  N N 208 
LYS CE   C  N N 209 
LYS NZ   N  N N 210 
LYS OXT  O  N N 211 
LYS H    H  N N 212 
LYS H2   H  N N 213 
LYS HA   H  N N 214 
LYS HB2  H  N N 215 
LYS HB3  H  N N 216 
LYS HG2  H  N N 217 
LYS HG3  H  N N 218 
LYS HD2  H  N N 219 
LYS HD3  H  N N 220 
LYS HE2  H  N N 221 
LYS HE3  H  N N 222 
LYS HZ1  H  N N 223 
LYS HZ2  H  N N 224 
LYS HZ3  H  N N 225 
LYS HXT  H  N N 226 
MSE N    N  N N 227 
MSE CA   C  N S 228 
MSE C    C  N N 229 
MSE O    O  N N 230 
MSE OXT  O  N N 231 
MSE CB   C  N N 232 
MSE CG   C  N N 233 
MSE SE   SE N N 234 
MSE CE   C  N N 235 
MSE H    H  N N 236 
MSE H2   H  N N 237 
MSE HA   H  N N 238 
MSE HXT  H  N N 239 
MSE HB2  H  N N 240 
MSE HB3  H  N N 241 
MSE HG2  H  N N 242 
MSE HG3  H  N N 243 
MSE HE1  H  N N 244 
MSE HE2  H  N N 245 
MSE HE3  H  N N 246 
PHE N    N  N N 247 
PHE CA   C  N S 248 
PHE C    C  N N 249 
PHE O    O  N N 250 
PHE CB   C  N N 251 
PHE CG   C  Y N 252 
PHE CD1  C  Y N 253 
PHE CD2  C  Y N 254 
PHE CE1  C  Y N 255 
PHE CE2  C  Y N 256 
PHE CZ   C  Y N 257 
PHE OXT  O  N N 258 
PHE H    H  N N 259 
PHE H2   H  N N 260 
PHE HA   H  N N 261 
PHE HB2  H  N N 262 
PHE HB3  H  N N 263 
PHE HD1  H  N N 264 
PHE HD2  H  N N 265 
PHE HE1  H  N N 266 
PHE HE2  H  N N 267 
PHE HZ   H  N N 268 
PHE HXT  H  N N 269 
PRO N    N  N N 270 
PRO CA   C  N S 271 
PRO C    C  N N 272 
PRO O    O  N N 273 
PRO CB   C  N N 274 
PRO CG   C  N N 275 
PRO CD   C  N N 276 
PRO OXT  O  N N 277 
PRO H    H  N N 278 
PRO HA   H  N N 279 
PRO HB2  H  N N 280 
PRO HB3  H  N N 281 
PRO HG2  H  N N 282 
PRO HG3  H  N N 283 
PRO HD2  H  N N 284 
PRO HD3  H  N N 285 
PRO HXT  H  N N 286 
SER N    N  N N 287 
SER CA   C  N S 288 
SER C    C  N N 289 
SER O    O  N N 290 
SER CB   C  N N 291 
SER OG   O  N N 292 
SER OXT  O  N N 293 
SER H    H  N N 294 
SER H2   H  N N 295 
SER HA   H  N N 296 
SER HB2  H  N N 297 
SER HB3  H  N N 298 
SER HG   H  N N 299 
SER HXT  H  N N 300 
THR N    N  N N 301 
THR CA   C  N S 302 
THR C    C  N N 303 
THR O    O  N N 304 
THR CB   C  N R 305 
THR OG1  O  N N 306 
THR CG2  C  N N 307 
THR OXT  O  N N 308 
THR H    H  N N 309 
THR H2   H  N N 310 
THR HA   H  N N 311 
THR HB   H  N N 312 
THR HG1  H  N N 313 
THR HG21 H  N N 314 
THR HG22 H  N N 315 
THR HG23 H  N N 316 
THR HXT  H  N N 317 
TRP N    N  N N 318 
TRP CA   C  N S 319 
TRP C    C  N N 320 
TRP O    O  N N 321 
TRP CB   C  N N 322 
TRP CG   C  Y N 323 
TRP CD1  C  Y N 324 
TRP CD2  C  Y N 325 
TRP NE1  N  Y N 326 
TRP CE2  C  Y N 327 
TRP CE3  C  Y N 328 
TRP CZ2  C  Y N 329 
TRP CZ3  C  Y N 330 
TRP CH2  C  Y N 331 
TRP OXT  O  N N 332 
TRP H    H  N N 333 
TRP H2   H  N N 334 
TRP HA   H  N N 335 
TRP HB2  H  N N 336 
TRP HB3  H  N N 337 
TRP HD1  H  N N 338 
TRP HE1  H  N N 339 
TRP HE3  H  N N 340 
TRP HZ2  H  N N 341 
TRP HZ3  H  N N 342 
TRP HH2  H  N N 343 
TRP HXT  H  N N 344 
TYR N    N  N N 345 
TYR CA   C  N S 346 
TYR C    C  N N 347 
TYR O    O  N N 348 
TYR CB   C  N N 349 
TYR CG   C  Y N 350 
TYR CD1  C  Y N 351 
TYR CD2  C  Y N 352 
TYR CE1  C  Y N 353 
TYR CE2  C  Y N 354 
TYR CZ   C  Y N 355 
TYR OH   O  N N 356 
TYR OXT  O  N N 357 
TYR H    H  N N 358 
TYR H2   H  N N 359 
TYR HA   H  N N 360 
TYR HB2  H  N N 361 
TYR HB3  H  N N 362 
TYR HD1  H  N N 363 
TYR HD2  H  N N 364 
TYR HE1  H  N N 365 
TYR HE2  H  N N 366 
TYR HH   H  N N 367 
TYR HXT  H  N N 368 
VAL N    N  N N 369 
VAL CA   C  N S 370 
VAL C    C  N N 371 
VAL O    O  N N 372 
VAL CB   C  N N 373 
VAL CG1  C  N N 374 
VAL CG2  C  N N 375 
VAL OXT  O  N N 376 
VAL H    H  N N 377 
VAL H2   H  N N 378 
VAL HA   H  N N 379 
VAL HB   H  N N 380 
VAL HG11 H  N N 381 
VAL HG12 H  N N 382 
VAL HG13 H  N N 383 
VAL HG21 H  N N 384 
VAL HG22 H  N N 385 
VAL HG23 H  N N 386 
VAL HXT  H  N N 387 
# 
loop_
_chem_comp_bond.comp_id 
_chem_comp_bond.atom_id_1 
_chem_comp_bond.atom_id_2 
_chem_comp_bond.value_order 
_chem_comp_bond.pdbx_aromatic_flag 
_chem_comp_bond.pdbx_stereo_config 
_chem_comp_bond.pdbx_ordinal 
ALA N   CA   sing N N 1   
ALA N   H    sing N N 2   
ALA N   H2   sing N N 3   
ALA CA  C    sing N N 4   
ALA CA  CB   sing N N 5   
ALA CA  HA   sing N N 6   
ALA C   O    doub N N 7   
ALA C   OXT  sing N N 8   
ALA CB  HB1  sing N N 9   
ALA CB  HB2  sing N N 10  
ALA CB  HB3  sing N N 11  
ALA OXT HXT  sing N N 12  
ARG N   CA   sing N N 13  
ARG N   H    sing N N 14  
ARG N   H2   sing N N 15  
ARG CA  C    sing N N 16  
ARG CA  CB   sing N N 17  
ARG CA  HA   sing N N 18  
ARG C   O    doub N N 19  
ARG C   OXT  sing N N 20  
ARG CB  CG   sing N N 21  
ARG CB  HB2  sing N N 22  
ARG CB  HB3  sing N N 23  
ARG CG  CD   sing N N 24  
ARG CG  HG2  sing N N 25  
ARG CG  HG3  sing N N 26  
ARG CD  NE   sing N N 27  
ARG CD  HD2  sing N N 28  
ARG CD  HD3  sing N N 29  
ARG NE  CZ   sing N N 30  
ARG NE  HE   sing N N 31  
ARG CZ  NH1  sing N N 32  
ARG CZ  NH2  doub N N 33  
ARG NH1 HH11 sing N N 34  
ARG NH1 HH12 sing N N 35  
ARG NH2 HH21 sing N N 36  
ARG NH2 HH22 sing N N 37  
ARG OXT HXT  sing N N 38  
ASN N   CA   sing N N 39  
ASN N   H    sing N N 40  
ASN N   H2   sing N N 41  
ASN CA  C    sing N N 42  
ASN CA  CB   sing N N 43  
ASN CA  HA   sing N N 44  
ASN C   O    doub N N 45  
ASN C   OXT  sing N N 46  
ASN CB  CG   sing N N 47  
ASN CB  HB2  sing N N 48  
ASN CB  HB3  sing N N 49  
ASN CG  OD1  doub N N 50  
ASN CG  ND2  sing N N 51  
ASN ND2 HD21 sing N N 52  
ASN ND2 HD22 sing N N 53  
ASN OXT HXT  sing N N 54  
ASP N   CA   sing N N 55  
ASP N   H    sing N N 56  
ASP N   H2   sing N N 57  
ASP CA  C    sing N N 58  
ASP CA  CB   sing N N 59  
ASP CA  HA   sing N N 60  
ASP C   O    doub N N 61  
ASP C   OXT  sing N N 62  
ASP CB  CG   sing N N 63  
ASP CB  HB2  sing N N 64  
ASP CB  HB3  sing N N 65  
ASP CG  OD1  doub N N 66  
ASP CG  OD2  sing N N 67  
ASP OD2 HD2  sing N N 68  
ASP OXT HXT  sing N N 69  
CYS N   CA   sing N N 70  
CYS N   H    sing N N 71  
CYS N   H2   sing N N 72  
CYS CA  C    sing N N 73  
CYS CA  CB   sing N N 74  
CYS CA  HA   sing N N 75  
CYS C   O    doub N N 76  
CYS C   OXT  sing N N 77  
CYS CB  SG   sing N N 78  
CYS CB  HB2  sing N N 79  
CYS CB  HB3  sing N N 80  
CYS SG  HG   sing N N 81  
CYS OXT HXT  sing N N 82  
GLN N   CA   sing N N 83  
GLN N   H    sing N N 84  
GLN N   H2   sing N N 85  
GLN CA  C    sing N N 86  
GLN CA  CB   sing N N 87  
GLN CA  HA   sing N N 88  
GLN C   O    doub N N 89  
GLN C   OXT  sing N N 90  
GLN CB  CG   sing N N 91  
GLN CB  HB2  sing N N 92  
GLN CB  HB3  sing N N 93  
GLN CG  CD   sing N N 94  
GLN CG  HG2  sing N N 95  
GLN CG  HG3  sing N N 96  
GLN CD  OE1  doub N N 97  
GLN CD  NE2  sing N N 98  
GLN NE2 HE21 sing N N 99  
GLN NE2 HE22 sing N N 100 
GLN OXT HXT  sing N N 101 
GLU N   CA   sing N N 102 
GLU N   H    sing N N 103 
GLU N   H2   sing N N 104 
GLU CA  C    sing N N 105 
GLU CA  CB   sing N N 106 
GLU CA  HA   sing N N 107 
GLU C   O    doub N N 108 
GLU C   OXT  sing N N 109 
GLU CB  CG   sing N N 110 
GLU CB  HB2  sing N N 111 
GLU CB  HB3  sing N N 112 
GLU CG  CD   sing N N 113 
GLU CG  HG2  sing N N 114 
GLU CG  HG3  sing N N 115 
GLU CD  OE1  doub N N 116 
GLU CD  OE2  sing N N 117 
GLU OE2 HE2  sing N N 118 
GLU OXT HXT  sing N N 119 
GLY N   CA   sing N N 120 
GLY N   H    sing N N 121 
GLY N   H2   sing N N 122 
GLY CA  C    sing N N 123 
GLY CA  HA2  sing N N 124 
GLY CA  HA3  sing N N 125 
GLY C   O    doub N N 126 
GLY C   OXT  sing N N 127 
GLY OXT HXT  sing N N 128 
HIS N   CA   sing N N 129 
HIS N   H    sing N N 130 
HIS N   H2   sing N N 131 
HIS CA  C    sing N N 132 
HIS CA  CB   sing N N 133 
HIS CA  HA   sing N N 134 
HIS C   O    doub N N 135 
HIS C   OXT  sing N N 136 
HIS CB  CG   sing N N 137 
HIS CB  HB2  sing N N 138 
HIS CB  HB3  sing N N 139 
HIS CG  ND1  sing Y N 140 
HIS CG  CD2  doub Y N 141 
HIS ND1 CE1  doub Y N 142 
HIS ND1 HD1  sing N N 143 
HIS CD2 NE2  sing Y N 144 
HIS CD2 HD2  sing N N 145 
HIS CE1 NE2  sing Y N 146 
HIS CE1 HE1  sing N N 147 
HIS NE2 HE2  sing N N 148 
HIS OXT HXT  sing N N 149 
ILE N   CA   sing N N 150 
ILE N   H    sing N N 151 
ILE N   H2   sing N N 152 
ILE CA  C    sing N N 153 
ILE CA  CB   sing N N 154 
ILE CA  HA   sing N N 155 
ILE C   O    doub N N 156 
ILE C   OXT  sing N N 157 
ILE CB  CG1  sing N N 158 
ILE CB  CG2  sing N N 159 
ILE CB  HB   sing N N 160 
ILE CG1 CD1  sing N N 161 
ILE CG1 HG12 sing N N 162 
ILE CG1 HG13 sing N N 163 
ILE CG2 HG21 sing N N 164 
ILE CG2 HG22 sing N N 165 
ILE CG2 HG23 sing N N 166 
ILE CD1 HD11 sing N N 167 
ILE CD1 HD12 sing N N 168 
ILE CD1 HD13 sing N N 169 
ILE OXT HXT  sing N N 170 
LEU N   CA   sing N N 171 
LEU N   H    sing N N 172 
LEU N   H2   sing N N 173 
LEU CA  C    sing N N 174 
LEU CA  CB   sing N N 175 
LEU CA  HA   sing N N 176 
LEU C   O    doub N N 177 
LEU C   OXT  sing N N 178 
LEU CB  CG   sing N N 179 
LEU CB  HB2  sing N N 180 
LEU CB  HB3  sing N N 181 
LEU CG  CD1  sing N N 182 
LEU CG  CD2  sing N N 183 
LEU CG  HG   sing N N 184 
LEU CD1 HD11 sing N N 185 
LEU CD1 HD12 sing N N 186 
LEU CD1 HD13 sing N N 187 
LEU CD2 HD21 sing N N 188 
LEU CD2 HD22 sing N N 189 
LEU CD2 HD23 sing N N 190 
LEU OXT HXT  sing N N 191 
LYS N   CA   sing N N 192 
LYS N   H    sing N N 193 
LYS N   H2   sing N N 194 
LYS CA  C    sing N N 195 
LYS CA  CB   sing N N 196 
LYS CA  HA   sing N N 197 
LYS C   O    doub N N 198 
LYS C   OXT  sing N N 199 
LYS CB  CG   sing N N 200 
LYS CB  HB2  sing N N 201 
LYS CB  HB3  sing N N 202 
LYS CG  CD   sing N N 203 
LYS CG  HG2  sing N N 204 
LYS CG  HG3  sing N N 205 
LYS CD  CE   sing N N 206 
LYS CD  HD2  sing N N 207 
LYS CD  HD3  sing N N 208 
LYS CE  NZ   sing N N 209 
LYS CE  HE2  sing N N 210 
LYS CE  HE3  sing N N 211 
LYS NZ  HZ1  sing N N 212 
LYS NZ  HZ2  sing N N 213 
LYS NZ  HZ3  sing N N 214 
LYS OXT HXT  sing N N 215 
MSE N   CA   sing N N 216 
MSE N   H    sing N N 217 
MSE N   H2   sing N N 218 
MSE CA  C    sing N N 219 
MSE CA  CB   sing N N 220 
MSE CA  HA   sing N N 221 
MSE C   O    doub N N 222 
MSE C   OXT  sing N N 223 
MSE OXT HXT  sing N N 224 
MSE CB  CG   sing N N 225 
MSE CB  HB2  sing N N 226 
MSE CB  HB3  sing N N 227 
MSE CG  SE   sing N N 228 
MSE CG  HG2  sing N N 229 
MSE CG  HG3  sing N N 230 
MSE SE  CE   sing N N 231 
MSE CE  HE1  sing N N 232 
MSE CE  HE2  sing N N 233 
MSE CE  HE3  sing N N 234 
PHE N   CA   sing N N 235 
PHE N   H    sing N N 236 
PHE N   H2   sing N N 237 
PHE CA  C    sing N N 238 
PHE CA  CB   sing N N 239 
PHE CA  HA   sing N N 240 
PHE C   O    doub N N 241 
PHE C   OXT  sing N N 242 
PHE CB  CG   sing N N 243 
PHE CB  HB2  sing N N 244 
PHE CB  HB3  sing N N 245 
PHE CG  CD1  doub Y N 246 
PHE CG  CD2  sing Y N 247 
PHE CD1 CE1  sing Y N 248 
PHE CD1 HD1  sing N N 249 
PHE CD2 CE2  doub Y N 250 
PHE CD2 HD2  sing N N 251 
PHE CE1 CZ   doub Y N 252 
PHE CE1 HE1  sing N N 253 
PHE CE2 CZ   sing Y N 254 
PHE CE2 HE2  sing N N 255 
PHE CZ  HZ   sing N N 256 
PHE OXT HXT  sing N N 257 
PRO N   CA   sing N N 258 
PRO N   CD   sing N N 259 
PRO N   H    sing N N 260 
PRO CA  C    sing N N 261 
PRO CA  CB   sing N N 262 
PRO CA  HA   sing N N 263 
PRO C   O    doub N N 264 
PRO C   OXT  sing N N 265 
PRO CB  CG   sing N N 266 
PRO CB  HB2  sing N N 267 
PRO CB  HB3  sing N N 268 
PRO CG  CD   sing N N 269 
PRO CG  HG2  sing N N 270 
PRO CG  HG3  sing N N 271 
PRO CD  HD2  sing N N 272 
PRO CD  HD3  sing N N 273 
PRO OXT HXT  sing N N 274 
SER N   CA   sing N N 275 
SER N   H    sing N N 276 
SER N   H2   sing N N 277 
SER CA  C    sing N N 278 
SER CA  CB   sing N N 279 
SER CA  HA   sing N N 280 
SER C   O    doub N N 281 
SER C   OXT  sing N N 282 
SER CB  OG   sing N N 283 
SER CB  HB2  sing N N 284 
SER CB  HB3  sing N N 285 
SER OG  HG   sing N N 286 
SER OXT HXT  sing N N 287 
THR N   CA   sing N N 288 
THR N   H    sing N N 289 
THR N   H2   sing N N 290 
THR CA  C    sing N N 291 
THR CA  CB   sing N N 292 
THR CA  HA   sing N N 293 
THR C   O    doub N N 294 
THR C   OXT  sing N N 295 
THR CB  OG1  sing N N 296 
THR CB  CG2  sing N N 297 
THR CB  HB   sing N N 298 
THR OG1 HG1  sing N N 299 
THR CG2 HG21 sing N N 300 
THR CG2 HG22 sing N N 301 
THR CG2 HG23 sing N N 302 
THR OXT HXT  sing N N 303 
TRP N   CA   sing N N 304 
TRP N   H    sing N N 305 
TRP N   H2   sing N N 306 
TRP CA  C    sing N N 307 
TRP CA  CB   sing N N 308 
TRP CA  HA   sing N N 309 
TRP C   O    doub N N 310 
TRP C   OXT  sing N N 311 
TRP CB  CG   sing N N 312 
TRP CB  HB2  sing N N 313 
TRP CB  HB3  sing N N 314 
TRP CG  CD1  doub Y N 315 
TRP CG  CD2  sing Y N 316 
TRP CD1 NE1  sing Y N 317 
TRP CD1 HD1  sing N N 318 
TRP CD2 CE2  doub Y N 319 
TRP CD2 CE3  sing Y N 320 
TRP NE1 CE2  sing Y N 321 
TRP NE1 HE1  sing N N 322 
TRP CE2 CZ2  sing Y N 323 
TRP CE3 CZ3  doub Y N 324 
TRP CE3 HE3  sing N N 325 
TRP CZ2 CH2  doub Y N 326 
TRP CZ2 HZ2  sing N N 327 
TRP CZ3 CH2  sing Y N 328 
TRP CZ3 HZ3  sing N N 329 
TRP CH2 HH2  sing N N 330 
TRP OXT HXT  sing N N 331 
TYR N   CA   sing N N 332 
TYR N   H    sing N N 333 
TYR N   H2   sing N N 334 
TYR CA  C    sing N N 335 
TYR CA  CB   sing N N 336 
TYR CA  HA   sing N N 337 
TYR C   O    doub N N 338 
TYR C   OXT  sing N N 339 
TYR CB  CG   sing N N 340 
TYR CB  HB2  sing N N 341 
TYR CB  HB3  sing N N 342 
TYR CG  CD1  doub Y N 343 
TYR CG  CD2  sing Y N 344 
TYR CD1 CE1  sing Y N 345 
TYR CD1 HD1  sing N N 346 
TYR CD2 CE2  doub Y N 347 
TYR CD2 HD2  sing N N 348 
TYR CE1 CZ   doub Y N 349 
TYR CE1 HE1  sing N N 350 
TYR CE2 CZ   sing Y N 351 
TYR CE2 HE2  sing N N 352 
TYR CZ  OH   sing N N 353 
TYR OH  HH   sing N N 354 
TYR OXT HXT  sing N N 355 
VAL N   CA   sing N N 356 
VAL N   H    sing N N 357 
VAL N   H2   sing N N 358 
VAL CA  C    sing N N 359 
VAL CA  CB   sing N N 360 
VAL CA  HA   sing N N 361 
VAL C   O    doub N N 362 
VAL C   OXT  sing N N 363 
VAL CB  CG1  sing N N 364 
VAL CB  CG2  sing N N 365 
VAL CB  HB   sing N N 366 
VAL CG1 HG11 sing N N 367 
VAL CG1 HG12 sing N N 368 
VAL CG1 HG13 sing N N 369 
VAL CG2 HG21 sing N N 370 
VAL CG2 HG22 sing N N 371 
VAL CG2 HG23 sing N N 372 
VAL OXT HXT  sing N N 373 
# 
_atom_sites.entry_id                    3KNY 
_atom_sites.fract_transf_matrix[1][1]   0.00927374 
_atom_sites.fract_transf_matrix[1][2]   -0.00048836 
_atom_sites.fract_transf_matrix[1][3]   -0.00251015 
_atom_sites.fract_transf_matrix[2][1]   0.00243234 
_atom_sites.fract_transf_matrix[2][2]   -0.00099630 
_atom_sites.fract_transf_matrix[2][3]   -0.00925395 
_atom_sites.fract_transf_matrix[3][1]   0.00026574 
_atom_sites.fract_transf_matrix[3][2]   0.01049525 
_atom_sites.fract_transf_matrix[3][3]   -0.00106010 
_atom_sites.fract_transf_vector[1]      0.888070 
_atom_sites.fract_transf_vector[2]      0.319442 
_atom_sites.fract_transf_vector[3]      -0.054794 
# 
loop_
_atom_type.symbol 
C  
N  
O  
S  
SE 
# 
loop_
_atom_site.group_PDB 
_atom_site.id 
_atom_site.type_symbol 
_atom_site.label_atom_id 
_atom_site.label_alt_id 
_atom_site.label_comp_id 
_atom_site.label_asym_id 
_atom_site.label_entity_id 
_atom_site.label_seq_id 
_atom_site.pdbx_PDB_ins_code 
_atom_site.Cartn_x 
_atom_site.Cartn_y 
_atom_site.Cartn_z 
_atom_site.occupancy 
_atom_site.B_iso_or_equiv 
_atom_site.pdbx_formal_charge 
_atom_site.auth_seq_id 
_atom_site.auth_comp_id 
_atom_site.auth_asym_id 
_atom_site.auth_atom_id 
_atom_site.pdbx_PDB_model_num 
ATOM   1    N  N   . ASN A 1 6   ? -12.060 -25.371 -3.370  1.00 60.12 ? 22  ASN A N   1 
ATOM   2    C  CA  . ASN A 1 6   ? -12.023 -23.869 -3.256  1.00 60.41 ? 22  ASN A CA  1 
ATOM   3    C  C   . ASN A 1 6   ? -10.786 -23.188 -3.920  1.00 59.66 ? 22  ASN A C   1 
ATOM   4    O  O   . ASN A 1 6   ? -9.838  -22.831 -3.211  1.00 58.42 ? 22  ASN A O   1 
ATOM   5    C  CB  . ASN A 1 6   ? -12.147 -23.457 -1.773  1.00 59.92 ? 22  ASN A CB  1 
ATOM   6    N  N   . GLU A 1 7   ? -10.809 -23.059 -5.268  1.00 59.03 ? 23  GLU A N   1 
ATOM   7    C  CA  . GLU A 1 7   ? -9.855  -22.223 -6.083  1.00 57.24 ? 23  GLU A CA  1 
ATOM   8    C  C   . GLU A 1 7   ? -10.501 -20.837 -6.428  1.00 55.80 ? 23  GLU A C   1 
ATOM   9    O  O   . GLU A 1 7   ? -11.708 -20.736 -6.675  1.00 60.28 ? 23  GLU A O   1 
ATOM   10   C  CB  . GLU A 1 7   ? -9.393  -22.942 -7.362  1.00 54.35 ? 23  GLU A CB  1 
ATOM   11   N  N   . ASP A 1 8   ? -9.706  -19.772 -6.433  1.00 50.25 ? 24  ASP A N   1 
ATOM   12   C  CA  . ASP A 1 8   ? -10.235 -18.403 -6.548  1.00 46.42 ? 24  ASP A CA  1 
ATOM   13   C  C   . ASP A 1 8   ? -9.120  -17.429 -6.989  1.00 39.94 ? 24  ASP A C   1 
ATOM   14   O  O   . ASP A 1 8   ? -7.953  -17.684 -6.747  1.00 38.38 ? 24  ASP A O   1 
ATOM   15   C  CB  . ASP A 1 8   ? -10.861 -17.974 -5.209  1.00 47.73 ? 24  ASP A CB  1 
ATOM   16   C  CG  . ASP A 1 8   ? -11.720 -16.720 -5.334  1.00 55.22 ? 24  ASP A CG  1 
ATOM   17   O  OD1 . ASP A 1 8   ? -12.593 -16.668 -6.236  1.00 65.64 ? 24  ASP A OD1 1 
ATOM   18   O  OD2 . ASP A 1 8   ? -11.534 -15.787 -4.515  1.00 61.40 ? 24  ASP A OD2 1 
ATOM   19   N  N   . TRP A 1 9   ? -9.496  -16.317 -7.623  1.00 36.57 ? 25  TRP A N   1 
ATOM   20   C  CA  A TRP A 1 9   ? -8.563  -15.377 -8.254  0.50 35.81 ? 25  TRP A CA  1 
ATOM   21   C  CA  B TRP A 1 9   ? -8.506  -15.386 -8.187  0.50 35.49 ? 25  TRP A CA  1 
ATOM   22   C  C   . TRP A 1 9   ? -8.788  -13.950 -7.791  1.00 33.11 ? 25  TRP A C   1 
ATOM   23   O  O   . TRP A 1 9   ? -9.893  -13.479 -7.897  1.00 36.11 ? 25  TRP A O   1 
ATOM   24   C  CB  A TRP A 1 9   ? -8.818  -15.392 -9.754  0.50 35.76 ? 25  TRP A CB  1 
ATOM   25   C  CB  B TRP A 1 9   ? -8.486  -15.494 -9.707  0.50 35.06 ? 25  TRP A CB  1 
ATOM   26   C  CG  A TRP A 1 9   ? -8.086  -16.411 -10.512 0.50 41.01 ? 25  TRP A CG  1 
ATOM   27   C  CG  B TRP A 1 9   ? -7.194  -15.072 -10.389 0.50 38.34 ? 25  TRP A CG  1 
ATOM   28   C  CD1 A TRP A 1 9   ? -8.336  -17.757 -10.566 0.50 41.04 ? 25  TRP A CD1 1 
ATOM   29   C  CD1 B TRP A 1 9   ? -6.415  -13.953 -10.133 0.50 37.08 ? 25  TRP A CD1 1 
ATOM   30   C  CD2 A TRP A 1 9   ? -6.981  -16.162 -11.383 0.50 45.60 ? 25  TRP A CD2 1 
ATOM   31   C  CD2 B TRP A 1 9   ? -6.570  -15.744 -11.487 0.50 38.01 ? 25  TRP A CD2 1 
ATOM   32   N  NE1 A TRP A 1 9   ? -7.434  -18.358 -11.413 0.50 49.52 ? 25  TRP A NE1 1 
ATOM   33   N  NE1 B TRP A 1 9   ? -5.354  -13.914 -10.998 0.50 36.87 ? 25  TRP A NE1 1 
ATOM   34   C  CE2 A TRP A 1 9   ? -6.594  -17.399 -11.929 0.50 47.66 ? 25  TRP A CE2 1 
ATOM   35   C  CE2 B TRP A 1 9   ? -5.427  -14.998 -11.844 0.50 39.53 ? 25  TRP A CE2 1 
ATOM   36   C  CE3 A TRP A 1 9   ? -6.280  -15.005 -11.752 0.50 49.56 ? 25  TRP A CE3 1 
ATOM   37   C  CE3 B TRP A 1 9   ? -6.873  -16.906 -12.209 0.50 38.84 ? 25  TRP A CE3 1 
ATOM   38   C  CZ2 A TRP A 1 9   ? -5.534  -17.514 -12.831 0.50 48.35 ? 25  TRP A CZ2 1 
ATOM   39   C  CZ2 B TRP A 1 9   ? -4.582  -15.392 -12.886 0.50 36.89 ? 25  TRP A CZ2 1 
ATOM   40   C  CZ3 A TRP A 1 9   ? -5.231  -15.120 -12.643 0.50 47.80 ? 25  TRP A CZ3 1 
ATOM   41   C  CZ3 B TRP A 1 9   ? -6.033  -17.292 -13.243 0.50 37.94 ? 25  TRP A CZ3 1 
ATOM   42   C  CH2 A TRP A 1 9   ? -4.869  -16.366 -13.175 0.50 46.56 ? 25  TRP A CH2 1 
ATOM   43   C  CH2 B TRP A 1 9   ? -4.907  -16.535 -13.576 0.50 33.64 ? 25  TRP A CH2 1 
ATOM   44   N  N   . VAL A 1 10  ? -7.750  -13.262 -7.336  1.00 31.24 ? 26  VAL A N   1 
ATOM   45   C  CA  . VAL A 1 10  ? -7.842  -11.878 -6.888  1.00 31.04 ? 26  VAL A CA  1 
ATOM   46   C  C   . VAL A 1 10  ? -6.832  -11.041 -7.656  1.00 32.46 ? 26  VAL A C   1 
ATOM   47   O  O   . VAL A 1 10  ? -5.674  -11.430 -7.810  1.00 38.14 ? 26  VAL A O   1 
ATOM   48   C  CB  . VAL A 1 10  ? -7.604  -11.794 -5.361  1.00 33.43 ? 26  VAL A CB  1 
ATOM   49   C  CG1 . VAL A 1 10  ? -7.336  -10.404 -4.931  1.00 34.31 ? 26  VAL A CG1 1 
ATOM   50   C  CG2 . VAL A 1 10  ? -8.817  -12.360 -4.621  1.00 22.76 ? 26  VAL A CG2 1 
ATOM   51   N  N   . VAL A 1 11  ? -7.282  -9.898  -8.158  1.00 31.18 ? 27  VAL A N   1 
ATOM   52   C  CA  . VAL A 1 11  ? -6.483  -9.052  -9.035  1.00 27.55 ? 27  VAL A CA  1 
ATOM   53   C  C   . VAL A 1 11  ? -6.445  -7.618  -8.501  1.00 29.15 ? 27  VAL A C   1 
ATOM   54   O  O   . VAL A 1 11  ? -7.063  -7.304  -7.506  1.00 28.13 ? 27  VAL A O   1 
ATOM   55   C  CB  . VAL A 1 11  ? -7.039  -9.066  -10.476 1.00 25.75 ? 27  VAL A CB  1 
ATOM   56   C  CG1 . VAL A 1 11  ? -7.089  -10.478 -10.986 1.00 26.01 ? 27  VAL A CG1 1 
ATOM   57   C  CG2 . VAL A 1 11  ? -8.420  -8.392  -10.586 1.00 17.32 ? 27  VAL A CG2 1 
ATOM   58   N  N   . ASN A 1 12  ? -5.724  -6.742  -9.190  1.00 30.52 ? 28  ASN A N   1 
ATOM   59   C  CA  . ASN A 1 12  ? -5.479  -5.404  -8.707  1.00 26.86 ? 28  ASN A CA  1 
ATOM   60   C  C   . ASN A 1 12  ? -6.593  -4.482  -9.141  1.00 29.32 ? 28  ASN A C   1 
ATOM   61   O  O   . ASN A 1 12  ? -6.467  -3.735  -10.112 1.00 29.24 ? 28  ASN A O   1 
ATOM   62   C  CB  . ASN A 1 12  ? -4.146  -4.910  -9.212  1.00 23.65 ? 28  ASN A CB  1 
ATOM   63   C  CG  . ASN A 1 12  ? -3.582  -3.820  -8.360  1.00 24.61 ? 28  ASN A CG  1 
ATOM   64   O  OD1 . ASN A 1 12  ? -3.498  -3.959  -7.139  1.00 29.56 ? 28  ASN A OD1 1 
ATOM   65   N  ND2 . ASN A 1 12  ? -3.157  -2.739  -8.989  1.00 19.98 ? 28  ASN A ND2 1 
ATOM   66   N  N   . GLU A 1 13  ? -7.700  -4.553  -8.412  1.00 30.70 ? 29  GLU A N   1 
ATOM   67   C  CA  . GLU A 1 13  ? -8.840  -3.733  -8.699  1.00 31.55 ? 29  GLU A CA  1 
ATOM   68   C  C   . GLU A 1 13  ? -9.455  -3.174  -7.416  1.00 33.37 ? 29  GLU A C   1 
ATOM   69   O  O   . GLU A 1 13  ? -9.148  -3.614  -6.297  1.00 34.38 ? 29  GLU A O   1 
ATOM   70   C  CB  . GLU A 1 13  ? -9.831  -4.549  -9.522  1.00 32.78 ? 29  GLU A CB  1 
ATOM   71   C  CG  . GLU A 1 13  ? -10.550 -5.646  -8.720  1.00 36.08 ? 29  GLU A CG  1 
ATOM   72   C  CD  . GLU A 1 13  ? -11.368 -6.615  -9.591  1.00 34.30 ? 29  GLU A CD  1 
ATOM   73   O  OE1 . GLU A 1 13  ? -11.668 -6.327  -10.773 1.00 38.24 ? 29  GLU A OE1 1 
ATOM   74   O  OE2 . GLU A 1 13  ? -11.680 -7.693  -9.067  1.00 42.34 ? 29  GLU A OE2 1 
ATOM   75   N  N   . PRO A 1 14  ? -10.328 -2.172  -7.555  1.00 36.24 ? 30  PRO A N   1 
ATOM   76   C  CA  . PRO A 1 14  ? -10.870 -1.535  -6.354  1.00 36.71 ? 30  PRO A CA  1 
ATOM   77   C  C   . PRO A 1 14  ? -11.708 -2.486  -5.509  1.00 38.57 ? 30  PRO A C   1 
ATOM   78   O  O   . PRO A 1 14  ? -12.378 -3.372  -6.052  1.00 39.35 ? 30  PRO A O   1 
ATOM   79   C  CB  . PRO A 1 14  ? -11.724 -0.420  -6.930  1.00 36.97 ? 30  PRO A CB  1 
ATOM   80   C  CG  . PRO A 1 14  ? -11.161 -0.150  -8.251  1.00 35.04 ? 30  PRO A CG  1 
ATOM   81   C  CD  . PRO A 1 14  ? -10.751 -1.469  -8.772  1.00 34.54 ? 30  PRO A CD  1 
HETATM 82   N  N   . MSE A 1 15  ? -11.645 -2.320  -4.193  1.00 40.91 ? 31  MSE A N   1 
HETATM 83   C  CA  . MSE A 1 15  ? -12.351 -3.217  -3.289  1.00 43.76 ? 31  MSE A CA  1 
HETATM 84   C  C   . MSE A 1 15  ? -13.858 -3.028  -3.412  1.00 48.47 ? 31  MSE A C   1 
HETATM 85   O  O   . MSE A 1 15  ? -14.322 -1.970  -3.845  1.00 50.30 ? 31  MSE A O   1 
HETATM 86   C  CB  . MSE A 1 15  ? -11.838 -3.067  -1.846  1.00 42.72 ? 31  MSE A CB  1 
HETATM 87   C  CG  . MSE A 1 15  ? -11.913 -1.697  -1.190  1.00 45.07 ? 31  MSE A CG  1 
HETATM 88   SE SE  . MSE A 1 15  ? -10.875 -1.696  0.476   0.75 41.60 ? 31  MSE A SE  1 
HETATM 89   C  CE  . MSE A 1 15  ? -9.197  -0.985  -0.143  1.00 35.68 ? 31  MSE A CE  1 
ATOM   90   N  N   . GLN A 1 16  ? -14.619 -4.073  -3.083  1.00 53.78 ? 32  GLN A N   1 
ATOM   91   C  CA  . GLN A 1 16  ? -16.100 -4.030  -3.166  1.00 58.05 ? 32  GLN A CA  1 
ATOM   92   C  C   . GLN A 1 16  ? -16.739 -3.528  -1.864  1.00 59.08 ? 32  GLN A C   1 
ATOM   93   O  O   . GLN A 1 16  ? -17.761 -2.850  -1.904  1.00 59.38 ? 32  GLN A O   1 
ATOM   94   C  CB  . GLN A 1 16  ? -16.668 -5.405  -3.555  1.00 59.39 ? 32  GLN A CB  1 
ATOM   95   C  CG  . GLN A 1 16  ? -16.093 -5.983  -4.878  1.00 62.44 ? 32  GLN A CG  1 
ATOM   96   C  CD  . GLN A 1 16  ? -16.490 -5.180  -6.125  1.00 69.68 ? 32  GLN A CD  1 
ATOM   97   O  OE1 . GLN A 1 16  ? -17.413 -4.359  -6.095  1.00 77.27 ? 32  GLN A OE1 1 
ATOM   98   N  NE2 . GLN A 1 16  ? -15.797 -5.431  -7.228  1.00 73.94 ? 32  GLN A NE2 1 
ATOM   99   N  N   . SER A 1 17  ? -16.130 -3.871  -0.724  1.00 60.54 ? 33  SER A N   1 
ATOM   100  C  CA  . SER A 1 17  ? -16.553 -3.369  0.577   1.00 60.83 ? 33  SER A CA  1 
ATOM   101  C  C   . SER A 1 17  ? -15.337 -2.920  1.352   1.00 60.60 ? 33  SER A C   1 
ATOM   102  O  O   . SER A 1 17  ? -14.236 -3.403  1.115   1.00 59.22 ? 33  SER A O   1 
ATOM   103  C  CB  . SER A 1 17  ? -17.245 -4.460  1.399   1.00 61.46 ? 33  SER A CB  1 
ATOM   104  O  OG  . SER A 1 17  ? -16.286 -5.210  2.146   1.00 64.49 ? 33  SER A OG  1 
ATOM   105  N  N   . PHE A 1 18  ? -15.585 -2.041  2.323   1.00 61.73 ? 34  PHE A N   1 
ATOM   106  C  CA  . PHE A 1 18  ? -14.602 -1.577  3.309   1.00 62.58 ? 34  PHE A CA  1 
ATOM   107  C  C   . PHE A 1 18  ? -13.812 -2.740  3.945   1.00 62.70 ? 34  PHE A C   1 
ATOM   108  O  O   . PHE A 1 18  ? -12.625 -2.617  4.268   1.00 62.35 ? 34  PHE A O   1 
ATOM   109  C  CB  . PHE A 1 18  ? -15.335 -0.797  4.430   1.00 63.71 ? 34  PHE A CB  1 
ATOM   110  C  CG  . PHE A 1 18  ? -15.764 0.629   4.042   1.00 71.01 ? 34  PHE A CG  1 
ATOM   111  C  CD1 . PHE A 1 18  ? -16.704 0.866   3.022   1.00 74.34 ? 34  PHE A CD1 1 
ATOM   112  C  CD2 . PHE A 1 18  ? -15.243 1.736   4.725   1.00 72.80 ? 34  PHE A CD2 1 
ATOM   113  C  CE1 . PHE A 1 18  ? -17.090 2.178   2.678   1.00 74.10 ? 34  PHE A CE1 1 
ATOM   114  C  CE2 . PHE A 1 18  ? -15.630 3.043   4.385   1.00 73.81 ? 34  PHE A CE2 1 
ATOM   115  C  CZ  . PHE A 1 18  ? -16.553 3.263   3.362   1.00 74.30 ? 34  PHE A CZ  1 
ATOM   116  N  N   . GLU A 1 19  ? -14.473 -3.883  4.096   1.00 63.58 ? 35  GLU A N   1 
ATOM   117  C  CA  . GLU A 1 19  ? -13.922 -5.002  4.854   1.00 62.96 ? 35  GLU A CA  1 
ATOM   118  C  C   . GLU A 1 19  ? -12.747 -5.748  4.159   1.00 63.43 ? 35  GLU A C   1 
ATOM   119  O  O   . GLU A 1 19  ? -11.962 -6.425  4.833   1.00 65.29 ? 35  GLU A O   1 
ATOM   120  C  CB  . GLU A 1 19  ? -15.068 -5.967  5.228   1.00 61.91 ? 35  GLU A CB  1 
ATOM   121  C  CG  . GLU A 1 19  ? -16.366 -5.278  5.730   1.00 58.58 ? 35  GLU A CG  1 
ATOM   122  N  N   . GLU A 1 20  ? -12.590 -5.605  2.843   1.00 61.88 ? 36  GLU A N   1 
ATOM   123  C  CA  . GLU A 1 20  ? -11.603 -6.424  2.095   1.00 62.32 ? 36  GLU A CA  1 
ATOM   124  C  C   . GLU A 1 20  ? -10.121 -6.210  2.465   1.00 62.96 ? 36  GLU A C   1 
ATOM   125  O  O   . GLU A 1 20  ? -9.327  -7.153  2.480   1.00 63.46 ? 36  GLU A O   1 
ATOM   126  C  CB  . GLU A 1 20  ? -11.741 -6.216  0.586   1.00 60.79 ? 36  GLU A CB  1 
ATOM   127  C  CG  . GLU A 1 20  ? -13.134 -6.424  0.029   1.00 63.19 ? 36  GLU A CG  1 
ATOM   128  C  CD  . GLU A 1 20  ? -13.128 -6.498  -1.483  1.00 58.51 ? 36  GLU A CD  1 
ATOM   129  O  OE1 . GLU A 1 20  ? -12.057 -6.263  -2.081  1.00 50.70 ? 36  GLU A OE1 1 
ATOM   130  O  OE2 . GLU A 1 20  ? -14.193 -6.781  -2.072  1.00 59.30 ? 36  GLU A OE2 1 
ATOM   131  N  N   . ASN A 1 21  ? -9.737  -4.961  2.666   1.00 63.40 ? 37  ASN A N   1 
ATOM   132  C  CA  . ASN A 1 21  ? -8.406  -4.634  3.150   1.00 63.68 ? 37  ASN A CA  1 
ATOM   133  C  C   . ASN A 1 21  ? -8.689  -3.432  4.035   1.00 63.00 ? 37  ASN A C   1 
ATOM   134  O  O   . ASN A 1 21  ? -8.569  -2.284  3.617   1.00 61.59 ? 37  ASN A O   1 
ATOM   135  C  CB  . ASN A 1 21  ? -7.407  -4.361  2.001   1.00 63.88 ? 37  ASN A CB  1 
ATOM   136  C  CG  . ASN A 1 21  ? -5.942  -4.657  2.406   1.00 67.20 ? 37  ASN A CG  1 
ATOM   137  O  OD1 . ASN A 1 21  ? -5.684  -5.178  3.501   1.00 68.87 ? 37  ASN A OD1 1 
ATOM   138  N  ND2 . ASN A 1 21  ? -4.989  -4.326  1.523   1.00 58.65 ? 37  ASN A ND2 1 
ATOM   139  N  N   . PRO A 1 22  ? -9.127  -3.709  5.270   1.00 63.68 ? 38  PRO A N   1 
ATOM   140  C  CA  . PRO A 1 22  ? -9.749  -2.694  6.128   1.00 61.79 ? 38  PRO A CA  1 
ATOM   141  C  C   . PRO A 1 22  ? -8.856  -1.518  6.516   1.00 58.83 ? 38  PRO A C   1 
ATOM   142  O  O   . PRO A 1 22  ? -9.384  -0.463  6.847   1.00 58.30 ? 38  PRO A O   1 
ATOM   143  C  CB  . PRO A 1 22  ? -10.176 -3.494  7.367   1.00 62.34 ? 38  PRO A CB  1 
ATOM   144  C  CG  . PRO A 1 22  ? -9.211  -4.641  7.431   1.00 63.73 ? 38  PRO A CG  1 
ATOM   145  C  CD  . PRO A 1 22  ? -8.836  -4.960  6.002   1.00 64.21 ? 38  PRO A CD  1 
ATOM   146  N  N   . GLU A 1 23  ? -7.533  -1.682  6.451   1.00 56.17 ? 39  GLU A N   1 
ATOM   147  C  CA  . GLU A 1 23  ? -6.612  -0.591  6.800   1.00 54.31 ? 39  GLU A CA  1 
ATOM   148  C  C   . GLU A 1 23  ? -6.529  0.500   5.712   1.00 49.33 ? 39  GLU A C   1 
ATOM   149  O  O   . GLU A 1 23  ? -5.893  1.531   5.934   1.00 49.51 ? 39  GLU A O   1 
ATOM   150  C  CB  . GLU A 1 23  ? -5.208  -1.145  7.179   1.00 56.11 ? 39  GLU A CB  1 
ATOM   151  C  CG  . GLU A 1 23  ? -4.275  -1.651  6.013   1.00 62.82 ? 39  GLU A CG  1 
ATOM   152  C  CD  . GLU A 1 23  ? -2.945  -2.334  6.508   1.00 71.44 ? 39  GLU A CD  1 
ATOM   153  O  OE1 . GLU A 1 23  ? -3.060  -3.328  7.261   1.00 69.12 ? 39  GLU A OE1 1 
ATOM   154  O  OE2 . GLU A 1 23  ? -1.799  -1.900  6.139   1.00 67.49 ? 39  GLU A OE2 1 
ATOM   155  N  N   . TYR A 1 24  ? -7.186  0.274   4.571   1.00 43.58 ? 40  TYR A N   1 
ATOM   156  C  CA  . TYR A 1 24  ? -7.162  1.176   3.417   1.00 43.11 ? 40  TYR A CA  1 
ATOM   157  C  C   . TYR A 1 24  ? -8.545  1.763   3.053   1.00 42.25 ? 40  TYR A C   1 
ATOM   158  O  O   . TYR A 1 24  ? -9.557  1.061   3.065   1.00 42.58 ? 40  TYR A O   1 
ATOM   159  C  CB  . TYR A 1 24  ? -6.604  0.422   2.184   1.00 44.81 ? 40  TYR A CB  1 
ATOM   160  C  CG  . TYR A 1 24  ? -5.155  -0.017  2.338   1.00 46.55 ? 40  TYR A CG  1 
ATOM   161  C  CD1 . TYR A 1 24  ? -4.099  0.831   1.990   1.00 43.49 ? 40  TYR A CD1 1 
ATOM   162  C  CD2 . TYR A 1 24  ? -4.839  -1.268  2.835   1.00 55.96 ? 40  TYR A CD2 1 
ATOM   163  C  CE1 . TYR A 1 24  ? -2.779  0.445   2.155   1.00 43.05 ? 40  TYR A CE1 1 
ATOM   164  C  CE2 . TYR A 1 24  ? -3.515  -1.668  2.991   1.00 59.09 ? 40  TYR A CE2 1 
ATOM   165  C  CZ  . TYR A 1 24  ? -2.496  -0.806  2.664   1.00 51.67 ? 40  TYR A CZ  1 
ATOM   166  O  OH  . TYR A 1 24  ? -1.203  -1.217  2.849   1.00 55.29 ? 40  TYR A OH  1 
ATOM   167  N  N   . ALA A 1 25  ? -8.568  3.045   2.683   1.00 40.83 ? 41  ALA A N   1 
ATOM   168  C  CA  . ALA A 1 25  ? -9.802  3.740   2.290   1.00 38.64 ? 41  ALA A CA  1 
ATOM   169  C  C   . ALA A 1 25  ? -10.199 3.372   0.857   1.00 38.37 ? 41  ALA A C   1 
ATOM   170  O  O   . ALA A 1 25  ? -9.385  3.495   -0.053  1.00 39.35 ? 41  ALA A O   1 
ATOM   171  C  CB  . ALA A 1 25  ? -9.629  5.270   2.413   1.00 36.29 ? 41  ALA A CB  1 
ATOM   172  N  N   . PRO A 1 26  ? -11.448 2.927   0.648   1.00 37.26 ? 42  PRO A N   1 
ATOM   173  C  CA  . PRO A 1 26  ? -11.959 2.656   -0.705  1.00 36.65 ? 42  PRO A CA  1 
ATOM   174  C  C   . PRO A 1 26  ? -11.873 3.886   -1.579  1.00 35.79 ? 42  PRO A C   1 
ATOM   175  O  O   . PRO A 1 26  ? -11.976 4.999   -1.060  1.00 37.35 ? 42  PRO A O   1 
ATOM   176  C  CB  . PRO A 1 26  ? -13.443 2.350   -0.478  1.00 37.38 ? 42  PRO A CB  1 
ATOM   177  C  CG  . PRO A 1 26  ? -13.599 2.027   0.977   1.00 36.70 ? 42  PRO A CG  1 
ATOM   178  C  CD  . PRO A 1 26  ? -12.432 2.621   1.704   1.00 37.56 ? 42  PRO A CD  1 
ATOM   179  N  N   . LEU A 1 27  ? -11.732 3.694   -2.886  1.00 34.71 ? 43  LEU A N   1 
ATOM   180  C  CA  . LEU A 1 27  ? -11.650 4.816   -3.820  1.00 35.17 ? 43  LEU A CA  1 
ATOM   181  C  C   . LEU A 1 27  ? -12.703 5.889   -3.575  1.00 36.37 ? 43  LEU A C   1 
ATOM   182  O  O   . LEU A 1 27  ? -13.855 5.615   -3.182  1.00 37.52 ? 43  LEU A O   1 
ATOM   183  C  CB  . LEU A 1 27  ? -11.796 4.361   -5.272  1.00 34.87 ? 43  LEU A CB  1 
ATOM   184  C  CG  . LEU A 1 27  ? -10.624 3.723   -6.003  1.00 37.37 ? 43  LEU A CG  1 
ATOM   185  C  CD1 . LEU A 1 27  ? -10.974 3.762   -7.474  1.00 28.92 ? 43  LEU A CD1 1 
ATOM   186  C  CD2 . LEU A 1 27  ? -9.287  4.438   -5.761  1.00 36.24 ? 43  LEU A CD2 1 
ATOM   187  N  N   . ASN A 1 28  ? -12.299 7.126   -3.817  1.00 35.88 ? 44  ASN A N   1 
ATOM   188  C  CA  . ASN A 1 28  ? -13.193 8.263   -3.658  1.00 35.07 ? 44  ASN A CA  1 
ATOM   189  C  C   . ASN A 1 28  ? -13.860 8.364   -2.270  1.00 33.88 ? 44  ASN A C   1 
ATOM   190  O  O   . ASN A 1 28  ? -14.962 8.867   -2.152  1.00 33.93 ? 44  ASN A O   1 
ATOM   191  C  CB  . ASN A 1 28  ? -14.217 8.255   -4.793  1.00 33.54 ? 44  ASN A CB  1 
ATOM   192  C  CG  . ASN A 1 28  ? -13.554 8.219   -6.155  1.00 36.55 ? 44  ASN A CG  1 
ATOM   193  O  OD1 . ASN A 1 28  ? -12.876 9.174   -6.557  1.00 37.86 ? 44  ASN A OD1 1 
ATOM   194  N  ND2 . ASN A 1 28  ? -13.726 7.109   -6.868  1.00 26.46 ? 44  ASN A ND2 1 
ATOM   195  N  N   . THR A 1 29  ? -13.179 7.887   -1.230  1.00 33.03 ? 45  THR A N   1 
ATOM   196  C  CA  . THR A 1 29  ? -13.586 8.135   0.145   1.00 32.38 ? 45  THR A CA  1 
ATOM   197  C  C   . THR A 1 29  ? -12.362 8.508   0.995   1.00 33.43 ? 45  THR A C   1 
ATOM   198  O  O   . THR A 1 29  ? -11.224 8.124   0.683   1.00 35.97 ? 45  THR A O   1 
ATOM   199  C  CB  . THR A 1 29  ? -14.301 6.922   0.797   1.00 31.80 ? 45  THR A CB  1 
ATOM   200  O  OG1 . THR A 1 29  ? -13.331 6.002   1.318   1.00 40.62 ? 45  THR A OG1 1 
ATOM   201  C  CG2 . THR A 1 29  ? -15.228 6.228   -0.181  1.00 22.11 ? 45  THR A CG2 1 
ATOM   202  N  N   . ILE A 1 30  ? -12.613 9.270   2.058   1.00 32.97 ? 46  ILE A N   1 
ATOM   203  C  CA  . ILE A 1 30  ? -11.595 9.664   3.034   1.00 32.68 ? 46  ILE A CA  1 
ATOM   204  C  C   . ILE A 1 30  ? -12.208 9.455   4.408   1.00 33.49 ? 46  ILE A C   1 
ATOM   205  O  O   . ILE A 1 30  ? -13.310 9.908   4.639   1.00 32.54 ? 46  ILE A O   1 
ATOM   206  C  CB  . ILE A 1 30  ? -11.160 11.140  2.858   1.00 31.84 ? 46  ILE A CB  1 
ATOM   207  C  CG1 . ILE A 1 30  ? -10.773 11.387  1.393   1.00 35.15 ? 46  ILE A CG1 1 
ATOM   208  C  CG2 . ILE A 1 30  ? -9.999  11.482  3.798   1.00 25.13 ? 46  ILE A CG2 1 
ATOM   209  C  CD1 . ILE A 1 30  ? -10.168 12.741  1.109   1.00 40.99 ? 46  ILE A CD1 1 
ATOM   210  N  N   . PRO A 1 31  ? -11.533 8.717   5.308   1.00 36.59 ? 47  PRO A N   1 
ATOM   211  C  CA  . PRO A 1 31  ? -12.127 8.553   6.639   1.00 38.34 ? 47  PRO A CA  1 
ATOM   212  C  C   . PRO A 1 31  ? -12.404 9.896   7.288   1.00 38.78 ? 47  PRO A C   1 
ATOM   213  O  O   . PRO A 1 31  ? -11.578 10.803  7.172   1.00 40.31 ? 47  PRO A O   1 
ATOM   214  C  CB  . PRO A 1 31  ? -11.053 7.780   7.437   1.00 38.70 ? 47  PRO A CB  1 
ATOM   215  C  CG  . PRO A 1 31  ? -9.913  7.538   6.507   1.00 36.05 ? 47  PRO A CG  1 
ATOM   216  C  CD  . PRO A 1 31  ? -10.401 7.799   5.110   1.00 37.49 ? 47  PRO A CD  1 
ATOM   217  N  N   . ASP A 1 32  ? -13.546 10.021  7.958   1.00 37.52 ? 48  ASP A N   1 
ATOM   218  C  CA  . ASP A 1 32  ? -13.915 11.295  8.520   1.00 37.85 ? 48  ASP A CA  1 
ATOM   219  C  C   . ASP A 1 32  ? -12.785 11.897  9.350   1.00 38.12 ? 48  ASP A C   1 
ATOM   220  O  O   . ASP A 1 32  ? -12.408 13.049  9.147   1.00 38.51 ? 48  ASP A O   1 
ATOM   221  C  CB  . ASP A 1 32  ? -15.172 11.204  9.383   1.00 37.99 ? 48  ASP A CB  1 
ATOM   222  C  CG  . ASP A 1 32  ? -15.645 12.581  9.841   1.00 40.14 ? 48  ASP A CG  1 
ATOM   223  O  OD1 . ASP A 1 32  ? -15.724 13.482  8.984   1.00 36.57 ? 48  ASP A OD1 1 
ATOM   224  O  OD2 . ASP A 1 32  ? -15.905 12.787  11.046  1.00 42.26 ? 48  ASP A OD2 1 
ATOM   225  N  N   . TRP A 1 33  ? -12.221 11.115  10.263  1.00 37.93 ? 49  TRP A N   1 
ATOM   226  C  CA  . TRP A 1 33  ? -11.211 11.649  11.171  1.00 38.66 ? 49  TRP A CA  1 
ATOM   227  C  C   . TRP A 1 33  ? -10.074 12.416  10.475  1.00 39.66 ? 49  TRP A C   1 
ATOM   228  O  O   . TRP A 1 33  ? -9.483  13.337  11.057  1.00 38.51 ? 49  TRP A O   1 
ATOM   229  C  CB  . TRP A 1 33  ? -10.653 10.536  12.058  1.00 38.26 ? 49  TRP A CB  1 
ATOM   230  C  CG  . TRP A 1 33  ? -9.792  9.573   11.360  1.00 42.44 ? 49  TRP A CG  1 
ATOM   231  C  CD1 . TRP A 1 33  ? -10.171 8.399   10.799  1.00 43.07 ? 49  TRP A CD1 1 
ATOM   232  C  CD2 . TRP A 1 33  ? -8.380  9.684   11.155  1.00 48.32 ? 49  TRP A CD2 1 
ATOM   233  N  NE1 . TRP A 1 33  ? -9.085  7.773   10.245  1.00 40.85 ? 49  TRP A NE1 1 
ATOM   234  C  CE2 . TRP A 1 33  ? -7.972  8.540   10.450  1.00 40.81 ? 49  TRP A CE2 1 
ATOM   235  C  CE3 . TRP A 1 33  ? -7.420  10.647  11.495  1.00 52.09 ? 49  TRP A CE3 1 
ATOM   236  C  CZ2 . TRP A 1 33  ? -6.650  8.324   10.081  1.00 45.28 ? 49  TRP A CZ2 1 
ATOM   237  C  CZ3 . TRP A 1 33  ? -6.095  10.430  11.121  1.00 53.60 ? 49  TRP A CZ3 1 
ATOM   238  C  CH2 . TRP A 1 33  ? -5.727  9.276   10.423  1.00 49.95 ? 49  TRP A CH2 1 
ATOM   239  N  N   . VAL A 1 34  ? -9.767  12.029  9.235   1.00 41.44 ? 50  VAL A N   1 
ATOM   240  C  CA  . VAL A 1 34  ? -8.678  12.656  8.479   1.00 41.94 ? 50  VAL A CA  1 
ATOM   241  C  C   . VAL A 1 34  ? -8.880  14.155  8.310   1.00 42.92 ? 50  VAL A C   1 
ATOM   242  O  O   . VAL A 1 34  ? -7.942  14.935  8.490   1.00 43.46 ? 50  VAL A O   1 
ATOM   243  C  CB  . VAL A 1 34  ? -8.488  12.000  7.085   1.00 41.60 ? 50  VAL A CB  1 
ATOM   244  C  CG1 . VAL A 1 34  ? -7.594  12.849  6.208   1.00 37.81 ? 50  VAL A CG1 1 
ATOM   245  C  CG2 . VAL A 1 34  ? -7.897  10.638  7.246   1.00 39.45 ? 50  VAL A CG2 1 
ATOM   246  N  N   . SER A 1 35  ? -10.116 14.551  8.007   1.00 43.83 ? 51  SER A N   1 
ATOM   247  C  CA  . SER A 1 35  ? -10.443 15.956  7.730   1.00 42.83 ? 51  SER A CA  1 
ATOM   248  C  C   . SER A 1 35  ? -10.143 16.899  8.880   1.00 43.12 ? 51  SER A C   1 
ATOM   249  O  O   . SER A 1 35  ? -10.266 18.108  8.720   1.00 46.44 ? 51  SER A O   1 
ATOM   250  C  CB  . SER A 1 35  ? -11.916 16.112  7.314   1.00 42.42 ? 51  SER A CB  1 
ATOM   251  O  OG  . SER A 1 35  ? -12.811 15.861  8.384   1.00 39.76 ? 51  SER A OG  1 
ATOM   252  N  N   . GLU A 1 36  ? -9.790  16.362  10.043  1.00 42.27 ? 52  GLU A N   1 
ATOM   253  C  CA  . GLU A 1 36  ? -9.442  17.192  11.191  1.00 41.58 ? 52  GLU A CA  1 
ATOM   254  C  C   . GLU A 1 36  ? -7.952  17.344  11.333  1.00 40.31 ? 52  GLU A C   1 
ATOM   255  O  O   . GLU A 1 36  ? -7.483  18.080  12.193  1.00 41.46 ? 52  GLU A O   1 
ATOM   256  C  CB  . GLU A 1 36  ? -10.008 16.605  12.470  1.00 41.60 ? 52  GLU A CB  1 
ATOM   257  C  CG  . GLU A 1 36  ? -11.369 17.143  12.820  1.00 46.67 ? 52  GLU A CG  1 
ATOM   258  C  CD  . GLU A 1 36  ? -11.956 16.416  13.995  1.00 50.81 ? 52  GLU A CD  1 
ATOM   259  O  OE1 . GLU A 1 36  ? -11.848 15.169  14.034  1.00 53.23 ? 52  GLU A OE1 1 
ATOM   260  O  OE2 . GLU A 1 36  ? -12.519 17.086  14.881  1.00 52.15 ? 52  GLU A OE2 1 
ATOM   261  N  N   . LYS A 1 37  ? -7.211  16.672  10.465  1.00 39.26 ? 53  LYS A N   1 
ATOM   262  C  CA  . LYS A 1 37  ? -5.768  16.618  10.565  1.00 37.43 ? 53  LYS A CA  1 
ATOM   263  C  C   . LYS A 1 37  ? -5.074  17.300  9.389   1.00 35.38 ? 53  LYS A C   1 
ATOM   264  O  O   . LYS A 1 37  ? -3.849  17.307  9.319   1.00 33.43 ? 53  LYS A O   1 
ATOM   265  C  CB  . LYS A 1 37  ? -5.363  15.156  10.629  1.00 39.17 ? 53  LYS A CB  1 
ATOM   266  C  CG  . LYS A 1 37  ? -5.835  14.440  11.892  1.00 41.85 ? 53  LYS A CG  1 
ATOM   267  C  CD  . LYS A 1 37  ? -4.882  14.696  13.041  1.00 44.78 ? 53  LYS A CD  1 
ATOM   268  C  CE  . LYS A 1 37  ? -4.848  13.532  14.010  1.00 46.96 ? 53  LYS A CE  1 
ATOM   269  N  NZ  . LYS A 1 37  ? -3.613  13.585  14.835  1.00 48.95 ? 53  LYS A NZ  1 
ATOM   270  N  N   . VAL A 1 38  ? -5.846  17.899  8.483   1.00 34.42 ? 54  VAL A N   1 
ATOM   271  C  CA  . VAL A 1 38  ? -5.283  18.517  7.283   1.00 32.96 ? 54  VAL A CA  1 
ATOM   272  C  C   . VAL A 1 38  ? -6.005  19.837  6.924   1.00 34.54 ? 54  VAL A C   1 
ATOM   273  O  O   . VAL A 1 38  ? -7.094  20.108  7.424   1.00 34.24 ? 54  VAL A O   1 
ATOM   274  C  CB  . VAL A 1 38  ? -5.357  17.521  6.110   1.00 32.42 ? 54  VAL A CB  1 
ATOM   275  C  CG1 . VAL A 1 38  ? -4.572  16.257  6.447   1.00 28.55 ? 54  VAL A CG1 1 
ATOM   276  C  CG2 . VAL A 1 38  ? -6.814  17.161  5.791   1.00 28.40 ? 54  VAL A CG2 1 
ATOM   277  N  N   . THR A 1 39  ? -5.375  20.655  6.077   1.00 35.14 ? 55  THR A N   1 
ATOM   278  C  CA  . THR A 1 39  ? -5.976  21.887  5.557   1.00 34.80 ? 55  THR A CA  1 
ATOM   279  C  C   . THR A 1 39  ? -6.844  21.546  4.327   1.00 34.84 ? 55  THR A C   1 
ATOM   280  O  O   . THR A 1 39  ? -6.591  20.551  3.657   1.00 35.42 ? 55  THR A O   1 
ATOM   281  C  CB  . THR A 1 39  ? -4.881  22.932  5.129   1.00 35.85 ? 55  THR A CB  1 
ATOM   282  O  OG1 . THR A 1 39  ? -4.261  22.529  3.897   1.00 35.87 ? 55  THR A OG1 1 
ATOM   283  C  CG2 . THR A 1 39  ? -3.807  23.102  6.205   1.00 34.73 ? 55  THR A CG2 1 
ATOM   284  N  N   . PRO A 1 40  ? -7.872  22.365  4.018   1.00 35.08 ? 56  PRO A N   1 
ATOM   285  C  CA  . PRO A 1 40  ? -8.630  22.141  2.786   1.00 34.21 ? 56  PRO A CA  1 
ATOM   286  C  C   . PRO A 1 40  ? -7.767  21.914  1.547   1.00 34.12 ? 56  PRO A C   1 
ATOM   287  O  O   . PRO A 1 40  ? -8.127  21.086  0.717   1.00 33.84 ? 56  PRO A O   1 
ATOM   288  C  CB  . PRO A 1 40  ? -9.428  23.438  2.630   1.00 32.82 ? 56  PRO A CB  1 
ATOM   289  C  CG  . PRO A 1 40  ? -9.685  23.861  4.010   1.00 33.51 ? 56  PRO A CG  1 
ATOM   290  C  CD  . PRO A 1 40  ? -8.515  23.399  4.850   1.00 35.37 ? 56  PRO A CD  1 
ATOM   291  N  N   . LYS A 1 41  ? -6.656  22.644  1.423   1.00 34.38 ? 57  LYS A N   1 
ATOM   292  C  CA  . LYS A 1 41  ? -5.752  22.508  0.271   1.00 34.34 ? 57  LYS A CA  1 
ATOM   293  C  C   . LYS A 1 41  ? -5.268  21.059  0.193   1.00 34.92 ? 57  LYS A C   1 
ATOM   294  O  O   . LYS A 1 41  ? -5.375  20.385  -0.844  1.00 31.92 ? 57  LYS A O   1 
ATOM   295  C  CB  . LYS A 1 41  ? -4.540  23.425  0.420   1.00 34.12 ? 57  LYS A CB  1 
ATOM   296  C  CG  . LYS A 1 41  ? -4.838  24.911  0.615   1.00 35.42 ? 57  LYS A CG  1 
ATOM   297  C  CD  . LYS A 1 41  ? -4.634  25.760  -0.650  1.00 32.77 ? 57  LYS A CD  1 
ATOM   298  C  CE  . LYS A 1 41  ? -4.151  27.166  -0.239  1.00 36.29 ? 57  LYS A CE  1 
ATOM   299  N  NZ  . LYS A 1 41  ? -4.346  28.253  -1.246  1.00 30.05 ? 57  LYS A NZ  1 
ATOM   300  N  N   . GLU A 1 42  ? -4.751  20.604  1.333   1.00 35.84 ? 58  GLU A N   1 
ATOM   301  C  CA  . GLU A 1 42  ? -4.267  19.245  1.510   1.00 36.05 ? 58  GLU A CA  1 
ATOM   302  C  C   . GLU A 1 42  ? -5.380  18.244  1.246   1.00 37.74 ? 58  GLU A C   1 
ATOM   303  O  O   . GLU A 1 42  ? -5.232  17.336  0.404   1.00 39.87 ? 58  GLU A O   1 
ATOM   304  C  CB  . GLU A 1 42  ? -3.721  19.063  2.932   1.00 35.21 ? 58  GLU A CB  1 
ATOM   305  C  CG  . GLU A 1 42  ? -2.414  19.812  3.179   1.00 32.74 ? 58  GLU A CG  1 
ATOM   306  C  CD  . GLU A 1 42  ? -2.082  20.007  4.644   1.00 38.04 ? 58  GLU A CD  1 
ATOM   307  O  OE1 . GLU A 1 42  ? -2.875  19.619  5.529   1.00 42.07 ? 58  GLU A OE1 1 
ATOM   308  O  OE2 . GLU A 1 42  ? -1.010  20.575  4.915   1.00 46.12 ? 58  GLU A OE2 1 
ATOM   309  N  N   . TYR A 1 43  ? -6.497  18.419  1.949   1.00 36.59 ? 59  TYR A N   1 
ATOM   310  C  CA  . TYR A 1 43  ? -7.644  17.518  1.802   1.00 35.23 ? 59  TYR A CA  1 
ATOM   311  C  C   . TYR A 1 43  ? -8.018  17.336  0.338   1.00 34.46 ? 59  TYR A C   1 
ATOM   312  O  O   . TYR A 1 43  ? -8.362  16.235  -0.098  1.00 34.48 ? 59  TYR A O   1 
ATOM   313  C  CB  . TYR A 1 43  ? -8.841  18.051  2.582   1.00 34.61 ? 59  TYR A CB  1 
ATOM   314  C  CG  . TYR A 1 43  ? -9.984  17.068  2.718   1.00 32.67 ? 59  TYR A CG  1 
ATOM   315  C  CD1 . TYR A 1 43  ? -10.041 16.191  3.807   1.00 34.14 ? 59  TYR A CD1 1 
ATOM   316  C  CD2 . TYR A 1 43  ? -11.017 17.019  1.775   1.00 26.26 ? 59  TYR A CD2 1 
ATOM   317  C  CE1 . TYR A 1 43  ? -11.091 15.290  3.961   1.00 29.21 ? 59  TYR A CE1 1 
ATOM   318  C  CE2 . TYR A 1 43  ? -12.070 16.113  1.920   1.00 27.34 ? 59  TYR A CE2 1 
ATOM   319  C  CZ  . TYR A 1 43  ? -12.096 15.257  3.021   1.00 28.38 ? 59  TYR A CZ  1 
ATOM   320  O  OH  . TYR A 1 43  ? -13.119 14.355  3.188   1.00 33.10 ? 59  TYR A OH  1 
ATOM   321  N  N   . GLU A 1 44  ? -7.917  18.414  -0.424  1.00 35.23 ? 60  GLU A N   1 
ATOM   322  C  CA  . GLU A 1 44  ? -8.278  18.370  -1.833  1.00 37.21 ? 60  GLU A CA  1 
ATOM   323  C  C   . GLU A 1 44  ? -7.329  17.484  -2.636  1.00 36.41 ? 60  GLU A C   1 
ATOM   324  O  O   . GLU A 1 44  ? -7.755  16.823  -3.574  1.00 39.15 ? 60  GLU A O   1 
ATOM   325  C  CB  . GLU A 1 44  ? -8.318  19.777  -2.437  1.00 38.31 ? 60  GLU A CB  1 
ATOM   326  C  CG  . GLU A 1 44  ? -9.519  19.994  -3.337  1.00 42.12 ? 60  GLU A CG  1 
ATOM   327  C  CD  . GLU A 1 44  ? -10.818 19.748  -2.600  1.00 41.94 ? 60  GLU A CD  1 
ATOM   328  O  OE1 . GLU A 1 44  ? -10.895 20.135  -1.417  1.00 40.96 ? 60  GLU A OE1 1 
ATOM   329  O  OE2 . GLU A 1 44  ? -11.744 19.148  -3.189  1.00 39.89 ? 60  GLU A OE2 1 
ATOM   330  N  N   . LEU A 1 45  ? -6.049  17.472  -2.277  1.00 33.45 ? 61  LEU A N   1 
ATOM   331  C  CA  . LEU A 1 45  ? -5.099  16.618  -2.959  1.00 31.82 ? 61  LEU A CA  1 
ATOM   332  C  C   . LEU A 1 45  ? -5.445  15.138  -2.640  1.00 32.28 ? 61  LEU A C   1 
ATOM   333  O  O   . LEU A 1 45  ? -5.587  14.290  -3.533  1.00 29.61 ? 61  LEU A O   1 
ATOM   334  C  CB  . LEU A 1 45  ? -3.665  16.995  -2.566  1.00 31.16 ? 61  LEU A CB  1 
ATOM   335  C  CG  . LEU A 1 45  ? -3.178  18.368  -3.044  1.00 24.84 ? 61  LEU A CG  1 
ATOM   336  C  CD1 . LEU A 1 45  ? -1.792  18.654  -2.522  1.00 19.35 ? 61  LEU A CD1 1 
ATOM   337  C  CD2 . LEU A 1 45  ? -3.211  18.492  -4.563  1.00 15.96 ? 61  LEU A CD2 1 
ATOM   338  N  N   . TRP A 1 46  ? -5.646  14.843  -1.369  1.00 32.07 ? 62  TRP A N   1 
ATOM   339  C  CA  . TRP A 1 46  ? -6.111  13.518  -0.999  1.00 32.82 ? 62  TRP A CA  1 
ATOM   340  C  C   . TRP A 1 46  ? -7.380  13.098  -1.752  1.00 34.06 ? 62  TRP A C   1 
ATOM   341  O  O   . TRP A 1 46  ? -7.469  11.967  -2.229  1.00 34.02 ? 62  TRP A O   1 
ATOM   342  C  CB  . TRP A 1 46  ? -6.307  13.424  0.505   1.00 32.11 ? 62  TRP A CB  1 
ATOM   343  C  CG  . TRP A 1 46  ? -4.998  13.501  1.227   1.00 34.65 ? 62  TRP A CG  1 
ATOM   344  C  CD1 . TRP A 1 46  ? -4.605  14.458  2.109   1.00 34.78 ? 62  TRP A CD1 1 
ATOM   345  C  CD2 . TRP A 1 46  ? -3.885  12.618  1.073   1.00 37.03 ? 62  TRP A CD2 1 
ATOM   346  N  NE1 . TRP A 1 46  ? -3.325  14.216  2.535   1.00 33.97 ? 62  TRP A NE1 1 
ATOM   347  C  CE2 . TRP A 1 46  ? -2.856  13.093  1.916   1.00 36.03 ? 62  TRP A CE2 1 
ATOM   348  C  CE3 . TRP A 1 46  ? -3.656  11.468  0.307   1.00 33.98 ? 62  TRP A CE3 1 
ATOM   349  C  CZ2 . TRP A 1 46  ? -1.618  12.449  2.030   1.00 40.05 ? 62  TRP A CZ2 1 
ATOM   350  C  CZ3 . TRP A 1 46  ? -2.422  10.833  0.414   1.00 32.47 ? 62  TRP A CZ3 1 
ATOM   351  C  CH2 . TRP A 1 46  ? -1.420  11.320  1.272   1.00 32.85 ? 62  TRP A CH2 1 
ATOM   352  N  N   . ARG A 1 47  ? -8.359  13.989  -1.875  1.00 34.97 ? 63  ARG A N   1 
ATOM   353  C  CA  . ARG A 1 47  ? -9.535  13.650  -2.674  1.00 34.74 ? 63  ARG A CA  1 
ATOM   354  C  C   . ARG A 1 47  ? -9.117  13.207  -4.084  1.00 32.67 ? 63  ARG A C   1 
ATOM   355  O  O   . ARG A 1 47  ? -9.610  12.192  -4.571  1.00 31.29 ? 63  ARG A O   1 
ATOM   356  C  CB  . ARG A 1 47  ? -10.540 14.808  -2.772  1.00 35.35 ? 63  ARG A CB  1 
ATOM   357  C  CG  . ARG A 1 47  ? -11.821 14.418  -3.557  1.00 40.27 ? 63  ARG A CG  1 
ATOM   358  C  CD  . ARG A 1 47  ? -12.578 15.608  -4.111  1.00 45.34 ? 63  ARG A CD  1 
ATOM   359  N  NE  . ARG A 1 47  ? -12.746 16.617  -3.081  1.00 51.35 ? 63  ARG A NE  1 
ATOM   360  C  CZ  . ARG A 1 47  ? -13.587 16.512  -2.057  1.00 56.34 ? 63  ARG A CZ  1 
ATOM   361  N  NH1 . ARG A 1 47  ? -14.364 15.435  -1.916  1.00 58.89 ? 63  ARG A NH1 1 
ATOM   362  N  NH2 . ARG A 1 47  ? -13.650 17.494  -1.162  1.00 57.38 ? 63  ARG A NH2 1 
ATOM   363  N  N   . THR A 1 48  ? -8.236  13.972  -4.735  1.00 32.10 ? 64  THR A N   1 
ATOM   364  C  CA  . THR A 1 48  ? -7.747  13.617  -6.086  1.00 33.84 ? 64  THR A CA  1 
ATOM   365  C  C   . THR A 1 48  ? -7.055  12.241  -6.082  1.00 34.74 ? 64  THR A C   1 
ATOM   366  O  O   . THR A 1 48  ? -7.260  11.392  -6.951  1.00 34.29 ? 64  THR A O   1 
ATOM   367  C  CB  . THR A 1 48  ? -6.730  14.663  -6.613  1.00 33.17 ? 64  THR A CB  1 
ATOM   368  O  OG1 . THR A 1 48  ? -7.401  15.897  -6.861  1.00 29.94 ? 64  THR A OG1 1 
ATOM   369  C  CG2 . THR A 1 48  ? -6.027  14.169  -7.909  1.00 29.22 ? 64  THR A CG2 1 
HETATM 370  N  N   . MSE A 1 49  ? -6.237  12.070  -5.057  1.00 35.47 ? 65  MSE A N   1 
HETATM 371  C  CA  . MSE A 1 49  ? -5.406  10.909  -4.857  1.00 34.12 ? 65  MSE A CA  1 
HETATM 372  C  C   . MSE A 1 49  ? -6.294  9.687   -4.624  1.00 33.67 ? 65  MSE A C   1 
HETATM 373  O  O   . MSE A 1 49  ? -6.019  8.608   -5.140  1.00 33.09 ? 65  MSE A O   1 
HETATM 374  C  CB  . MSE A 1 49  ? -4.508  11.199  -3.645  1.00 32.90 ? 65  MSE A CB  1 
HETATM 375  C  CG  . MSE A 1 49  ? -3.171  10.588  -3.702  1.00 35.89 ? 65  MSE A CG  1 
HETATM 376  SE SE  . MSE A 1 49  ? -1.929  11.275  -5.041  0.75 20.63 ? 65  MSE A SE  1 
HETATM 377  C  CE  . MSE A 1 49  ? -0.730  9.802   -4.586  1.00 29.69 ? 65  MSE A CE  1 
ATOM   378  N  N   . SER A 1 50  ? -7.396  9.874   -3.894  1.00 32.49 ? 66  SER A N   1 
ATOM   379  C  CA  . SER A 1 50  ? -8.298  8.760   -3.563  1.00 30.94 ? 66  SER A CA  1 
ATOM   380  C  C   . SER A 1 50  ? -9.085  8.277   -4.778  1.00 29.85 ? 66  SER A C   1 
ATOM   381  O  O   . SER A 1 50  ? -9.798  7.281   -4.695  1.00 27.78 ? 66  SER A O   1 
ATOM   382  C  CB  . SER A 1 50  ? -9.279  9.141   -2.438  1.00 30.83 ? 66  SER A CB  1 
ATOM   383  O  OG  . SER A 1 50  ? -10.375 9.892   -2.949  1.00 27.28 ? 66  SER A OG  1 
ATOM   384  N  N   . SER A 1 51  ? -8.976  8.989   -5.897  1.00 30.43 ? 67  SER A N   1 
ATOM   385  C  CA  . SER A 1 51  ? -9.646  8.565   -7.122  1.00 31.54 ? 67  SER A CA  1 
ATOM   386  C  C   . SER A 1 51  ? -8.828  7.507   -7.858  1.00 33.69 ? 67  SER A C   1 
ATOM   387  O  O   . SER A 1 51  ? -9.301  6.944   -8.838  1.00 35.36 ? 67  SER A O   1 
ATOM   388  C  CB  . SER A 1 51  ? -9.844  9.748   -8.050  1.00 29.51 ? 67  SER A CB  1 
ATOM   389  O  OG  . SER A 1 51  ? -8.626  10.110  -8.667  1.00 26.51 ? 67  SER A OG  1 
ATOM   390  N  N   . ARG A 1 52  ? -7.588  7.285   -7.418  1.00 34.89 ? 68  ARG A N   1 
ATOM   391  C  CA  . ARG A 1 52  ? -6.687  6.306   -8.067  1.00 35.36 ? 68  ARG A CA  1 
ATOM   392  C  C   . ARG A 1 52  ? -6.034  5.326   -7.113  1.00 34.26 ? 68  ARG A C   1 
ATOM   393  O  O   . ARG A 1 52  ? -5.563  4.282   -7.562  1.00 35.79 ? 68  ARG A O   1 
ATOM   394  C  CB  . ARG A 1 52  ? -5.555  7.020   -8.803  1.00 35.72 ? 68  ARG A CB  1 
ATOM   395  C  CG  . ARG A 1 52  ? -6.015  7.938   -9.891  1.00 38.20 ? 68  ARG A CG  1 
ATOM   396  C  CD  . ARG A 1 52  ? -6.487  7.160   -11.089 1.00 42.02 ? 68  ARG A CD  1 
ATOM   397  N  NE  . ARG A 1 52  ? -6.815  8.089   -12.149 1.00 42.16 ? 68  ARG A NE  1 
ATOM   398  C  CZ  . ARG A 1 52  ? -7.959  8.752   -12.230 1.00 42.21 ? 68  ARG A CZ  1 
ATOM   399  N  NH1 . ARG A 1 52  ? -8.914  8.555   -11.325 1.00 33.99 ? 68  ARG A NH1 1 
ATOM   400  N  NH2 . ARG A 1 52  ? -8.147  9.611   -13.232 1.00 46.57 ? 68  ARG A NH2 1 
ATOM   401  N  N   . TYR A 1 53  ? -5.979  5.667   -5.827  1.00 32.72 ? 69  TYR A N   1 
ATOM   402  C  CA  . TYR A 1 53  ? -5.284  4.859   -4.831  1.00 32.98 ? 69  TYR A CA  1 
ATOM   403  C  C   . TYR A 1 53  ? -6.210  4.585   -3.660  1.00 33.30 ? 69  TYR A C   1 
ATOM   404  O  O   . TYR A 1 53  ? -7.032  5.437   -3.293  1.00 38.24 ? 69  TYR A O   1 
ATOM   405  C  CB  . TYR A 1 53  ? -4.057  5.595   -4.282  1.00 31.67 ? 69  TYR A CB  1 
ATOM   406  C  CG  . TYR A 1 53  ? -2.977  5.891   -5.279  1.00 33.64 ? 69  TYR A CG  1 
ATOM   407  C  CD1 . TYR A 1 53  ? -3.013  7.046   -6.064  1.00 32.36 ? 69  TYR A CD1 1 
ATOM   408  C  CD2 . TYR A 1 53  ? -1.889  5.019   -5.426  1.00 38.40 ? 69  TYR A CD2 1 
ATOM   409  C  CE1 . TYR A 1 53  ? -1.992  7.318   -6.988  1.00 39.57 ? 69  TYR A CE1 1 
ATOM   410  C  CE2 . TYR A 1 53  ? -0.872  5.277   -6.343  1.00 33.10 ? 69  TYR A CE2 1 
ATOM   411  C  CZ  . TYR A 1 53  ? -0.923  6.420   -7.118  1.00 36.56 ? 69  TYR A CZ  1 
ATOM   412  O  OH  . TYR A 1 53  ? 0.090   6.653   -8.011  1.00 34.30 ? 69  TYR A OH  1 
ATOM   413  N  N   . GLU A 1 54  ? -6.076  3.407   -3.072  1.00 29.93 ? 70  GLU A N   1 
ATOM   414  C  CA  . GLU A 1 54  ? -6.799  3.098   -1.871  1.00 30.29 ? 70  GLU A CA  1 
ATOM   415  C  C   . GLU A 1 54  ? -5.787  3.302   -0.780  1.00 31.41 ? 70  GLU A C   1 
ATOM   416  O  O   . GLU A 1 54  ? -4.813  2.563   -0.697  1.00 32.82 ? 70  GLU A O   1 
ATOM   417  C  CB  . GLU A 1 54  ? -7.380  1.699   -1.929  1.00 30.04 ? 70  GLU A CB  1 
ATOM   418  C  CG  . GLU A 1 54  ? -8.566  1.657   -2.905  1.00 33.42 ? 70  GLU A CG  1 
ATOM   419  C  CD  . GLU A 1 54  ? -9.063  0.260   -3.218  1.00 39.59 ? 70  GLU A CD  1 
ATOM   420  O  OE1 . GLU A 1 54  ? -8.213  -0.673  -3.337  1.00 48.39 ? 70  GLU A OE1 1 
ATOM   421  O  OE2 . GLU A 1 54  ? -10.304 0.116   -3.372  1.00 33.53 ? 70  GLU A OE2 1 
ATOM   422  N  N   . ILE A 1 55  ? -6.030  4.328   0.040   1.00 31.23 ? 71  ILE A N   1 
ATOM   423  C  CA  . ILE A 1 55  ? -5.016  4.938   0.895   1.00 30.34 ? 71  ILE A CA  1 
ATOM   424  C  C   . ILE A 1 55  ? -5.148  4.567   2.379   1.00 31.97 ? 71  ILE A C   1 
ATOM   425  O  O   . ILE A 1 55  ? -6.228  4.554   2.948   1.00 34.22 ? 71  ILE A O   1 
ATOM   426  C  CB  . ILE A 1 55  ? -5.074  6.487   0.741   1.00 28.54 ? 71  ILE A CB  1 
ATOM   427  C  CG1 . ILE A 1 55  ? -4.961  6.883   -0.739  1.00 28.39 ? 71  ILE A CG1 1 
ATOM   428  C  CG2 . ILE A 1 55  ? -3.978  7.158   1.537   1.00 30.32 ? 71  ILE A CG2 1 
ATOM   429  C  CD1 . ILE A 1 55  ? -5.122  8.397   -1.052  1.00 22.26 ? 71  ILE A CD1 1 
ATOM   430  N  N   . ASN A 1 56  ? -4.025  4.254   2.997   1.00 33.07 ? 72  ASN A N   1 
ATOM   431  C  CA  . ASN A 1 56  ? -3.970  4.047   4.432   1.00 33.31 ? 72  ASN A CA  1 
ATOM   432  C  C   . ASN A 1 56  ? -3.484  5.351   5.049   1.00 33.31 ? 72  ASN A C   1 
ATOM   433  O  O   . ASN A 1 56  ? -2.369  5.781   4.779   1.00 32.57 ? 72  ASN A O   1 
ATOM   434  C  CB  . ASN A 1 56  ? -3.033  2.897   4.800   1.00 31.62 ? 72  ASN A CB  1 
ATOM   435  C  CG  . ASN A 1 56  ? -2.886  2.734   6.293   1.00 35.13 ? 72  ASN A CG  1 
ATOM   436  O  OD1 . ASN A 1 56  ? -2.986  3.701   7.027   1.00 41.80 ? 72  ASN A OD1 1 
ATOM   437  N  ND2 . ASN A 1 56  ? -2.644  1.518   6.749   1.00 33.18 ? 72  ASN A ND2 1 
ATOM   438  N  N   . TYR A 1 57  ? -4.327  5.957   5.891   1.00 36.55 ? 73  TYR A N   1 
ATOM   439  C  CA  . TYR A 1 57  ? -4.043  7.257   6.522   1.00 36.36 ? 73  TYR A CA  1 
ATOM   440  C  C   . TYR A 1 57  ? -3.370  7.136   7.896   1.00 39.07 ? 73  TYR A C   1 
ATOM   441  O  O   . TYR A 1 57  ? -3.180  8.142   8.566   1.00 42.36 ? 73  TYR A O   1 
ATOM   442  C  CB  . TYR A 1 57  ? -5.328  8.109   6.597   1.00 33.74 ? 73  TYR A CB  1 
ATOM   443  C  CG  . TYR A 1 57  ? -5.825  8.571   5.229   1.00 29.97 ? 73  TYR A CG  1 
ATOM   444  C  CD1 . TYR A 1 57  ? -5.248  9.672   4.581   1.00 25.17 ? 73  TYR A CD1 1 
ATOM   445  C  CD2 . TYR A 1 57  ? -6.856  7.897   4.573   1.00 30.99 ? 73  TYR A CD2 1 
ATOM   446  C  CE1 . TYR A 1 57  ? -5.693  10.098  3.301   1.00 25.20 ? 73  TYR A CE1 1 
ATOM   447  C  CE2 . TYR A 1 57  ? -7.301  8.306   3.291   1.00 33.17 ? 73  TYR A CE2 1 
ATOM   448  C  CZ  . TYR A 1 57  ? -6.716  9.411   2.669   1.00 31.49 ? 73  TYR A CZ  1 
ATOM   449  O  OH  . TYR A 1 57  ? -7.162  9.797   1.416   1.00 38.81 ? 73  TYR A OH  1 
ATOM   450  N  N   . SER A 1 58  ? -2.960  5.929   8.293   1.00 40.47 ? 74  SER A N   1 
ATOM   451  C  CA  . SER A 1 58  ? -2.346  5.698   9.614   1.00 41.50 ? 74  SER A CA  1 
ATOM   452  C  C   . SER A 1 58  ? -1.247  6.704   9.980   1.00 40.79 ? 74  SER A C   1 
ATOM   453  O  O   . SER A 1 58  ? -1.012  6.956   11.154  1.00 41.45 ? 74  SER A O   1 
ATOM   454  C  CB  . SER A 1 58  ? -1.736  4.294   9.710   1.00 41.32 ? 74  SER A CB  1 
ATOM   455  O  OG  . SER A 1 58  ? -0.470  4.260   9.041   1.00 46.01 ? 74  SER A OG  1 
ATOM   456  N  N   . PHE A 1 59  ? -0.564  7.255   8.990   1.00 40.09 ? 75  PHE A N   1 
ATOM   457  C  CA  . PHE A 1 59  ? 0.524   8.182   9.264   1.00 42.25 ? 75  PHE A CA  1 
ATOM   458  C  C   . PHE A 1 59  ? 0.127   9.523   9.869   1.00 45.34 ? 75  PHE A C   1 
ATOM   459  O  O   . PHE A 1 59  ? 0.971   10.228  10.425  1.00 47.15 ? 75  PHE A O   1 
ATOM   460  C  CB  . PHE A 1 59  ? 1.289   8.459   7.990   1.00 42.46 ? 75  PHE A CB  1 
ATOM   461  C  CG  . PHE A 1 59  ? 0.612   9.430   7.073   1.00 43.12 ? 75  PHE A CG  1 
ATOM   462  C  CD1 . PHE A 1 59  ? -0.463  9.030   6.280   1.00 44.13 ? 75  PHE A CD1 1 
ATOM   463  C  CD2 . PHE A 1 59  ? 1.073   10.743  6.977   1.00 41.52 ? 75  PHE A CD2 1 
ATOM   464  C  CE1 . PHE A 1 59  ? -1.074  9.924   5.411   1.00 39.37 ? 75  PHE A CE1 1 
ATOM   465  C  CE2 . PHE A 1 59  ? 0.472   11.637  6.111   1.00 40.65 ? 75  PHE A CE2 1 
ATOM   466  C  CZ  . PHE A 1 59  ? -0.606  11.225  5.321   1.00 39.60 ? 75  PHE A CZ  1 
ATOM   467  N  N   . LEU A 1 60  ? -1.137  9.910   9.724   1.00 47.63 ? 76  LEU A N   1 
ATOM   468  C  CA  . LEU A 1 60  ? -1.628  11.154  10.328  1.00 47.04 ? 76  LEU A CA  1 
ATOM   469  C  C   . LEU A 1 60  ? -1.884  10.951  11.812  1.00 47.78 ? 76  LEU A C   1 
ATOM   470  O  O   . LEU A 1 60  ? -2.184  11.903  12.518  1.00 49.19 ? 76  LEU A O   1 
ATOM   471  C  CB  . LEU A 1 60  ? -2.901  11.657  9.626   1.00 46.31 ? 76  LEU A CB  1 
ATOM   472  C  CG  . LEU A 1 60  ? -2.724  12.215  8.205   1.00 42.60 ? 76  LEU A CG  1 
ATOM   473  C  CD1 . LEU A 1 60  ? -4.066  12.402  7.529   1.00 36.82 ? 76  LEU A CD1 1 
ATOM   474  C  CD2 . LEU A 1 60  ? -1.951  13.519  8.216   1.00 38.56 ? 76  LEU A CD2 1 
ATOM   475  N  N   . LYS A 1 61  ? -1.752  9.721   12.297  1.00 48.96 ? 77  LYS A N   1 
ATOM   476  C  CA  . LYS A 1 61  ? -1.926  9.454   13.708  1.00 51.88 ? 77  LYS A CA  1 
ATOM   477  C  C   . LYS A 1 61  ? -0.595  9.599   14.457  1.00 53.44 ? 77  LYS A C   1 
ATOM   478  O  O   . LYS A 1 61  ? -0.331  8.878   15.412  1.00 55.71 ? 77  LYS A O   1 
ATOM   479  C  CB  . LYS A 1 61  ? -2.538  8.066   13.916  1.00 52.25 ? 77  LYS A CB  1 
ATOM   480  C  CG  . LYS A 1 61  ? -3.860  7.851   13.168  1.00 58.51 ? 77  LYS A CG  1 
ATOM   481  C  CD  . LYS A 1 61  ? -4.891  7.058   14.004  1.00 63.46 ? 77  LYS A CD  1 
ATOM   482  C  CE  . LYS A 1 61  ? -5.773  6.142   13.135  1.00 65.56 ? 77  LYS A CE  1 
ATOM   483  N  NZ  . LYS A 1 61  ? -5.002  5.026   12.442  1.00 58.25 ? 77  LYS A NZ  1 
ATOM   484  N  N   . LYS A 1 62  ? 0.228   10.560  14.051  1.00 54.28 ? 78  LYS A N   1 
ATOM   485  C  CA  . LYS A 1 62  ? 1.566   10.701  14.606  1.00 55.05 ? 78  LYS A CA  1 
ATOM   486  C  C   . LYS A 1 62  ? 2.138   12.049  14.204  1.00 55.08 ? 78  LYS A C   1 
ATOM   487  O  O   . LYS A 1 62  ? 1.839   12.562  13.131  1.00 54.44 ? 78  LYS A O   1 
ATOM   488  C  CB  . LYS A 1 62  ? 2.462   9.580   14.071  1.00 55.61 ? 78  LYS A CB  1 
ATOM   489  C  CG  . LYS A 1 62  ? 3.655   9.208   14.946  1.00 58.70 ? 78  LYS A CG  1 
ATOM   490  C  CD  . LYS A 1 62  ? 4.342   7.928   14.426  1.00 60.20 ? 78  LYS A CD  1 
ATOM   491  C  CE  . LYS A 1 62  ? 3.546   6.660   14.775  1.00 62.57 ? 78  LYS A CE  1 
ATOM   492  N  NZ  . LYS A 1 62  ? 3.975   5.469   13.984  1.00 65.10 ? 78  LYS A NZ  1 
ATOM   493  N  N   . ASP A 1 63  ? 2.982   12.605  15.058  1.00 55.28 ? 79  ASP A N   1 
ATOM   494  C  CA  . ASP A 1 63  ? 3.528   13.931  14.821  1.00 55.56 ? 79  ASP A CA  1 
ATOM   495  C  C   . ASP A 1 63  ? 4.550   13.902  13.693  1.00 54.22 ? 79  ASP A C   1 
ATOM   496  O  O   . ASP A 1 63  ? 5.561   13.229  13.795  1.00 53.64 ? 79  ASP A O   1 
ATOM   497  C  CB  . ASP A 1 63  ? 4.168   14.465  16.098  1.00 56.49 ? 79  ASP A CB  1 
ATOM   498  C  CG  . ASP A 1 63  ? 3.212   14.456  17.278  1.00 60.14 ? 79  ASP A CG  1 
ATOM   499  O  OD1 . ASP A 1 63  ? 1.975   14.496  17.061  1.00 61.64 ? 79  ASP A OD1 1 
ATOM   500  O  OD2 . ASP A 1 63  ? 3.707   14.406  18.428  1.00 65.43 ? 79  ASP A OD2 1 
ATOM   501  N  N   . ILE A 1 64  ? 4.270   14.652  12.632  1.00 53.65 ? 80  ILE A N   1 
ATOM   502  C  CA  . ILE A 1 64  ? 5.089   14.684  11.420  1.00 53.46 ? 80  ILE A CA  1 
ATOM   503  C  C   . ILE A 1 64  ? 5.849   15.998  11.372  1.00 52.11 ? 80  ILE A C   1 
ATOM   504  O  O   . ILE A 1 64  ? 5.238   17.039  11.485  1.00 53.20 ? 80  ILE A O   1 
ATOM   505  C  CB  . ILE A 1 64  ? 4.190   14.639  10.136  1.00 53.89 ? 80  ILE A CB  1 
ATOM   506  C  CG1 . ILE A 1 64  ? 3.065   13.584  10.242  1.00 53.55 ? 80  ILE A CG1 1 
ATOM   507  C  CG2 . ILE A 1 64  ? 5.036   14.441  8.892   1.00 55.09 ? 80  ILE A CG2 1 
ATOM   508  C  CD1 . ILE A 1 64  ? 1.664   14.154  10.680  1.00 49.58 ? 80  ILE A CD1 1 
ATOM   509  N  N   . SER A 1 65  ? 7.162   15.978  11.166  1.00 51.65 ? 81  SER A N   1 
ATOM   510  C  CA  . SER A 1 65  ? 7.916   17.236  11.059  1.00 51.01 ? 81  SER A CA  1 
ATOM   511  C  C   . SER A 1 65  ? 7.527   18.016  9.812   1.00 51.47 ? 81  SER A C   1 
ATOM   512  O  O   . SER A 1 65  ? 6.868   17.488  8.913   1.00 52.74 ? 81  SER A O   1 
ATOM   513  C  CB  . SER A 1 65  ? 9.420   16.988  11.019  1.00 51.00 ? 81  SER A CB  1 
ATOM   514  O  OG  . SER A 1 65  ? 9.864   16.744  9.697   1.00 52.98 ? 81  SER A OG  1 
ATOM   515  N  N   . GLU A 1 66  ? 7.953   19.271  9.756   1.00 52.86 ? 82  GLU A N   1 
ATOM   516  C  CA  . GLU A 1 66  ? 7.682   20.127  8.605   1.00 53.30 ? 82  GLU A CA  1 
ATOM   517  C  C   . GLU A 1 66  ? 8.483   19.633  7.404   1.00 53.40 ? 82  GLU A C   1 
ATOM   518  O  O   . GLU A 1 66  ? 7.955   19.600  6.294   1.00 55.24 ? 82  GLU A O   1 
ATOM   519  C  CB  . GLU A 1 66  ? 7.970   21.612  8.908   1.00 53.13 ? 82  GLU A CB  1 
ATOM   520  C  CG  . GLU A 1 66  ? 7.084   22.229  10.015  1.00 53.19 ? 82  GLU A CG  1 
ATOM   521  C  CD  . GLU A 1 66  ? 5.572   21.990  9.813   1.00 56.97 ? 82  GLU A CD  1 
ATOM   522  O  OE1 . GLU A 1 66  ? 5.057   22.190  8.689   1.00 61.52 ? 82  GLU A OE1 1 
ATOM   523  O  OE2 . GLU A 1 66  ? 4.886   21.605  10.784  1.00 52.77 ? 82  GLU A OE2 1 
ATOM   524  N  N   . LYS A 1 67  ? 9.733   19.220  7.621   1.00 52.43 ? 83  LYS A N   1 
ATOM   525  C  CA  . LYS A 1 67  ? 10.544  18.632  6.545   1.00 52.49 ? 83  LYS A CA  1 
ATOM   526  C  C   . LYS A 1 67  ? 9.774   17.467  5.899   1.00 51.76 ? 83  LYS A C   1 
ATOM   527  O  O   . LYS A 1 67  ? 9.720   17.351  4.674   1.00 48.71 ? 83  LYS A O   1 
ATOM   528  C  CB  . LYS A 1 67  ? 11.893  18.124  7.075   1.00 52.64 ? 83  LYS A CB  1 
ATOM   529  C  CG  . LYS A 1 67  ? 12.892  17.699  5.977   1.00 56.37 ? 83  LYS A CG  1 
ATOM   530  C  CD  . LYS A 1 67  ? 13.825  16.535  6.404   1.00 58.41 ? 83  LYS A CD  1 
ATOM   531  C  CE  . LYS A 1 67  ? 13.056  15.204  6.509   1.00 61.68 ? 83  LYS A CE  1 
ATOM   532  N  NZ  . LYS A 1 67  ? 13.912  13.982  6.581   1.00 55.06 ? 83  LYS A NZ  1 
ATOM   533  N  N   . ARG A 1 68  ? 9.171   16.630  6.746   1.00 51.63 ? 84  ARG A N   1 
ATOM   534  C  CA  . ARG A 1 68  ? 8.420   15.468  6.300   1.00 51.39 ? 84  ARG A CA  1 
ATOM   535  C  C   . ARG A 1 68  ? 7.137   15.864  5.589   1.00 51.41 ? 84  ARG A C   1 
ATOM   536  O  O   . ARG A 1 68  ? 6.866   15.364  4.504   1.00 50.23 ? 84  ARG A O   1 
ATOM   537  C  CB  . ARG A 1 68  ? 8.112   14.544  7.473   1.00 50.91 ? 84  ARG A CB  1 
ATOM   538  C  CG  . ARG A 1 68  ? 7.374   13.265  7.098   1.00 52.50 ? 84  ARG A CG  1 
ATOM   539  C  CD  . ARG A 1 68  ? 8.139   12.430  6.074   1.00 53.01 ? 84  ARG A CD  1 
ATOM   540  N  NE  . ARG A 1 68  ? 7.441   11.188  5.705   1.00 54.26 ? 84  ARG A NE  1 
ATOM   541  C  CZ  . ARG A 1 68  ? 7.837   10.358  4.731   1.00 46.58 ? 84  ARG A CZ  1 
ATOM   542  N  NH1 . ARG A 1 68  ? 8.924   10.637  4.022   1.00 44.31 ? 84  ARG A NH1 1 
ATOM   543  N  NH2 . ARG A 1 68  ? 7.150   9.248   4.450   1.00 38.34 ? 84  ARG A NH2 1 
ATOM   544  N  N   . LYS A 1 69  ? 6.347   16.752  6.191   1.00 51.93 ? 85  LYS A N   1 
ATOM   545  C  CA  . LYS A 1 69  ? 5.136   17.242  5.515   1.00 52.29 ? 85  LYS A CA  1 
ATOM   546  C  C   . LYS A 1 69  ? 5.446   17.716  4.094   1.00 51.30 ? 85  LYS A C   1 
ATOM   547  O  O   . LYS A 1 69  ? 4.659   17.484  3.178   1.00 49.33 ? 85  LYS A O   1 
ATOM   548  C  CB  . LYS A 1 69  ? 4.491   18.417  6.252   1.00 53.16 ? 85  LYS A CB  1 
ATOM   549  C  CG  . LYS A 1 69  ? 3.623   18.073  7.433   1.00 55.14 ? 85  LYS A CG  1 
ATOM   550  C  CD  . LYS A 1 69  ? 2.711   19.261  7.765   1.00 58.05 ? 85  LYS A CD  1 
ATOM   551  C  CE  . LYS A 1 69  ? 2.574   19.466  9.263   1.00 60.72 ? 85  LYS A CE  1 
ATOM   552  N  NZ  . LYS A 1 69  ? 2.258   18.183  9.958   1.00 58.91 ? 85  LYS A NZ  1 
ATOM   553  N  N   . LYS A 1 70  ? 6.569   18.417  3.923   1.00 51.03 ? 86  LYS A N   1 
ATOM   554  C  CA  . LYS A 1 70  ? 6.952   18.908  2.607   1.00 50.43 ? 86  LYS A CA  1 
ATOM   555  C  C   . LYS A 1 70  ? 7.140   17.712  1.690   1.00 50.67 ? 86  LYS A C   1 
ATOM   556  O  O   . LYS A 1 70  ? 6.582   17.671  0.595   1.00 52.40 ? 86  LYS A O   1 
ATOM   557  C  CB  . LYS A 1 70  ? 8.233   19.735  2.653   1.00 49.86 ? 86  LYS A CB  1 
ATOM   558  C  CG  . LYS A 1 70  ? 8.479   20.491  1.356   1.00 50.73 ? 86  LYS A CG  1 
ATOM   559  C  CD  . LYS A 1 70  ? 9.719   21.371  1.418   1.00 50.63 ? 86  LYS A CD  1 
ATOM   560  C  CE  . LYS A 1 70  ? 9.652   22.500  0.395   1.00 52.04 ? 86  LYS A CE  1 
ATOM   561  N  NZ  . LYS A 1 70  ? 9.166   22.011  -0.926  1.00 49.33 ? 86  LYS A NZ  1 
ATOM   562  N  N   . GLU A 1 71  ? 7.906   16.726  2.157   1.00 49.26 ? 87  GLU A N   1 
ATOM   563  C  CA  . GLU A 1 71  ? 8.121   15.499  1.393   1.00 48.32 ? 87  GLU A CA  1 
ATOM   564  C  C   . GLU A 1 71  ? 6.779   14.881  0.949   1.00 47.04 ? 87  GLU A C   1 
ATOM   565  O  O   . GLU A 1 71  ? 6.509   14.747  -0.261  1.00 46.87 ? 87  GLU A O   1 
ATOM   566  C  CB  . GLU A 1 71  ? 8.958   14.486  2.203   1.00 48.18 ? 87  GLU A CB  1 
ATOM   567  C  CG  . GLU A 1 71  ? 10.467  14.765  2.176   1.00 46.48 ? 87  GLU A CG  1 
ATOM   568  C  CD  . GLU A 1 71  ? 11.265  13.936  3.176   1.00 43.75 ? 87  GLU A CD  1 
ATOM   569  O  OE1 . GLU A 1 71  ? 10.732  12.948  3.722   1.00 39.03 ? 87  GLU A OE1 1 
ATOM   570  O  OE2 . GLU A 1 71  ? 12.443  14.283  3.417   1.00 45.96 ? 87  GLU A OE2 1 
ATOM   571  N  N   . ILE A 1 72  ? 5.935   14.549  1.929   1.00 43.76 ? 88  ILE A N   1 
ATOM   572  C  CA  . ILE A 1 72  ? 4.660   13.907  1.653   1.00 41.62 ? 88  ILE A CA  1 
ATOM   573  C  C   . ILE A 1 72  ? 3.833   14.722  0.657   1.00 43.78 ? 88  ILE A C   1 
ATOM   574  O  O   . ILE A 1 72  ? 3.318   14.182  -0.322  1.00 47.09 ? 88  ILE A O   1 
ATOM   575  C  CB  . ILE A 1 72  ? 3.841   13.627  2.936   1.00 40.18 ? 88  ILE A CB  1 
ATOM   576  C  CG1 . ILE A 1 72  ? 4.622   12.719  3.891   1.00 36.72 ? 88  ILE A CG1 1 
ATOM   577  C  CG2 . ILE A 1 72  ? 2.522   12.958  2.580   1.00 35.26 ? 88  ILE A CG2 1 
ATOM   578  C  CD1 . ILE A 1 72  ? 3.836   12.271  5.097   1.00 33.97 ? 88  ILE A CD1 1 
ATOM   579  N  N   . TYR A 1 73  ? 3.730   16.025  0.867   1.00 44.50 ? 89  TYR A N   1 
ATOM   580  C  CA  . TYR A 1 73  ? 2.842   16.820  0.027   1.00 44.91 ? 89  TYR A CA  1 
ATOM   581  C  C   . TYR A 1 73  ? 3.485   17.159  -1.321  1.00 43.52 ? 89  TYR A C   1 
ATOM   582  O  O   . TYR A 1 73  ? 2.801   17.172  -2.339  1.00 42.02 ? 89  TYR A O   1 
ATOM   583  C  CB  . TYR A 1 73  ? 2.256   18.024  0.816   1.00 45.94 ? 89  TYR A CB  1 
ATOM   584  C  CG  . TYR A 1 73  ? 1.242   17.555  1.895   1.00 49.69 ? 89  TYR A CG  1 
ATOM   585  C  CD1 . TYR A 1 73  ? -0.003  17.015  1.528   1.00 46.66 ? 89  TYR A CD1 1 
ATOM   586  C  CD2 . TYR A 1 73  ? 1.539   17.618  3.275   1.00 52.27 ? 89  TYR A CD2 1 
ATOM   587  C  CE1 . TYR A 1 73  ? -0.916  16.561  2.493   1.00 41.77 ? 89  TYR A CE1 1 
ATOM   588  C  CE2 . TYR A 1 73  ? 0.616   17.166  4.250   1.00 46.18 ? 89  TYR A CE2 1 
ATOM   589  C  CZ  . TYR A 1 73  ? -0.603  16.640  3.842   1.00 44.93 ? 89  TYR A CZ  1 
ATOM   590  O  OH  . TYR A 1 73  ? -1.515  16.208  4.781   1.00 44.28 ? 89  TYR A OH  1 
ATOM   591  N  N   . ASP A 1 74  ? 4.798   17.369  -1.344  1.00 43.48 ? 90  ASP A N   1 
ATOM   592  C  CA  . ASP A 1 74  ? 5.504   17.547  -2.617  1.00 44.03 ? 90  ASP A CA  1 
ATOM   593  C  C   . ASP A 1 74  ? 5.227   16.353  -3.519  1.00 44.39 ? 90  ASP A C   1 
ATOM   594  O  O   . ASP A 1 74  ? 5.002   16.489  -4.718  1.00 43.80 ? 90  ASP A O   1 
ATOM   595  C  CB  . ASP A 1 74  ? 7.019   17.652  -2.410  1.00 44.51 ? 90  ASP A CB  1 
ATOM   596  C  CG  . ASP A 1 74  ? 7.479   19.065  -2.080  1.00 46.05 ? 90  ASP A CG  1 
ATOM   597  O  OD1 . ASP A 1 74  ? 6.639   19.984  -2.037  1.00 45.06 ? 90  ASP A OD1 1 
ATOM   598  O  OD2 . ASP A 1 74  ? 8.698   19.254  -1.876  1.00 50.71 ? 90  ASP A OD2 1 
ATOM   599  N  N   . CYS A 1 75  ? 5.233   15.179  -2.905  1.00 44.10 ? 91  CYS A N   1 
ATOM   600  C  CA  . CYS A 1 75  ? 5.019   13.935  -3.599  1.00 43.06 ? 91  CYS A CA  1 
ATOM   601  C  C   . CYS A 1 75  ? 3.602   13.805  -4.159  1.00 41.77 ? 91  CYS A C   1 
ATOM   602  O  O   . CYS A 1 75  ? 3.408   13.581  -5.360  1.00 42.54 ? 91  CYS A O   1 
ATOM   603  C  CB  . CYS A 1 75  ? 5.318   12.807  -2.623  1.00 42.75 ? 91  CYS A CB  1 
ATOM   604  S  SG  . CYS A 1 75  ? 5.008   11.216  -3.314  1.00 47.47 ? 91  CYS A SG  1 
ATOM   605  N  N   . ILE A 1 76  ? 2.633   13.929  -3.259  1.00 41.33 ? 92  ILE A N   1 
ATOM   606  C  CA  . ILE A 1 76  ? 1.195   13.882  -3.557  1.00 40.27 ? 92  ILE A CA  1 
ATOM   607  C  C   . ILE A 1 76  ? 0.824   14.933  -4.585  1.00 37.51 ? 92  ILE A C   1 
ATOM   608  O  O   . ILE A 1 76  ? -0.023  14.711  -5.438  1.00 32.95 ? 92  ILE A O   1 
ATOM   609  C  CB  . ILE A 1 76  ? 0.409   14.117  -2.219  1.00 42.17 ? 92  ILE A CB  1 
ATOM   610  C  CG1 . ILE A 1 76  ? 0.476   12.856  -1.368  1.00 47.78 ? 92  ILE A CG1 1 
ATOM   611  C  CG2 . ILE A 1 76  ? -1.038  14.491  -2.425  1.00 43.95 ? 92  ILE A CG2 1 
ATOM   612  C  CD1 . ILE A 1 76  ? -0.018  11.603  -2.100  1.00 52.82 ? 92  ILE A CD1 1 
ATOM   613  N  N   . ASN A 1 77  ? 1.475   16.087  -4.508  1.00 38.60 ? 93  ASN A N   1 
ATOM   614  C  CA  . ASN A 1 77  ? 1.185   17.176  -5.440  1.00 40.27 ? 93  ASN A CA  1 
ATOM   615  C  C   . ASN A 1 77  ? 1.563   16.772  -6.851  1.00 39.09 ? 93  ASN A C   1 
ATOM   616  O  O   . ASN A 1 77  ? 0.789   16.934  -7.801  1.00 39.98 ? 93  ASN A O   1 
ATOM   617  C  CB  . ASN A 1 77  ? 1.928   18.466  -5.066  1.00 40.63 ? 93  ASN A CB  1 
ATOM   618  C  CG  . ASN A 1 77  ? 1.403   19.666  -5.830  1.00 43.72 ? 93  ASN A CG  1 
ATOM   619  O  OD1 . ASN A 1 77  ? 0.278   20.098  -5.599  1.00 53.01 ? 93  ASN A OD1 1 
ATOM   620  N  ND2 . ASN A 1 77  ? 2.194   20.191  -6.762  1.00 41.63 ? 93  ASN A ND2 1 
ATOM   621  N  N   . ASN A 1 78  ? 2.768   16.241  -6.963  1.00 36.91 ? 94  ASN A N   1 
ATOM   622  C  CA  . ASN A 1 78  ? 3.303   15.760  -8.218  1.00 36.71 ? 94  ASN A CA  1 
ATOM   623  C  C   . ASN A 1 78  ? 2.410   14.663  -8.806  1.00 36.78 ? 94  ASN A C   1 
ATOM   624  O  O   . ASN A 1 78  ? 2.069   14.704  -9.989  1.00 38.06 ? 94  ASN A O   1 
ATOM   625  C  CB  . ASN A 1 78  ? 4.741   15.288  -7.960  1.00 36.84 ? 94  ASN A CB  1 
ATOM   626  C  CG  . ASN A 1 78  ? 5.238   14.314  -8.980  1.00 45.68 ? 94  ASN A CG  1 
ATOM   627  O  OD1 . ASN A 1 78  ? 5.496   14.696  -10.127 1.00 49.62 ? 94  ASN A OD1 1 
ATOM   628  N  ND2 . ASN A 1 78  ? 5.398   13.029  -8.567  1.00 38.05 ? 94  ASN A ND2 1 
ATOM   629  N  N   . ILE A 1 79  ? 2.007   13.700  -7.980  1.00 35.56 ? 95  ILE A N   1 
ATOM   630  C  CA  . ILE A 1 79  ? 1.146   12.611  -8.455  1.00 36.66 ? 95  ILE A CA  1 
ATOM   631  C  C   . ILE A 1 79  ? -0.213  13.155  -8.939  1.00 37.10 ? 95  ILE A C   1 
ATOM   632  O  O   . ILE A 1 79  ? -0.704  12.759  -9.998  1.00 35.49 ? 95  ILE A O   1 
ATOM   633  C  CB  . ILE A 1 79  ? 0.954   11.491  -7.365  1.00 36.32 ? 95  ILE A CB  1 
ATOM   634  C  CG1 . ILE A 1 79  ? 2.294   10.794  -7.090  1.00 35.82 ? 95  ILE A CG1 1 
ATOM   635  C  CG2 . ILE A 1 79  ? -0.086  10.467  -7.815  1.00 30.68 ? 95  ILE A CG2 1 
ATOM   636  C  CD1 . ILE A 1 79  ? 2.379   10.048  -5.769  1.00 25.75 ? 95  ILE A CD1 1 
ATOM   637  N  N   . CYS A 1 80  ? -0.800  14.075  -8.170  1.00 37.75 ? 96  CYS A N   1 
ATOM   638  C  CA  . CYS A 1 80  ? -2.080  14.692  -8.532  1.00 37.72 ? 96  CYS A CA  1 
ATOM   639  C  C   . CYS A 1 80  ? -1.999  15.400  -9.873  1.00 38.41 ? 96  CYS A C   1 
ATOM   640  O  O   . CYS A 1 80  ? -2.928  15.351  -10.680 1.00 37.63 ? 96  CYS A O   1 
ATOM   641  C  CB  . CYS A 1 80  ? -2.489  15.703  -7.475  1.00 37.94 ? 96  CYS A CB  1 
ATOM   642  S  SG  . CYS A 1 80  ? -3.166  14.989  -5.970  1.00 39.46 ? 96  CYS A SG  1 
ATOM   643  N  N   . GLU A 1 81  ? -0.884  16.074  -10.103 1.00 39.71 ? 97  GLU A N   1 
ATOM   644  C  CA  . GLU A 1 81  ? -0.663  16.709  -11.381 1.00 42.93 ? 97  GLU A CA  1 
ATOM   645  C  C   . GLU A 1 81  ? -0.747  15.711  -12.525 1.00 42.68 ? 97  GLU A C   1 
ATOM   646  O  O   . GLU A 1 81  ? -1.302  16.020  -13.580 1.00 41.08 ? 97  GLU A O   1 
ATOM   647  C  CB  . GLU A 1 81  ? 0.686   17.422  -11.402 1.00 45.29 ? 97  GLU A CB  1 
ATOM   648  C  CG  . GLU A 1 81  ? 1.009   18.077  -12.750 1.00 52.74 ? 97  GLU A CG  1 
ATOM   649  C  CD  . GLU A 1 81  ? 1.765   19.377  -12.607 1.00 63.00 ? 97  GLU A CD  1 
ATOM   650  O  OE1 . GLU A 1 81  ? 2.124   19.739  -11.459 1.00 67.69 ? 97  GLU A OE1 1 
ATOM   651  O  OE2 . GLU A 1 81  ? 1.982   20.049  -13.647 1.00 71.78 ? 97  GLU A OE2 1 
ATOM   652  N  N   . ARG A 1 82  ? -0.206  14.515  -12.315 1.00 43.57 ? 98  ARG A N   1 
ATOM   653  C  CA  . ARG A 1 82  ? -0.264  13.477  -13.339 1.00 45.03 ? 98  ARG A CA  1 
ATOM   654  C  C   . ARG A 1 82  ? -1.651  12.893  -13.477 1.00 43.79 ? 98  ARG A C   1 
ATOM   655  O  O   . ARG A 1 82  ? -2.063  12.546  -14.581 1.00 45.08 ? 98  ARG A O   1 
ATOM   656  C  CB  . ARG A 1 82  ? 0.740   12.384  -13.033 1.00 47.90 ? 98  ARG A CB  1 
ATOM   657  C  CG  . ARG A 1 82  ? 2.134   12.922  -13.094 1.00 50.76 ? 98  ARG A CG  1 
ATOM   658  C  CD  . ARG A 1 82  ? 3.074   12.223  -12.163 1.00 55.26 ? 98  ARG A CD  1 
ATOM   659  N  NE  . ARG A 1 82  ? 4.400   12.768  -12.394 1.00 58.49 ? 98  ARG A NE  1 
ATOM   660  C  CZ  . ARG A 1 82  ? 5.182   12.421  -13.412 1.00 56.88 ? 98  ARG A CZ  1 
ATOM   661  N  NH1 . ARG A 1 82  ? 4.797   11.502  -14.291 1.00 56.28 ? 98  ARG A NH1 1 
ATOM   662  N  NH2 . ARG A 1 82  ? 6.365   12.989  -13.549 1.00 59.30 ? 98  ARG A NH2 1 
ATOM   663  N  N   . ILE A 1 83  ? -2.368  12.784  -12.360 1.00 43.03 ? 99  ILE A N   1 
ATOM   664  C  CA  . ILE A 1 83  ? -3.756  12.326  -12.392 1.00 41.31 ? 99  ILE A CA  1 
ATOM   665  C  C   . ILE A 1 83  ? -4.531  13.360  -13.176 1.00 41.14 ? 99  ILE A C   1 
ATOM   666  O  O   . ILE A 1 83  ? -5.227  13.007  -14.107 1.00 41.33 ? 99  ILE A O   1 
ATOM   667  C  CB  . ILE A 1 83  ? -4.380  12.126  -10.979 1.00 41.00 ? 99  ILE A CB  1 
ATOM   668  C  CG1 . ILE A 1 83  ? -3.613  11.033  -10.216 1.00 37.57 ? 99  ILE A CG1 1 
ATOM   669  C  CG2 . ILE A 1 83  ? -5.845  11.750  -11.099 1.00 31.16 ? 99  ILE A CG2 1 
ATOM   670  C  CD1 . ILE A 1 83  ? -4.112  10.739  -8.790  1.00 31.34 ? 99  ILE A CD1 1 
ATOM   671  N  N   . GLU A 1 84  ? -4.366  14.634  -12.832 1.00 42.94 ? 100 GLU A N   1 
ATOM   672  C  CA  . GLU A 1 84  ? -5.065  15.729  -13.539 1.00 44.77 ? 100 GLU A CA  1 
ATOM   673  C  C   . GLU A 1 84  ? -4.680  15.817  -15.019 1.00 46.62 ? 100 GLU A C   1 
ATOM   674  O  O   . GLU A 1 84  ? -5.541  16.056  -15.865 1.00 45.84 ? 100 GLU A O   1 
ATOM   675  C  CB  . GLU A 1 84  ? -4.836  17.084  -12.852 1.00 43.83 ? 100 GLU A CB  1 
ATOM   676  C  CG  . GLU A 1 84  ? -5.695  17.303  -11.619 1.00 46.50 ? 100 GLU A CG  1 
ATOM   677  C  CD  . GLU A 1 84  ? -5.217  18.458  -10.736 1.00 52.85 ? 100 GLU A CD  1 
ATOM   678  O  OE1 . GLU A 1 84  ? -4.603  19.416  -11.264 1.00 51.43 ? 100 GLU A OE1 1 
ATOM   679  O  OE2 . GLU A 1 84  ? -5.467  18.404  -9.503  1.00 56.47 ? 100 GLU A OE2 1 
ATOM   680  N  N   . LYS A 1 85  ? -3.403  15.593  -15.332 1.00 48.83 ? 101 LYS A N   1 
ATOM   681  C  CA  . LYS A 1 85  ? -2.917  15.651  -16.725 1.00 49.93 ? 101 LYS A CA  1 
ATOM   682  C  C   . LYS A 1 85  ? -3.344  14.478  -17.606 1.00 48.84 ? 101 LYS A C   1 
ATOM   683  O  O   . LYS A 1 85  ? -2.945  14.424  -18.759 1.00 48.41 ? 101 LYS A O   1 
ATOM   684  C  CB  . LYS A 1 85  ? -1.381  15.812  -16.762 1.00 50.49 ? 101 LYS A CB  1 
ATOM   685  C  CG  . LYS A 1 85  ? -0.977  17.250  -16.500 1.00 57.32 ? 101 LYS A CG  1 
ATOM   686  C  CD  . LYS A 1 85  ? 0.516   17.487  -16.400 1.00 64.11 ? 101 LYS A CD  1 
ATOM   687  C  CE  . LYS A 1 85  ? 0.760   18.994  -16.247 1.00 65.31 ? 101 LYS A CE  1 
ATOM   688  N  NZ  . LYS A 1 85  ? 2.187   19.325  -16.001 1.00 69.03 ? 101 LYS A NZ  1 
ATOM   689  N  N   . GLY A 1 86  ? -4.147  13.554  -17.077 1.00 48.61 ? 102 GLY A N   1 
ATOM   690  C  CA  . GLY A 1 86  ? -4.616  12.387  -17.833 1.00 49.15 ? 102 GLY A CA  1 
ATOM   691  C  C   . GLY A 1 86  ? -3.633  11.222  -17.842 1.00 50.04 ? 102 GLY A C   1 
ATOM   692  O  O   . GLY A 1 86  ? -3.882  10.186  -18.459 1.00 50.50 ? 102 GLY A O   1 
ATOM   693  N  N   . GLN A 1 87  ? -2.543  11.365  -17.103 1.00 49.72 ? 103 GLN A N   1 
ATOM   694  C  CA  . GLN A 1 87  ? -1.426  10.444  -17.192 1.00 49.64 ? 103 GLN A CA  1 
ATOM   695  C  C   . GLN A 1 87  ? -1.519  9.232   -16.273 1.00 48.76 ? 103 GLN A C   1 
ATOM   696  O  O   . GLN A 1 87  ? -1.082  8.154   -16.646 1.00 51.25 ? 103 GLN A O   1 
ATOM   697  C  CB  . GLN A 1 87  ? -0.172  11.219  -16.894 1.00 51.37 ? 103 GLN A CB  1 
ATOM   698  C  CG  . GLN A 1 87  ? 1.082   10.446  -17.002 1.00 54.98 ? 103 GLN A CG  1 
ATOM   699  C  CD  . GLN A 1 87  ? 2.275   11.328  -16.712 1.00 65.77 ? 103 GLN A CD  1 
ATOM   700  O  OE1 . GLN A 1 87  ? 3.273   10.852  -16.167 1.00 73.00 ? 103 GLN A OE1 1 
ATOM   701  N  NE2 . GLN A 1 87  ? 2.177   12.633  -17.052 1.00 54.44 ? 103 GLN A NE2 1 
ATOM   702  N  N   . ILE A 1 88  ? -2.029  9.411   -15.058 1.00 45.92 ? 104 ILE A N   1 
ATOM   703  C  CA  . ILE A 1 88  ? -2.363  8.287   -14.177 1.00 41.33 ? 104 ILE A CA  1 
ATOM   704  C  C   . ILE A 1 88  ? -3.884  8.241   -14.216 1.00 41.86 ? 104 ILE A C   1 
ATOM   705  O  O   . ILE A 1 88  ? -4.565  8.755   -13.328 1.00 41.96 ? 104 ILE A O   1 
ATOM   706  C  CB  . ILE A 1 88  ? -1.868  8.491   -12.733 1.00 40.03 ? 104 ILE A CB  1 
ATOM   707  C  CG1 . ILE A 1 88  ? -0.346  8.597   -12.714 1.00 36.69 ? 104 ILE A CG1 1 
ATOM   708  C  CG2 . ILE A 1 88  ? -2.349  7.346   -11.828 1.00 32.61 ? 104 ILE A CG2 1 
ATOM   709  C  CD1 . ILE A 1 88  ? 0.220   9.244   -11.471 1.00 37.06 ? 104 ILE A CD1 1 
ATOM   710  N  N   . ASN A 1 89  ? -4.400  7.658   -15.293 1.00 41.76 ? 105 ASN A N   1 
ATOM   711  C  CA  . ASN A 1 89  ? -5.834  7.596   -15.572 1.00 41.35 ? 105 ASN A CA  1 
ATOM   712  C  C   . ASN A 1 89  ? -6.583  6.333   -15.046 1.00 40.74 ? 105 ASN A C   1 
ATOM   713  O  O   . ASN A 1 89  ? -7.800  6.248   -15.177 1.00 42.33 ? 105 ASN A O   1 
ATOM   714  C  CB  . ASN A 1 89  ? -6.036  7.745   -17.082 1.00 39.91 ? 105 ASN A CB  1 
ATOM   715  C  CG  . ASN A 1 89  ? -5.433  6.582   -17.870 1.00 44.74 ? 105 ASN A CG  1 
ATOM   716  O  OD1 . ASN A 1 89  ? -4.552  5.879   -17.380 1.00 56.08 ? 105 ASN A OD1 1 
ATOM   717  N  ND2 . ASN A 1 89  ? -5.920  6.363   -19.087 1.00 44.41 ? 105 ASN A ND2 1 
ATOM   718  N  N   . LYS A 1 90  ? -5.871  5.376   -14.450 1.00 39.26 ? 106 LYS A N   1 
ATOM   719  C  CA  . LYS A 1 90  ? -6.470  4.111   -13.969 1.00 38.40 ? 106 LYS A CA  1 
ATOM   720  C  C   . LYS A 1 90  ? -6.169  3.798   -12.510 1.00 34.17 ? 106 LYS A C   1 
ATOM   721  O  O   . LYS A 1 90  ? -5.203  4.290   -11.941 1.00 34.46 ? 106 LYS A O   1 
ATOM   722  C  CB  . LYS A 1 90  ? -5.920  2.926   -14.768 1.00 39.22 ? 106 LYS A CB  1 
ATOM   723  C  CG  . LYS A 1 90  ? -6.456  2.767   -16.167 1.00 48.42 ? 106 LYS A CG  1 
ATOM   724  C  CD  . LYS A 1 90  ? -5.750  1.600   -16.903 1.00 56.99 ? 106 LYS A CD  1 
ATOM   725  C  CE  . LYS A 1 90  ? -4.451  2.043   -17.610 1.00 60.79 ? 106 LYS A CE  1 
ATOM   726  N  NZ  . LYS A 1 90  ? -4.679  3.001   -18.756 1.00 63.65 ? 106 LYS A NZ  1 
ATOM   727  N  N   . TYR A 1 91  ? -6.973  2.919   -11.925 1.00 31.16 ? 107 TYR A N   1 
ATOM   728  C  CA  . TYR A 1 91  ? -6.721  2.420   -10.578 1.00 29.03 ? 107 TYR A CA  1 
ATOM   729  C  C   . TYR A 1 91  ? -5.297  1.910   -10.483 1.00 30.13 ? 107 TYR A C   1 
ATOM   730  O  O   . TYR A 1 91  ? -4.897  1.109   -11.303 1.00 26.82 ? 107 TYR A O   1 
ATOM   731  C  CB  . TYR A 1 91  ? -7.642  1.257   -10.252 1.00 26.90 ? 107 TYR A CB  1 
ATOM   732  C  CG  . TYR A 1 91  ? -7.326  0.617   -8.917  1.00 27.70 ? 107 TYR A CG  1 
ATOM   733  C  CD1 . TYR A 1 91  ? -7.638  1.259   -7.727  1.00 26.02 ? 107 TYR A CD1 1 
ATOM   734  C  CD2 . TYR A 1 91  ? -6.696  -0.613  -8.847  1.00 25.51 ? 107 TYR A CD2 1 
ATOM   735  C  CE1 . TYR A 1 91  ? -7.342  0.684   -6.520  1.00 31.40 ? 107 TYR A CE1 1 
ATOM   736  C  CE2 . TYR A 1 91  ? -6.391  -1.193  -7.641  1.00 33.07 ? 107 TYR A CE2 1 
ATOM   737  C  CZ  . TYR A 1 91  ? -6.732  -0.554  -6.475  1.00 30.17 ? 107 TYR A CZ  1 
ATOM   738  O  OH  . TYR A 1 91  ? -6.429  -1.137  -5.262  1.00 25.70 ? 107 TYR A OH  1 
ATOM   739  N  N   . GLU A 1 92  ? -4.567  2.360   -9.466  1.00 32.21 ? 108 GLU A N   1 
ATOM   740  C  CA  . GLU A 1 92  ? -3.135  2.063   -9.274  1.00 32.20 ? 108 GLU A CA  1 
ATOM   741  C  C   . GLU A 1 92  ? -2.900  0.893   -8.321  1.00 31.89 ? 108 GLU A C   1 
ATOM   742  O  O   . GLU A 1 92  ? -2.180  -0.047  -8.646  1.00 32.02 ? 108 GLU A O   1 
ATOM   743  C  CB  . GLU A 1 92  ? -2.440  3.292   -8.661  1.00 32.22 ? 108 GLU A CB  1 
ATOM   744  C  CG  . GLU A 1 92  ? -2.136  4.382   -9.645  1.00 34.52 ? 108 GLU A CG  1 
ATOM   745  C  CD  . GLU A 1 92  ? -0.856  4.121   -10.382 1.00 38.54 ? 108 GLU A CD  1 
ATOM   746  O  OE1 . GLU A 1 92  ? 0.243   4.438   -9.848  1.00 41.92 ? 108 GLU A OE1 1 
ATOM   747  O  OE2 . GLU A 1 92  ? -0.970  3.585   -11.498 1.00 30.54 ? 108 GLU A OE2 1 
ATOM   748  N  N   . GLY A 1 93  ? -3.479  1.002   -7.126  1.00 30.38 ? 109 GLY A N   1 
ATOM   749  C  CA  . GLY A 1 93  ? -3.357  -0.001  -6.083  1.00 30.76 ? 109 GLY A CA  1 
ATOM   750  C  C   . GLY A 1 93  ? -3.469  0.650   -4.716  1.00 30.90 ? 109 GLY A C   1 
ATOM   751  O  O   . GLY A 1 93  ? -4.046  1.721   -4.579  1.00 32.33 ? 109 GLY A O   1 
ATOM   752  N  N   . PHE A 1 94  ? -2.893  0.015   -3.708  1.00 30.95 ? 110 PHE A N   1 
ATOM   753  C  CA  . PHE A 1 94  ? -2.868  0.565   -2.361  1.00 30.69 ? 110 PHE A CA  1 
ATOM   754  C  C   . PHE A 1 94  ? -1.755  1.601   -2.196  1.00 32.42 ? 110 PHE A C   1 
ATOM   755  O  O   . PHE A 1 94  ? -0.845  1.651   -3.033  1.00 33.49 ? 110 PHE A O   1 
ATOM   756  C  CB  . PHE A 1 94  ? -2.687  -0.556  -1.374  1.00 29.70 ? 110 PHE A CB  1 
ATOM   757  C  CG  . PHE A 1 94  ? -3.734  -1.615  -1.487  1.00 31.35 ? 110 PHE A CG  1 
ATOM   758  C  CD1 . PHE A 1 94  ? -5.038  -1.351  -1.113  1.00 29.08 ? 110 PHE A CD1 1 
ATOM   759  C  CD2 . PHE A 1 94  ? -3.421  -2.880  -1.984  1.00 36.57 ? 110 PHE A CD2 1 
ATOM   760  C  CE1 . PHE A 1 94  ? -6.024  -2.317  -1.209  1.00 27.31 ? 110 PHE A CE1 1 
ATOM   761  C  CE2 . PHE A 1 94  ? -4.408  -3.875  -2.080  1.00 38.88 ? 110 PHE A CE2 1 
ATOM   762  C  CZ  . PHE A 1 94  ? -5.718  -3.585  -1.688  1.00 36.71 ? 110 PHE A CZ  1 
ATOM   763  N  N   . LEU A 1 95  ? -1.868  2.449   -1.156  1.00 31.44 ? 111 LEU A N   1 
ATOM   764  C  CA  . LEU A 1 95  ? -0.849  3.454   -0.814  1.00 31.41 ? 111 LEU A CA  1 
ATOM   765  C  C   . LEU A 1 95  ? -0.657  3.555   0.704   1.00 32.53 ? 111 LEU A C   1 
ATOM   766  O  O   . LEU A 1 95  ? -1.632  3.616   1.435   1.00 33.77 ? 111 LEU A O   1 
ATOM   767  C  CB  . LEU A 1 95  ? -1.234  4.822   -1.372  1.00 32.32 ? 111 LEU A CB  1 
ATOM   768  C  CG  . LEU A 1 95  ? -0.227  5.971   -1.220  1.00 30.96 ? 111 LEU A CG  1 
ATOM   769  C  CD1 . LEU A 1 95  ? 1.015   5.666   -2.026  1.00 33.71 ? 111 LEU A CD1 1 
ATOM   770  C  CD2 . LEU A 1 95  ? -0.849  7.329   -1.644  1.00 28.91 ? 111 LEU A CD2 1 
ATOM   771  N  N   . ASN A 1 96  ? 0.598   3.516   1.156   1.00 33.12 ? 112 ASN A N   1 
ATOM   772  C  CA  . ASN A 1 96  ? 0.999   3.757   2.553   1.00 33.24 ? 112 ASN A CA  1 
ATOM   773  C  C   . ASN A 1 96  ? 1.951   4.904   2.547   1.00 37.42 ? 112 ASN A C   1 
ATOM   774  O  O   . ASN A 1 96  ? 2.677   5.109   1.572   1.00 38.71 ? 112 ASN A O   1 
ATOM   775  C  CB  . ASN A 1 96  ? 1.847   2.646   3.142   1.00 32.90 ? 112 ASN A CB  1 
ATOM   776  C  CG  . ASN A 1 96  ? 1.082   1.420   3.407   1.00 33.95 ? 112 ASN A CG  1 
ATOM   777  O  OD1 . ASN A 1 96  ? -0.120  1.447   3.627   1.00 57.54 ? 112 ASN A OD1 1 
ATOM   778  N  ND2 . ASN A 1 96  ? 1.770   0.314   3.394   1.00 55.94 ? 112 ASN A ND2 1 
ATOM   779  N  N   . ILE A 1 97  ? 1.986   5.615   3.667   1.00 41.36 ? 113 ILE A N   1 
ATOM   780  C  CA  . ILE A 1 97  ? 2.895   6.713   3.864   1.00 41.69 ? 113 ILE A CA  1 
ATOM   781  C  C   . ILE A 1 97  ? 3.804   6.252   4.989   1.00 44.25 ? 113 ILE A C   1 
ATOM   782  O  O   . ILE A 1 97  ? 3.337   6.005   6.110   1.00 43.64 ? 113 ILE A O   1 
ATOM   783  C  CB  . ILE A 1 97  ? 2.130   7.970   4.248   1.00 42.12 ? 113 ILE A CB  1 
ATOM   784  C  CG1 . ILE A 1 97  ? 0.844   8.096   3.397   1.00 40.16 ? 113 ILE A CG1 1 
ATOM   785  C  CG2 . ILE A 1 97  ? 3.047   9.195   4.145   1.00 37.32 ? 113 ILE A CG2 1 
ATOM   786  C  CD1 . ILE A 1 97  ? 1.065   8.259   1.952   1.00 35.66 ? 113 ILE A CD1 1 
ATOM   787  N  N   . ALA A 1 98  ? 5.089   6.083   4.681   1.00 46.47 ? 114 ALA A N   1 
ATOM   788  C  CA  . ALA A 1 98  ? 6.044   5.592   5.669   1.00 49.47 ? 114 ALA A CA  1 
ATOM   789  C  C   . ALA A 1 98  ? 6.203   6.626   6.770   1.00 54.40 ? 114 ALA A C   1 
ATOM   790  O  O   . ALA A 1 98  ? 5.958   7.826   6.562   1.00 55.20 ? 114 ALA A O   1 
ATOM   791  C  CB  . ALA A 1 98  ? 7.375   5.311   5.032   1.00 48.92 ? 114 ALA A CB  1 
ATOM   792  N  N   . ASP A 1 99  ? 6.599   6.157   7.949   1.00 57.93 ? 115 ASP A N   1 
ATOM   793  C  CA  . ASP A 1 99  ? 6.883   7.047   9.065   1.00 59.88 ? 115 ASP A CA  1 
ATOM   794  C  C   . ASP A 1 99  ? 8.178   7.815   8.804   1.00 61.81 ? 115 ASP A C   1 
ATOM   795  O  O   . ASP A 1 99  ? 8.921   7.526   7.858   1.00 61.44 ? 115 ASP A O   1 
ATOM   796  C  CB  . ASP A 1 99  ? 7.031   6.246   10.356  1.00 60.71 ? 115 ASP A CB  1 
ATOM   797  C  CG  . ASP A 1 99  ? 5.711   5.748   10.896  1.00 63.52 ? 115 ASP A CG  1 
ATOM   798  O  OD1 . ASP A 1 99  ? 4.767   6.554   11.040  1.00 65.79 ? 115 ASP A OD1 1 
ATOM   799  O  OD2 . ASP A 1 99  ? 5.629   4.543   11.202  1.00 71.62 ? 115 ASP A OD2 1 
ATOM   800  N  N   . GLU A 1 100 ? 8.447   8.794   9.662   1.00 64.07 ? 116 GLU A N   1 
ATOM   801  C  CA  . GLU A 1 100 ? 9.688   9.555   9.587   1.00 65.99 ? 116 GLU A CA  1 
ATOM   802  C  C   . GLU A 1 100 ? 10.828  8.737   10.232  1.00 68.59 ? 116 GLU A C   1 
ATOM   803  O  O   . GLU A 1 100 ? 11.999  8.986   9.926   1.00 67.93 ? 116 GLU A O   1 
ATOM   804  C  CB  . GLU A 1 100 ? 9.515   10.951  10.231  1.00 65.61 ? 116 GLU A CB  1 
ATOM   805  C  CG  . GLU A 1 100 ? 10.349  12.081  9.583   1.00 63.00 ? 116 GLU A CG  1 
ATOM   806  C  CD  . GLU A 1 100 ? 9.999   13.492  10.096  1.00 61.89 ? 116 GLU A CD  1 
ATOM   807  O  OE1 . GLU A 1 100 ? 8.973   13.663  10.787  1.00 63.53 ? 116 GLU A OE1 1 
ATOM   808  O  OE2 . GLU A 1 100 ? 10.741  14.447  9.784   1.00 51.73 ? 116 GLU A OE2 1 
ATOM   809  N  N   . ASP A 1 101 ? 10.484  7.750   11.087  1.00 72.19 ? 117 ASP A N   1 
ATOM   810  C  CA  . ASP A 1 101 ? 11.484  6.867   11.744  1.00 75.00 ? 117 ASP A CA  1 
ATOM   811  C  C   . ASP A 1 101 ? 12.596  6.520   10.756  1.00 76.09 ? 117 ASP A C   1 
ATOM   812  O  O   . ASP A 1 101 ? 12.319  5.995   9.698   1.00 79.21 ? 117 ASP A O   1 
ATOM   813  C  CB  . ASP A 1 101 ? 10.857  5.590   12.389  1.00 74.80 ? 117 ASP A CB  1 
ATOM   814  C  CG  . ASP A 1 101 ? 10.061  4.694   11.394  1.00 80.52 ? 117 ASP A CG  1 
ATOM   815  O  OD1 . ASP A 1 101 ? 10.581  4.273   10.332  1.00 86.95 ? 117 ASP A OD1 1 
ATOM   816  O  OD2 . ASP A 1 101 ? 8.904   4.345   11.717  1.00 83.95 ? 117 ASP A OD2 1 
ATOM   817  N  N   . GLY A 1 102 ? 13.842  6.852   11.078  1.00 77.27 ? 118 GLY A N   1 
ATOM   818  C  CA  . GLY A 1 102 ? 14.953  6.698   10.128  1.00 78.13 ? 118 GLY A CA  1 
ATOM   819  C  C   . GLY A 1 102 ? 16.037  5.730   10.584  1.00 79.11 ? 118 GLY A C   1 
ATOM   820  O  O   . GLY A 1 102 ? 15.737  4.562   10.867  1.00 79.40 ? 118 GLY A O   1 
ATOM   821  N  N   . THR A 1 103 ? 17.281  6.245   10.625  1.00 78.94 ? 119 THR A N   1 
ATOM   822  C  CA  . THR A 1 103 ? 18.550  5.569   11.062  1.00 78.48 ? 119 THR A CA  1 
ATOM   823  C  C   . THR A 1 103 ? 19.716  6.136   10.244  1.00 78.48 ? 119 THR A C   1 
ATOM   824  O  O   . THR A 1 103 ? 19.507  6.677   9.153   1.00 77.62 ? 119 THR A O   1 
ATOM   825  C  CB  . THR A 1 103 ? 18.580  3.990   10.975  1.00 78.38 ? 119 THR A CB  1 
ATOM   826  O  OG1 . THR A 1 103 ? 18.011  3.417   12.159  1.00 76.31 ? 119 THR A OG1 1 
ATOM   827  C  CG2 . THR A 1 103 ? 20.019  3.466   10.848  1.00 74.20 ? 119 THR A CG2 1 
ATOM   828  N  N   . ALA A 1 123 ? 21.327  11.209  3.989   1.00 58.04 ? 139 ALA A N   1 
ATOM   829  C  CA  . ALA A 1 123 ? 20.646  9.989   3.541   1.00 59.24 ? 139 ALA A CA  1 
ATOM   830  C  C   . ALA A 1 123 ? 20.316  9.039   4.711   1.00 59.54 ? 139 ALA A C   1 
ATOM   831  O  O   . ALA A 1 123 ? 21.185  8.720   5.511   1.00 59.69 ? 139 ALA A O   1 
ATOM   832  C  CB  . ALA A 1 123 ? 21.476  9.267   2.468   1.00 58.14 ? 139 ALA A CB  1 
ATOM   833  N  N   . GLU A 1 124 ? 19.067  8.564   4.768   1.00 60.47 ? 140 GLU A N   1 
ATOM   834  C  CA  . GLU A 1 124 ? 18.523  7.786   5.921   1.00 60.62 ? 140 GLU A CA  1 
ATOM   835  C  C   . GLU A 1 124 ? 18.134  6.340   5.579   1.00 57.16 ? 140 GLU A C   1 
ATOM   836  O  O   . GLU A 1 124 ? 17.879  6.025   4.435   1.00 56.68 ? 140 GLU A O   1 
ATOM   837  C  CB  . GLU A 1 124 ? 17.327  8.523   6.560   1.00 61.95 ? 140 GLU A CB  1 
ATOM   838  C  CG  . GLU A 1 124 ? 16.715  9.651   5.695   1.00 65.90 ? 140 GLU A CG  1 
ATOM   839  C  CD  . GLU A 1 124 ? 15.344  10.098  6.165   1.00 70.98 ? 140 GLU A CD  1 
ATOM   840  O  OE1 . GLU A 1 124 ? 14.921  9.709   7.283   1.00 71.98 ? 140 GLU A OE1 1 
ATOM   841  O  OE2 . GLU A 1 124 ? 14.684  10.831  5.392   1.00 71.39 ? 140 GLU A OE2 1 
ATOM   842  N  N   . TYR A 1 125 ? 18.081  5.480   6.592   1.00 54.80 ? 141 TYR A N   1 
ATOM   843  C  CA  . TYR A 1 125 ? 17.867  4.042   6.412   1.00 53.45 ? 141 TYR A CA  1 
ATOM   844  C  C   . TYR A 1 125 ? 16.553  3.557   7.021   1.00 50.67 ? 141 TYR A C   1 
ATOM   845  O  O   . TYR A 1 125 ? 16.452  3.417   8.245   1.00 51.60 ? 141 TYR A O   1 
ATOM   846  C  CB  . TYR A 1 125 ? 19.025  3.275   7.057   1.00 54.80 ? 141 TYR A CB  1 
ATOM   847  C  CG  . TYR A 1 125 ? 20.120  2.890   6.091   1.00 64.57 ? 141 TYR A CG  1 
ATOM   848  C  CD1 . TYR A 1 125 ? 19.894  1.895   5.125   1.00 68.24 ? 141 TYR A CD1 1 
ATOM   849  C  CD2 . TYR A 1 125 ? 21.389  3.502   6.143   1.00 67.46 ? 141 TYR A CD2 1 
ATOM   850  C  CE1 . TYR A 1 125 ? 20.888  1.527   4.226   1.00 72.74 ? 141 TYR A CE1 1 
ATOM   851  C  CE2 . TYR A 1 125 ? 22.397  3.141   5.247   1.00 68.83 ? 141 TYR A CE2 1 
ATOM   852  C  CZ  . TYR A 1 125 ? 22.141  2.149   4.291   1.00 74.83 ? 141 TYR A CZ  1 
ATOM   853  O  OH  . TYR A 1 125 ? 23.124  1.771   3.392   1.00 78.56 ? 141 TYR A OH  1 
ATOM   854  N  N   . LYS A 1 126 ? 15.572  3.238   6.175   1.00 46.49 ? 142 LYS A N   1 
ATOM   855  C  CA  . LYS A 1 126 ? 14.215  2.975   6.645   1.00 43.50 ? 142 LYS A CA  1 
ATOM   856  C  C   . LYS A 1 126 ? 13.607  1.638   6.206   1.00 42.39 ? 142 LYS A C   1 
ATOM   857  O  O   . LYS A 1 126 ? 13.917  1.134   5.144   1.00 43.02 ? 142 LYS A O   1 
ATOM   858  C  CB  . LYS A 1 126 ? 13.286  4.106   6.159   1.00 43.73 ? 142 LYS A CB  1 
ATOM   859  C  CG  . LYS A 1 126 ? 13.836  5.534   6.308   1.00 42.75 ? 142 LYS A CG  1 
ATOM   860  C  CD  . LYS A 1 126 ? 12.752  6.586   6.601   1.00 38.81 ? 142 LYS A CD  1 
ATOM   861  C  CE  . LYS A 1 126 ? 11.920  6.978   5.408   1.00 42.78 ? 142 LYS A CE  1 
ATOM   862  N  NZ  . LYS A 1 126 ? 10.706  7.770   5.816   1.00 35.31 ? 142 LYS A NZ  1 
ATOM   863  N  N   . THR A 1 127 ? 12.709  1.101   7.033   1.00 41.35 ? 143 THR A N   1 
ATOM   864  C  CA  . THR A 1 127 ? 11.834  -0.004  6.667   1.00 41.23 ? 143 THR A CA  1 
ATOM   865  C  C   . THR A 1 127 ? 10.398  0.479   6.533   1.00 41.42 ? 143 THR A C   1 
ATOM   866  O  O   . THR A 1 127 ? 9.951   1.316   7.289   1.00 45.00 ? 143 THR A O   1 
ATOM   867  C  CB  . THR A 1 127 ? 11.843  -1.113  7.712   1.00 40.05 ? 143 THR A CB  1 
ATOM   868  O  OG1 . THR A 1 127 ? 13.195  -1.427  8.046   1.00 46.08 ? 143 THR A OG1 1 
ATOM   869  C  CG2 . THR A 1 127 ? 11.198  -2.368  7.155   1.00 36.78 ? 143 THR A CG2 1 
ATOM   870  N  N   . ASN A 1 128 ? 9.677   -0.046  5.560   1.00 39.94 ? 144 ASN A N   1 
ATOM   871  C  CA  . ASN A 1 128 ? 8.263   0.228   5.420   1.00 39.93 ? 144 ASN A CA  1 
ATOM   872  C  C   . ASN A 1 128 ? 7.652   -1.045  4.877   1.00 38.92 ? 144 ASN A C   1 
ATOM   873  O  O   . ASN A 1 128 ? 8.340   -1.934  4.429   1.00 39.19 ? 144 ASN A O   1 
ATOM   874  C  CB  . ASN A 1 128 ? 7.996   1.436   4.498   1.00 42.38 ? 144 ASN A CB  1 
ATOM   875  C  CG  . ASN A 1 128 ? 6.506   1.902   4.495   1.00 46.88 ? 144 ASN A CG  1 
ATOM   876  O  OD1 . ASN A 1 128 ? 5.959   2.261   3.445   1.00 47.95 ? 144 ASN A OD1 1 
ATOM   877  N  ND2 . ASN A 1 128 ? 5.861   1.893   5.669   1.00 41.52 ? 144 ASN A ND2 1 
ATOM   878  N  N   . GLY A 1 129 ? 6.348   -1.147  4.948   1.00 39.21 ? 145 GLY A N   1 
ATOM   879  C  CA  . GLY A 1 129 ? 5.677   -2.389  4.673   1.00 38.44 ? 145 GLY A CA  1 
ATOM   880  C  C   . GLY A 1 129 ? 4.309   -2.098  4.156   1.00 37.66 ? 145 GLY A C   1 
ATOM   881  O  O   . GLY A 1 129 ? 3.901   -0.968  4.053   1.00 37.91 ? 145 GLY A O   1 
ATOM   882  N  N   . CYS A 1 130 ? 3.562   -3.136  3.874   1.00 39.82 ? 146 CYS A N   1 
ATOM   883  C  CA  . CYS A 1 130 ? 2.422   -2.960  3.020   1.00 38.99 ? 146 CYS A CA  1 
ATOM   884  C  C   . CYS A 1 130 ? 1.558   -4.216  2.955   1.00 35.09 ? 146 CYS A C   1 
ATOM   885  O  O   . CYS A 1 130 ? 2.069   -5.287  2.686   1.00 33.25 ? 146 CYS A O   1 
ATOM   886  C  CB  . CYS A 1 130 ? 3.044   -2.723  1.675   1.00 41.40 ? 146 CYS A CB  1 
ATOM   887  S  SG  . CYS A 1 130 ? 1.889   -2.290  0.689   1.00 61.19 ? 146 CYS A SG  1 
ATOM   888  N  N   . THR A 1 131 ? 0.263   -4.124  3.207   1.00 32.95 ? 147 THR A N   1 
ATOM   889  C  CA  . THR A 1 131 ? -0.551  -5.331  3.171   1.00 29.96 ? 147 THR A CA  1 
ATOM   890  C  C   . THR A 1 131 ? -1.152  -5.403  1.809   1.00 31.02 ? 147 THR A C   1 
ATOM   891  O  O   . THR A 1 131 ? -1.978  -4.571  1.466   1.00 36.76 ? 147 THR A O   1 
ATOM   892  C  CB  . THR A 1 131 ? -1.631  -5.339  4.224   1.00 28.34 ? 147 THR A CB  1 
ATOM   893  O  OG1 . THR A 1 131 ? -0.995  -5.359  5.499   1.00 30.61 ? 147 THR A OG1 1 
ATOM   894  C  CG2 . THR A 1 131 ? -2.510  -6.570  4.083   1.00 17.44 ? 147 THR A CG2 1 
ATOM   895  N  N   . LEU A 1 132 ? -0.735  -6.397  1.035   1.00 29.55 ? 148 LEU A N   1 
ATOM   896  C  CA  . LEU A 1 132 ? -1.156  -6.506  -0.352  1.00 28.54 ? 148 LEU A CA  1 
ATOM   897  C  C   . LEU A 1 132 ? -2.499  -7.172  -0.470  1.00 27.84 ? 148 LEU A C   1 
ATOM   898  O  O   . LEU A 1 132 ? -3.214  -6.910  -1.429  1.00 27.53 ? 148 LEU A O   1 
ATOM   899  C  CB  . LEU A 1 132 ? -0.145  -7.275  -1.184  1.00 26.05 ? 148 LEU A CB  1 
ATOM   900  C  CG  . LEU A 1 132 ? 1.180   -6.570  -1.441  1.00 27.86 ? 148 LEU A CG  1 
ATOM   901  C  CD1 . LEU A 1 132 ? 2.082   -7.506  -2.249  1.00 22.84 ? 148 LEU A CD1 1 
ATOM   902  C  CD2 . LEU A 1 132 ? 0.940   -5.233  -2.163  1.00 20.38 ? 148 LEU A CD2 1 
ATOM   903  N  N   . TYR A 1 133 ? -2.844  -8.026  0.491   1.00 25.03 ? 149 TYR A N   1 
ATOM   904  C  CA  . TYR A 1 133 ? -4.070  -8.802  0.387   1.00 23.92 ? 149 TYR A CA  1 
ATOM   905  C  C   . TYR A 1 133 ? -4.447  -9.395  1.721   1.00 24.97 ? 149 TYR A C   1 
ATOM   906  O  O   . TYR A 1 133 ? -3.574  -9.738  2.509   1.00 25.42 ? 149 TYR A O   1 
ATOM   907  C  CB  . TYR A 1 133 ? -3.921  -9.902  -0.668  1.00 23.41 ? 149 TYR A CB  1 
ATOM   908  C  CG  . TYR A 1 133 ? -5.026  -10.928 -0.653  1.00 23.40 ? 149 TYR A CG  1 
ATOM   909  C  CD1 . TYR A 1 133 ? -6.248  -10.655 -1.202  1.00 17.30 ? 149 TYR A CD1 1 
ATOM   910  C  CD2 . TYR A 1 133 ? -4.844  -12.171 -0.060  1.00 29.48 ? 149 TYR A CD2 1 
ATOM   911  C  CE1 . TYR A 1 133 ? -7.273  -11.592 -1.181  1.00 25.13 ? 149 TYR A CE1 1 
ATOM   912  C  CE2 . TYR A 1 133 ? -5.855  -13.112 -0.037  1.00 25.86 ? 149 TYR A CE2 1 
ATOM   913  C  CZ  . TYR A 1 133 ? -7.069  -12.810 -0.597  1.00 26.99 ? 149 TYR A CZ  1 
ATOM   914  O  OH  . TYR A 1 133 ? -8.084  -13.721 -0.570  1.00 28.20 ? 149 TYR A OH  1 
ATOM   915  N  N   . THR A 1 134 ? -5.755  -9.482  1.982   1.00 27.22 ? 150 THR A N   1 
ATOM   916  C  CA  . THR A 1 134 ? -6.269  -10.099 3.222   1.00 27.77 ? 150 THR A CA  1 
ATOM   917  C  C   . THR A 1 134 ? -7.478  -10.918 2.896   1.00 27.68 ? 150 THR A C   1 
ATOM   918  O  O   . THR A 1 134 ? -8.446  -10.395 2.399   1.00 30.73 ? 150 THR A O   1 
ATOM   919  C  CB  . THR A 1 134 ? -6.684  -9.070  4.280   1.00 26.98 ? 150 THR A CB  1 
ATOM   920  O  OG1 . THR A 1 134 ? -5.572  -8.209  4.563   1.00 31.09 ? 150 THR A OG1 1 
ATOM   921  C  CG2 . THR A 1 134 ? -7.080  -9.776  5.520   1.00 19.48 ? 150 THR A CG2 1 
ATOM   922  N  N   . HIS A 1 135 ? -7.418  -12.214 3.146   1.00 28.83 ? 151 HIS A N   1 
ATOM   923  C  CA  . HIS A 1 135 ? -8.554  -13.066 2.852   1.00 28.72 ? 151 HIS A CA  1 
ATOM   924  C  C   . HIS A 1 135 ? -9.607  -12.818 3.936   1.00 27.93 ? 151 HIS A C   1 
ATOM   925  O  O   . HIS A 1 135 ? -9.265  -12.492 5.087   1.00 27.12 ? 151 HIS A O   1 
ATOM   926  C  CB  . HIS A 1 135 ? -8.147  -14.544 2.802   1.00 28.90 ? 151 HIS A CB  1 
ATOM   927  C  CG  . HIS A 1 135 ? -9.204  -15.437 2.233   1.00 28.02 ? 151 HIS A CG  1 
ATOM   928  N  ND1 . HIS A 1 135 ? -10.308 -15.837 2.955   1.00 25.82 ? 151 HIS A ND1 1 
ATOM   929  C  CD2 . HIS A 1 135 ? -9.324  -16.012 1.014   1.00 24.89 ? 151 HIS A CD2 1 
ATOM   930  C  CE1 . HIS A 1 135 ? -11.075 -16.600 2.201   1.00 22.30 ? 151 HIS A CE1 1 
ATOM   931  N  NE2 . HIS A 1 135 ? -10.502 -16.723 1.015   1.00 24.41 ? 151 HIS A NE2 1 
ATOM   932  N  N   . SER A 1 136 ? -10.876 -12.980 3.571   1.00 27.39 ? 152 SER A N   1 
ATOM   933  C  CA  . SER A 1 136 ? -11.964 -12.769 4.528   1.00 27.48 ? 152 SER A CA  1 
ATOM   934  C  C   . SER A 1 136 ? -11.785 -13.644 5.725   1.00 27.47 ? 152 SER A C   1 
ATOM   935  O  O   . SER A 1 136 ? -12.082 -13.226 6.834   1.00 30.22 ? 152 SER A O   1 
ATOM   936  C  CB  . SER A 1 136 ? -13.330 -13.021 3.914   1.00 25.51 ? 152 SER A CB  1 
ATOM   937  O  OG  . SER A 1 136 ? -13.385 -14.310 3.345   1.00 30.21 ? 152 SER A OG  1 
ATOM   938  N  N   . LEU A 1 137 ? -11.269 -14.846 5.524   1.00 26.75 ? 153 LEU A N   1 
ATOM   939  C  CA  . LEU A 1 137 ? -11.035 -15.751 6.656   1.00 25.83 ? 153 LEU A CA  1 
ATOM   940  C  C   . LEU A 1 137 ? -9.789  -15.377 7.451   1.00 24.84 ? 153 LEU A C   1 
ATOM   941  O  O   . LEU A 1 137 ? -9.516  -16.020 8.425   1.00 25.62 ? 153 LEU A O   1 
ATOM   942  C  CB  . LEU A 1 137 ? -10.955 -17.217 6.188   1.00 24.14 ? 153 LEU A CB  1 
ATOM   943  C  CG  . LEU A 1 137 ? -12.261 -17.802 5.625   1.00 21.93 ? 153 LEU A CG  1 
ATOM   944  C  CD1 . LEU A 1 137 ? -12.016 -19.115 4.901   1.00 16.28 ? 153 LEU A CD1 1 
ATOM   945  C  CD2 . LEU A 1 137 ? -13.261 -18.000 6.744   1.00 10.55 ? 153 LEU A CD2 1 
ATOM   946  N  N   . GLY A 1 138 ? -9.020  -14.366 7.045   1.00 26.41 ? 154 GLY A N   1 
ATOM   947  C  CA  . GLY A 1 138 ? -7.877  -13.898 7.864   1.00 27.59 ? 154 GLY A CA  1 
ATOM   948  C  C   . GLY A 1 138 ? -6.462  -13.897 7.281   1.00 28.94 ? 154 GLY A C   1 
ATOM   949  O  O   . GLY A 1 138 ? -5.700  -12.959 7.510   1.00 29.95 ? 154 GLY A O   1 
ATOM   950  N  N   . PRO A 1 139 ? -6.075  -14.966 6.571   1.00 29.32 ? 155 PRO A N   1 
ATOM   951  C  CA  . PRO A 1 139 ? -4.743  -15.025 6.015   1.00 28.83 ? 155 PRO A CA  1 
ATOM   952  C  C   . PRO A 1 139 ? -4.437  -13.857 5.086   1.00 27.58 ? 155 PRO A C   1 
ATOM   953  O  O   . PRO A 1 139 ? -5.309  -13.386 4.370   1.00 25.08 ? 155 PRO A O   1 
ATOM   954  C  CB  . PRO A 1 139 ? -4.769  -16.347 5.256   1.00 30.43 ? 155 PRO A CB  1 
ATOM   955  C  CG  . PRO A 1 139 ? -5.650  -17.176 6.064   1.00 29.31 ? 155 PRO A CG  1 
ATOM   956  C  CD  . PRO A 1 139 ? -6.757  -16.260 6.428   1.00 28.79 ? 155 PRO A CD  1 
ATOM   957  N  N   . TYR A 1 140 ? -3.193  -13.404 5.110   1.00 27.85 ? 156 TYR A N   1 
ATOM   958  C  CA  . TYR A 1 140 ? -2.812  -12.191 4.407   1.00 28.84 ? 156 TYR A CA  1 
ATOM   959  C  C   . TYR A 1 140 ? -1.476  -12.352 3.673   1.00 27.32 ? 156 TYR A C   1 
ATOM   960  O  O   . TYR A 1 140 ? -0.690  -13.225 4.001   1.00 27.10 ? 156 TYR A O   1 
ATOM   961  C  CB  . TYR A 1 140 ? -2.714  -11.029 5.417   1.00 29.21 ? 156 TYR A CB  1 
ATOM   962  C  CG  . TYR A 1 140 ? -1.719  -11.261 6.534   1.00 27.71 ? 156 TYR A CG  1 
ATOM   963  C  CD1 . TYR A 1 140 ? -0.341  -11.286 6.280   1.00 33.55 ? 156 TYR A CD1 1 
ATOM   964  C  CD2 . TYR A 1 140 ? -2.141  -11.473 7.851   1.00 33.98 ? 156 TYR A CD2 1 
ATOM   965  C  CE1 . TYR A 1 140 ? 0.599   -11.521 7.306   1.00 28.96 ? 156 TYR A CE1 1 
ATOM   966  C  CE2 . TYR A 1 140 ? -1.204  -11.718 8.885   1.00 30.22 ? 156 TYR A CE2 1 
ATOM   967  C  CZ  . TYR A 1 140 ? 0.155   -11.734 8.591   1.00 30.20 ? 156 TYR A CZ  1 
ATOM   968  O  OH  . TYR A 1 140 ? 1.079   -11.945 9.568   1.00 37.88 ? 156 TYR A OH  1 
ATOM   969  N  N   . ILE A 1 141 ? -1.233  -11.497 2.686   1.00 25.73 ? 157 ILE A N   1 
ATOM   970  C  CA  . ILE A 1 141 ? 0.084   -11.390 2.059   1.00 24.38 ? 157 ILE A CA  1 
ATOM   971  C  C   . ILE A 1 141 ? 0.570   -9.973  2.294   1.00 26.74 ? 157 ILE A C   1 
ATOM   972  O  O   . ILE A 1 141 ? -0.098  -9.005  1.891   1.00 25.81 ? 157 ILE A O   1 
ATOM   973  C  CB  . ILE A 1 141 ? 0.052   -11.603 0.545   1.00 23.09 ? 157 ILE A CB  1 
ATOM   974  C  CG1 . ILE A 1 141 ? -0.472  -12.999 0.184   1.00 20.76 ? 157 ILE A CG1 1 
ATOM   975  C  CG2 . ILE A 1 141 ? 1.441   -11.359 -0.034  1.00 14.22 ? 157 ILE A CG2 1 
ATOM   976  C  CD1 . ILE A 1 141 ? -0.810  -13.128 -1.325  1.00 23.76 ? 157 ILE A CD1 1 
ATOM   977  N  N   . LYS A 1 142 ? 1.721   -9.849  2.946   1.00 27.07 ? 158 LYS A N   1 
ATOM   978  C  CA  . LYS A 1 142 ? 2.333   -8.551  3.188   1.00 27.51 ? 158 LYS A CA  1 
ATOM   979  C  C   . LYS A 1 142 ? 3.688   -8.407  2.500   1.00 26.85 ? 158 LYS A C   1 
ATOM   980  O  O   . LYS A 1 142 ? 4.379   -9.404  2.279   1.00 30.24 ? 158 LYS A O   1 
ATOM   981  C  CB  . LYS A 1 142 ? 2.526   -8.361  4.687   1.00 28.67 ? 158 LYS A CB  1 
ATOM   982  C  CG  . LYS A 1 142 ? 1.218   -8.180  5.403   1.00 30.28 ? 158 LYS A CG  1 
ATOM   983  C  CD  . LYS A 1 142 ? 1.403   -7.875  6.863   1.00 29.51 ? 158 LYS A CD  1 
ATOM   984  C  CE  . LYS A 1 142 ? 0.049   -7.779  7.562   1.00 33.24 ? 158 LYS A CE  1 
ATOM   985  N  NZ  . LYS A 1 142 ? 0.171   -6.951  8.793   1.00 39.55 ? 158 LYS A NZ  1 
ATOM   986  N  N   . ALA A 1 143 ? 4.069   -7.166  2.204   1.00 24.49 ? 159 ALA A N   1 
ATOM   987  C  CA  . ALA A 1 143 ? 5.383   -6.822  1.636   1.00 23.46 ? 159 ALA A CA  1 
ATOM   988  C  C   . ALA A 1 143 ? 6.112   -5.928  2.642   1.00 24.59 ? 159 ALA A C   1 
ATOM   989  O  O   . ALA A 1 143 ? 5.482   -5.085  3.292   1.00 26.07 ? 159 ALA A O   1 
ATOM   990  C  CB  . ALA A 1 143 ? 5.228   -6.109  0.278   1.00 20.53 ? 159 ALA A CB  1 
ATOM   991  N  N   . ALA A 1 144 ? 7.417   -6.148  2.812   1.00 24.46 ? 160 ALA A N   1 
ATOM   992  C  CA  . ALA A 1 144 ? 8.292   -5.283  3.635   1.00 23.55 ? 160 ALA A CA  1 
ATOM   993  C  C   . ALA A 1 144 ? 9.520   -4.910  2.788   1.00 23.46 ? 160 ALA A C   1 
ATOM   994  O  O   . ALA A 1 144 ? 9.968   -5.680  1.987   1.00 25.43 ? 160 ALA A O   1 
ATOM   995  C  CB  . ALA A 1 144 ? 8.709   -5.981  4.883   1.00 19.81 ? 160 ALA A CB  1 
ATOM   996  N  N   . VAL A 1 145 ? 10.073  -3.733  2.986   1.00 25.77 ? 161 VAL A N   1 
ATOM   997  C  CA  . VAL A 1 145 ? 11.122  -3.197  2.117   1.00 26.15 ? 161 VAL A CA  1 
ATOM   998  C  C   . VAL A 1 145 ? 12.063  -2.400  2.968   1.00 27.97 ? 161 VAL A C   1 
ATOM   999  O  O   . VAL A 1 145 ? 11.620  -1.614  3.801   1.00 30.34 ? 161 VAL A O   1 
ATOM   1000 C  CB  . VAL A 1 145 ? 10.546  -2.204  1.084   1.00 25.19 ? 161 VAL A CB  1 
ATOM   1001 C  CG1 . VAL A 1 145 ? 11.642  -1.616  0.275   1.00 25.88 ? 161 VAL A CG1 1 
ATOM   1002 C  CG2 . VAL A 1 145 ? 9.560   -2.900  0.177   1.00 28.13 ? 161 VAL A CG2 1 
ATOM   1003 N  N   . THR A 1 146 ? 13.360  -2.579  2.757   1.00 29.96 ? 162 THR A N   1 
ATOM   1004 C  CA  . THR A 1 146 ? 14.356  -1.765  3.437   1.00 31.61 ? 162 THR A CA  1 
ATOM   1005 C  C   . THR A 1 146 ? 15.038  -0.947  2.388   1.00 32.20 ? 162 THR A C   1 
ATOM   1006 O  O   . THR A 1 146 ? 15.376  -1.470  1.343   1.00 33.93 ? 162 THR A O   1 
ATOM   1007 C  CB  . THR A 1 146 ? 15.359  -2.619  4.178   1.00 32.57 ? 162 THR A CB  1 
ATOM   1008 O  OG1 . THR A 1 146 ? 14.684  -3.246  5.268   1.00 32.03 ? 162 THR A OG1 1 
ATOM   1009 C  CG2 . THR A 1 146 ? 16.485  -1.768  4.726   1.00 37.29 ? 162 THR A CG2 1 
ATOM   1010 N  N   . TYR A 1 147 ? 15.249  0.333   2.665   1.00 33.19 ? 163 TYR A N   1 
ATOM   1011 C  CA  . TYR A 1 147 ? 15.805  1.236   1.677   1.00 33.29 ? 163 TYR A CA  1 
ATOM   1012 C  C   . TYR A 1 147 ? 16.573  2.392   2.283   1.00 36.50 ? 163 TYR A C   1 
ATOM   1013 O  O   . TYR A 1 147 ? 16.504  2.651   3.489   1.00 35.24 ? 163 TYR A O   1 
ATOM   1014 C  CB  . TYR A 1 147 ? 14.688  1.787   0.790   1.00 32.43 ? 163 TYR A CB  1 
ATOM   1015 C  CG  . TYR A 1 147 ? 13.563  2.504   1.528   1.00 33.48 ? 163 TYR A CG  1 
ATOM   1016 C  CD1 . TYR A 1 147 ? 12.533  1.792   2.144   1.00 34.65 ? 163 TYR A CD1 1 
ATOM   1017 C  CD2 . TYR A 1 147 ? 13.507  3.893   1.580   1.00 31.24 ? 163 TYR A CD2 1 
ATOM   1018 C  CE1 . TYR A 1 147 ? 11.494  2.449   2.815   1.00 32.59 ? 163 TYR A CE1 1 
ATOM   1019 C  CE2 . TYR A 1 147 ? 12.463  4.561   2.237   1.00 29.77 ? 163 TYR A CE2 1 
ATOM   1020 C  CZ  . TYR A 1 147 ? 11.469  3.830   2.856   1.00 31.59 ? 163 TYR A CZ  1 
ATOM   1021 O  OH  . TYR A 1 147 ? 10.456  4.478   3.504   1.00 28.29 ? 163 TYR A OH  1 
ATOM   1022 N  N   . LYS A 1 148 ? 17.305  3.081   1.412   1.00 39.21 ? 164 LYS A N   1 
ATOM   1023 C  CA  . LYS A 1 148 ? 18.028  4.279   1.766   1.00 40.77 ? 164 LYS A CA  1 
ATOM   1024 C  C   . LYS A 1 148 ? 17.405  5.430   0.988   1.00 41.19 ? 164 LYS A C   1 
ATOM   1025 O  O   . LYS A 1 148 ? 17.234  5.354   -0.227  1.00 40.23 ? 164 LYS A O   1 
ATOM   1026 C  CB  . LYS A 1 148 ? 19.492  4.118   1.393   1.00 43.82 ? 164 LYS A CB  1 
ATOM   1027 C  CG  . LYS A 1 148 ? 20.457  4.719   2.399   1.00 46.61 ? 164 LYS A CG  1 
ATOM   1028 C  CD  . LYS A 1 148 ? 21.888  4.704   1.879   1.00 49.82 ? 164 LYS A CD  1 
ATOM   1029 C  CE  . LYS A 1 148 ? 22.024  5.561   0.616   1.00 50.52 ? 164 LYS A CE  1 
ATOM   1030 N  NZ  . LYS A 1 148 ? 23.395  6.130   0.496   1.00 46.77 ? 164 LYS A NZ  1 
ATOM   1031 N  N   . LYS A 1 149 ? 17.020  6.477   1.697   1.00 43.61 ? 165 LYS A N   1 
ATOM   1032 C  CA  . LYS A 1 149 ? 16.428  7.651   1.071   1.00 46.64 ? 165 LYS A CA  1 
ATOM   1033 C  C   . LYS A 1 149 ? 17.442  8.792   1.167   1.00 49.72 ? 165 LYS A C   1 
ATOM   1034 O  O   . LYS A 1 149 ? 18.075  8.978   2.208   1.00 49.06 ? 165 LYS A O   1 
ATOM   1035 C  CB  . LYS A 1 149 ? 15.111  8.031   1.762   1.00 45.90 ? 165 LYS A CB  1 
ATOM   1036 C  CG  . LYS A 1 149 ? 14.410  9.239   1.137   1.00 46.63 ? 165 LYS A CG  1 
ATOM   1037 C  CD  . LYS A 1 149 ? 13.114  9.581   1.862   1.00 49.11 ? 165 LYS A CD  1 
ATOM   1038 C  CE  . LYS A 1 149 ? 12.674  11.024  1.594   1.00 49.62 ? 165 LYS A CE  1 
ATOM   1039 N  NZ  . LYS A 1 149 ? 13.442  11.972  2.450   1.00 51.01 ? 165 LYS A NZ  1 
ATOM   1040 N  N   . SER A 1 150 ? 17.619  9.527   0.072   1.00 52.71 ? 166 SER A N   1 
ATOM   1041 C  CA  . SER A 1 150 ? 18.470  10.718  0.074   1.00 54.43 ? 166 SER A CA  1 
ATOM   1042 C  C   . SER A 1 150 ? 17.735  11.863  -0.657  1.00 57.29 ? 166 SER A C   1 
ATOM   1043 O  O   . SER A 1 150 ? 16.585  11.690  -1.110  1.00 57.59 ? 166 SER A O   1 
ATOM   1044 C  CB  . SER A 1 150 ? 19.827  10.407  -0.555  1.00 52.24 ? 166 SER A CB  1 
ATOM   1045 O  OG  . SER A 1 150 ? 19.685  10.164  -1.936  1.00 51.85 ? 166 SER A OG  1 
ATOM   1046 N  N   . ASP A 1 151 ? 18.387  13.029  -0.731  1.00 60.32 ? 167 ASP A N   1 
ATOM   1047 C  CA  . ASP A 1 151 ? 17.833  14.218  -1.412  1.00 61.80 ? 167 ASP A CA  1 
ATOM   1048 C  C   . ASP A 1 151 ? 17.278  13.805  -2.791  1.00 62.78 ? 167 ASP A C   1 
ATOM   1049 O  O   . ASP A 1 151 ? 16.113  14.051  -3.124  1.00 61.48 ? 167 ASP A O   1 
ATOM   1050 C  CB  . ASP A 1 151 ? 18.902  15.338  -1.544  1.00 59.64 ? 167 ASP A CB  1 
ATOM   1051 N  N   . ASP A 1 152 ? 18.112  13.097  -3.543  1.00 64.48 ? 168 ASP A N   1 
ATOM   1052 C  CA  . ASP A 1 152 ? 17.837  12.751  -4.940  1.00 65.19 ? 168 ASP A CA  1 
ATOM   1053 C  C   . ASP A 1 152 ? 17.145  11.416  -5.112  1.00 63.18 ? 168 ASP A C   1 
ATOM   1054 O  O   . ASP A 1 152 ? 16.062  11.353  -5.685  1.00 65.01 ? 168 ASP A O   1 
ATOM   1055 C  CB  . ASP A 1 152 ? 19.150  12.735  -5.745  1.00 66.63 ? 168 ASP A CB  1 
ATOM   1056 C  CG  . ASP A 1 152 ? 20.368  12.408  -4.878  1.00 71.13 ? 168 ASP A CG  1 
ATOM   1057 O  OD1 . ASP A 1 152 ? 20.813  13.317  -4.129  1.00 79.07 ? 168 ASP A OD1 1 
ATOM   1058 O  OD2 . ASP A 1 152 ? 20.866  11.257  -4.941  1.00 74.72 ? 168 ASP A OD2 1 
ATOM   1059 N  N   . ASP A 1 153 ? 17.764  10.359  -4.592  1.00 59.53 ? 169 ASP A N   1 
ATOM   1060 C  CA  . ASP A 1 153 ? 17.364  9.013   -4.935  1.00 57.60 ? 169 ASP A CA  1 
ATOM   1061 C  C   . ASP A 1 153 ? 16.915  8.144   -3.754  1.00 54.97 ? 169 ASP A C   1 
ATOM   1062 O  O   . ASP A 1 153 ? 17.273  8.407   -2.599  1.00 53.95 ? 169 ASP A O   1 
ATOM   1063 C  CB  . ASP A 1 153 ? 18.540  8.339   -5.664  1.00 57.62 ? 169 ASP A CB  1 
ATOM   1064 C  CG  . ASP A 1 153 ? 18.100  7.191   -6.560  1.00 55.11 ? 169 ASP A CG  1 
ATOM   1065 O  OD1 . ASP A 1 153 ? 16.885  7.014   -6.815  1.00 47.64 ? 169 ASP A OD1 1 
ATOM   1066 O  OD2 . ASP A 1 153 ? 18.989  6.464   -7.021  1.00 60.75 ? 169 ASP A OD2 1 
ATOM   1067 N  N   . VAL A 1 154 ? 16.127  7.115   -4.078  1.00 50.89 ? 170 VAL A N   1 
ATOM   1068 C  CA  . VAL A 1 154 ? 15.747  6.060   -3.139  1.00 49.31 ? 170 VAL A CA  1 
ATOM   1069 C  C   . VAL A 1 154 ? 16.235  4.705   -3.640  1.00 47.56 ? 170 VAL A C   1 
ATOM   1070 O  O   . VAL A 1 154 ? 15.909  4.318   -4.761  1.00 47.62 ? 170 VAL A O   1 
ATOM   1071 C  CB  . VAL A 1 154 ? 14.243  5.953   -3.016  1.00 50.20 ? 170 VAL A CB  1 
ATOM   1072 C  CG1 . VAL A 1 154 ? 13.862  4.681   -2.238  1.00 44.55 ? 170 VAL A CG1 1 
ATOM   1073 C  CG2 . VAL A 1 154 ? 13.699  7.217   -2.375  1.00 48.85 ? 170 VAL A CG2 1 
ATOM   1074 N  N   . THR A 1 155 ? 16.988  3.983   -2.809  1.00 43.70 ? 171 THR A N   1 
ATOM   1075 C  CA  . THR A 1 155 ? 17.546  2.695   -3.206  1.00 39.99 ? 171 THR A CA  1 
ATOM   1076 C  C   . THR A 1 155 ? 17.180  1.513   -2.273  1.00 38.17 ? 171 THR A C   1 
ATOM   1077 O  O   . THR A 1 155 ? 17.436  1.571   -1.059  1.00 35.28 ? 171 THR A O   1 
ATOM   1078 C  CB  . THR A 1 155 ? 19.063  2.792   -3.374  1.00 41.09 ? 171 THR A CB  1 
ATOM   1079 O  OG1 . THR A 1 155 ? 19.717  3.120   -2.124  1.00 34.67 ? 171 THR A OG1 1 
ATOM   1080 C  CG2 . THR A 1 155 ? 19.377  3.805   -4.487  1.00 41.08 ? 171 THR A CG2 1 
ATOM   1081 N  N   . ILE A 1 156 ? 16.626  0.443   -2.885  1.00 34.39 ? 172 ILE A N   1 
ATOM   1082 C  CA  . ILE A 1 156 ? 16.124  -0.741  -2.184  1.00 29.97 ? 172 ILE A CA  1 
ATOM   1083 C  C   . ILE A 1 156 ? 17.241  -1.699  -1.803  1.00 28.71 ? 172 ILE A C   1 
ATOM   1084 O  O   . ILE A 1 156 ? 17.941  -2.219  -2.653  1.00 30.13 ? 172 ILE A O   1 
ATOM   1085 C  CB  . ILE A 1 156 ? 15.108  -1.526  -3.029  1.00 29.14 ? 172 ILE A CB  1 
ATOM   1086 C  CG1 . ILE A 1 156 ? 13.992  -0.620  -3.573  1.00 29.71 ? 172 ILE A CG1 1 
ATOM   1087 C  CG2 . ILE A 1 156 ? 14.549  -2.703  -2.206  1.00 24.29 ? 172 ILE A CG2 1 
ATOM   1088 C  CD1 . ILE A 1 156 ? 13.180  0.058   -2.513  1.00 34.64 ? 172 ILE A CD1 1 
ATOM   1089 N  N   . THR A 1 157 ? 17.409  -1.943  -0.518  1.00 29.17 ? 173 THR A N   1 
ATOM   1090 C  CA  . THR A 1 157 ? 18.487  -2.816  -0.033  1.00 29.33 ? 173 THR A CA  1 
ATOM   1091 C  C   . THR A 1 157 ? 17.964  -4.228  0.257   1.00 27.76 ? 173 THR A C   1 
ATOM   1092 O  O   . THR A 1 157 ? 18.705  -5.190  0.268   1.00 26.80 ? 173 THR A O   1 
ATOM   1093 C  CB  . THR A 1 157 ? 19.092  -2.244  1.248   1.00 28.90 ? 173 THR A CB  1 
ATOM   1094 O  OG1 . THR A 1 157 ? 18.101  -2.271  2.294   1.00 34.43 ? 173 THR A OG1 1 
ATOM   1095 C  CG2 . THR A 1 157 ? 19.525  -0.809  1.016   1.00 28.11 ? 173 THR A CG2 1 
ATOM   1096 N  N   . SER A 1 158 ? 16.670  -4.339  0.493   1.00 29.12 ? 174 SER A N   1 
ATOM   1097 C  CA  . SER A 1 158 ? 16.068  -5.608  0.832   1.00 29.67 ? 174 SER A CA  1 
ATOM   1098 C  C   . SER A 1 158 ? 14.580  -5.562  0.620   1.00 29.34 ? 174 SER A C   1 
ATOM   1099 O  O   . SER A 1 158 ? 13.956  -4.512  0.726   1.00 30.21 ? 174 SER A O   1 
ATOM   1100 C  CB  . SER A 1 158 ? 16.345  -5.902  2.274   1.00 29.43 ? 174 SER A CB  1 
ATOM   1101 O  OG  . SER A 1 158 ? 15.185  -6.378  2.868   1.00 37.36 ? 174 SER A OG  1 
ATOM   1102 N  N   . SER A 1 159 ? 14.002  -6.712  0.338   1.00 28.17 ? 175 SER A N   1 
ATOM   1103 C  CA  . SER A 1 159 ? 12.595  -6.761  -0.018  1.00 27.53 ? 175 SER A CA  1 
ATOM   1104 C  C   . SER A 1 159 ? 12.028  -8.113  0.349   1.00 26.82 ? 175 SER A C   1 
ATOM   1105 O  O   . SER A 1 159 ? 12.683  -9.100  0.092   1.00 24.91 ? 175 SER A O   1 
ATOM   1106 C  CB  . SER A 1 159 ? 12.498  -6.571  -1.512  1.00 27.51 ? 175 SER A CB  1 
ATOM   1107 O  OG  . SER A 1 159 ? 11.224  -6.935  -1.990  1.00 38.82 ? 175 SER A OG  1 
ATOM   1108 N  N   . SER A 1 160 ? 10.836  -8.163  0.960   1.00 26.77 ? 176 SER A N   1 
ATOM   1109 C  CA  . SER A 1 160 ? 10.234  -9.423  1.392   1.00 26.54 ? 176 SER A CA  1 
ATOM   1110 C  C   . SER A 1 160 ? 8.764   -9.465  1.195   1.00 27.81 ? 176 SER A C   1 
ATOM   1111 O  O   . SER A 1 160 ? 8.090   -8.445  1.300   1.00 29.72 ? 176 SER A O   1 
ATOM   1112 C  CB  . SER A 1 160 ? 10.464  -9.671  2.863   1.00 25.72 ? 176 SER A CB  1 
ATOM   1113 O  OG  . SER A 1 160 ? 11.822  -9.500  3.173   1.00 30.50 ? 176 SER A OG  1 
ATOM   1114 N  N   . VAL A 1 161 ? 8.267   -10.672 0.947   1.00 27.90 ? 177 VAL A N   1 
ATOM   1115 C  CA  . VAL A 1 161 ? 6.852   -10.936 0.865   1.00 28.62 ? 177 VAL A CA  1 
ATOM   1116 C  C   . VAL A 1 161 ? 6.622   -12.034 1.835   1.00 28.37 ? 177 VAL A C   1 
ATOM   1117 O  O   . VAL A 1 161 ? 7.349   -12.998 1.852   1.00 32.57 ? 177 VAL A O   1 
ATOM   1118 C  CB  . VAL A 1 161 ? 6.411   -11.368 -0.504  1.00 28.81 ? 177 VAL A CB  1 
ATOM   1119 C  CG1 . VAL A 1 161 ? 4.957   -11.764 -0.456  1.00 22.41 ? 177 VAL A CG1 1 
ATOM   1120 C  CG2 . VAL A 1 161 ? 6.608   -10.215 -1.486  1.00 34.02 ? 177 VAL A CG2 1 
ATOM   1121 N  N   . TYR A 1 162 ? 5.657   -11.865 2.704   1.00 29.67 ? 178 TYR A N   1 
ATOM   1122 C  CA  . TYR A 1 162 ? 5.372   -12.907 3.678   1.00 29.99 ? 178 TYR A CA  1 
ATOM   1123 C  C   . TYR A 1 162 ? 3.890   -13.036 3.943   1.00 31.24 ? 178 TYR A C   1 
ATOM   1124 O  O   . TYR A 1 162 ? 3.068   -12.163 3.595   1.00 31.82 ? 178 TYR A O   1 
ATOM   1125 C  CB  . TYR A 1 162 ? 6.122   -12.667 4.972   1.00 27.55 ? 178 TYR A CB  1 
ATOM   1126 C  CG  . TYR A 1 162 ? 5.806   -11.360 5.609   1.00 27.44 ? 178 TYR A CG  1 
ATOM   1127 C  CD1 . TYR A 1 162 ? 6.405   -10.192 5.175   1.00 33.62 ? 178 TYR A CD1 1 
ATOM   1128 C  CD2 . TYR A 1 162 ? 4.934   -11.287 6.672   1.00 32.22 ? 178 TYR A CD2 1 
ATOM   1129 C  CE1 . TYR A 1 162 ? 6.126   -8.981  5.784   1.00 31.72 ? 178 TYR A CE1 1 
ATOM   1130 C  CE2 . TYR A 1 162 ? 4.647   -10.089 7.285   1.00 27.22 ? 178 TYR A CE2 1 
ATOM   1131 C  CZ  . TYR A 1 162 ? 5.237   -8.941  6.836   1.00 28.05 ? 178 TYR A CZ  1 
ATOM   1132 O  OH  . TYR A 1 162 ? 4.938   -7.756  7.459   1.00 35.85 ? 178 TYR A OH  1 
ATOM   1133 N  N   . THR A 1 163 ? 3.569   -14.143 4.584   1.00 31.10 ? 179 THR A N   1 
ATOM   1134 C  CA  . THR A 1 163 ? 2.214   -14.518 4.774   1.00 31.67 ? 179 THR A CA  1 
ATOM   1135 C  C   . THR A 1 163 ? 2.018   -14.892 6.227   1.00 31.46 ? 179 THR A C   1 
ATOM   1136 O  O   . THR A 1 163 ? 2.964   -15.103 6.952   1.00 32.98 ? 179 THR A O   1 
ATOM   1137 C  CB  . THR A 1 163 ? 1.894   -15.649 3.810   1.00 31.67 ? 179 THR A CB  1 
ATOM   1138 O  OG1 . THR A 1 163 ? 0.498   -15.901 3.827   1.00 37.88 ? 179 THR A OG1 1 
ATOM   1139 C  CG2 . THR A 1 163 ? 2.652   -16.912 4.177   1.00 28.58 ? 179 THR A CG2 1 
ATOM   1140 N  N   . GLY A 1 164 ? 0.774   -14.944 6.657   1.00 32.72 ? 180 GLY A N   1 
ATOM   1141 C  CA  . GLY A 1 164 ? 0.443   -15.266 8.039   1.00 30.36 ? 180 GLY A CA  1 
ATOM   1142 C  C   . GLY A 1 164 ? -1.053  -15.117 8.248   1.00 30.63 ? 180 GLY A C   1 
ATOM   1143 O  O   . GLY A 1 164 ? -1.820  -14.894 7.294   1.00 30.72 ? 180 GLY A O   1 
ATOM   1144 N  N   . SER A 1 165 ? -1.476  -15.271 9.491   1.00 30.98 ? 181 SER A N   1 
ATOM   1145 C  CA  . SER A 1 165 ? -2.884  -15.126 9.849   1.00 31.45 ? 181 SER A CA  1 
ATOM   1146 C  C   . SER A 1 165 ? -3.038  -14.737 11.312  1.00 32.52 ? 181 SER A C   1 
ATOM   1147 O  O   . SER A 1 165 ? -2.263  -15.164 12.150  1.00 32.76 ? 181 SER A O   1 
ATOM   1148 C  CB  . SER A 1 165 ? -3.631  -16.444 9.615   1.00 29.84 ? 181 SER A CB  1 
ATOM   1149 O  OG  . SER A 1 165 ? -4.941  -16.384 10.155  1.00 25.60 ? 181 SER A OG  1 
ATOM   1150 N  N   . PRO A 1 166 ? -4.062  -13.946 11.630  1.00 34.76 ? 182 PRO A N   1 
ATOM   1151 C  CA  . PRO A 1 166 ? -4.359  -13.730 13.034  1.00 34.29 ? 182 PRO A CA  1 
ATOM   1152 C  C   . PRO A 1 166 ? -4.826  -15.003 13.731  1.00 35.20 ? 182 PRO A C   1 
ATOM   1153 O  O   . PRO A 1 166 ? -4.711  -15.080 14.934  1.00 36.05 ? 182 PRO A O   1 
ATOM   1154 C  CB  . PRO A 1 166 ? -5.486  -12.708 12.997  1.00 33.58 ? 182 PRO A CB  1 
ATOM   1155 C  CG  . PRO A 1 166 ? -6.152  -12.945 11.719  1.00 37.02 ? 182 PRO A CG  1 
ATOM   1156 C  CD  . PRO A 1 166 ? -5.057  -13.300 10.757  1.00 37.27 ? 182 PRO A CD  1 
ATOM   1157 N  N   . TYR A 1 167 ? -5.331  -15.989 12.989  1.00 36.86 ? 183 TYR A N   1 
ATOM   1158 C  CA  . TYR A 1 167 ? -5.792  -17.247 13.585  1.00 37.90 ? 183 TYR A CA  1 
ATOM   1159 C  C   . TYR A 1 167 ? -4.796  -18.372 13.350  1.00 39.54 ? 183 TYR A C   1 
ATOM   1160 O  O   . TYR A 1 167 ? -4.320  -18.592 12.237  1.00 42.71 ? 183 TYR A O   1 
ATOM   1161 C  CB  . TYR A 1 167 ? -7.173  -17.658 13.034  1.00 37.68 ? 183 TYR A CB  1 
ATOM   1162 C  CG  . TYR A 1 167 ? -8.121  -16.485 12.903  1.00 41.47 ? 183 TYR A CG  1 
ATOM   1163 C  CD1 . TYR A 1 167 ? -8.525  -15.774 14.021  1.00 38.82 ? 183 TYR A CD1 1 
ATOM   1164 C  CD2 . TYR A 1 167 ? -8.575  -16.062 11.659  1.00 42.74 ? 183 TYR A CD2 1 
ATOM   1165 C  CE1 . TYR A 1 167 ? -9.365  -14.690 13.911  1.00 44.91 ? 183 TYR A CE1 1 
ATOM   1166 C  CE2 . TYR A 1 167 ? -9.415  -14.966 11.540  1.00 45.68 ? 183 TYR A CE2 1 
ATOM   1167 C  CZ  . TYR A 1 167 ? -9.809  -14.289 12.671  1.00 50.35 ? 183 TYR A CZ  1 
ATOM   1168 O  OH  . TYR A 1 167 ? -10.651 -13.205 12.569  1.00 58.68 ? 183 TYR A OH  1 
ATOM   1169 N  N   . LEU A 1 168 ? -4.486  -19.079 14.426  1.00 41.18 ? 184 LEU A N   1 
ATOM   1170 C  CA  . LEU A 1 168 ? -3.706  -20.318 14.377  1.00 41.48 ? 184 LEU A CA  1 
ATOM   1171 C  C   . LEU A 1 168 ? -4.522  -21.358 13.612  1.00 39.68 ? 184 LEU A C   1 
ATOM   1172 O  O   . LEU A 1 168 ? -5.753  -21.375 13.699  1.00 40.35 ? 184 LEU A O   1 
ATOM   1173 C  CB  . LEU A 1 168 ? -3.475  -20.850 15.813  1.00 42.69 ? 184 LEU A CB  1 
ATOM   1174 C  CG  . LEU A 1 168 ? -2.869  -19.933 16.890  1.00 43.31 ? 184 LEU A CG  1 
ATOM   1175 C  CD1 . LEU A 1 168 ? -2.831  -20.671 18.225  1.00 36.01 ? 184 LEU A CD1 1 
ATOM   1176 C  CD2 . LEU A 1 168 ? -1.473  -19.417 16.464  1.00 40.12 ? 184 LEU A CD2 1 
ATOM   1177 N  N   . GLY A 1 169 ? -3.856  -22.230 12.873  1.00 36.26 ? 185 GLY A N   1 
ATOM   1178 C  CA  . GLY A 1 169 ? -4.564  -23.296 12.179  1.00 33.67 ? 185 GLY A CA  1 
ATOM   1179 C  C   . GLY A 1 169 ? -4.669  -23.106 10.687  1.00 34.23 ? 185 GLY A C   1 
ATOM   1180 O  O   . GLY A 1 169 ? -5.000  -24.039 9.976   1.00 36.38 ? 185 GLY A O   1 
ATOM   1181 N  N   . ASN A 1 170 ? -4.378  -21.908 10.195  1.00 33.67 ? 186 ASN A N   1 
ATOM   1182 C  CA  . ASN A 1 170 ? -4.371  -21.682 8.765   1.00 31.34 ? 186 ASN A CA  1 
ATOM   1183 C  C   . ASN A 1 170 ? -3.151  -22.198 8.011   1.00 30.41 ? 186 ASN A C   1 
ATOM   1184 O  O   . ASN A 1 170 ? -3.280  -22.605 6.868   1.00 31.10 ? 186 ASN A O   1 
ATOM   1185 C  CB  . ASN A 1 170 ? -4.581  -20.198 8.485   1.00 31.56 ? 186 ASN A CB  1 
ATOM   1186 C  CG  . ASN A 1 170 ? -5.992  -19.738 8.842   1.00 32.73 ? 186 ASN A CG  1 
ATOM   1187 O  OD1 . ASN A 1 170 ? -6.202  -18.620 9.311   1.00 31.65 ? 186 ASN A OD1 1 
ATOM   1188 N  ND2 . ASN A 1 170 ? -6.969  -20.612 8.617   1.00 16.15 ? 186 ASN A ND2 1 
ATOM   1189 N  N   . ASP A 1 171 ? -1.971  -22.194 8.624   1.00 31.68 ? 187 ASP A N   1 
ATOM   1190 C  CA  . ASP A 1 171 ? -0.719  -22.536 7.900   1.00 33.09 ? 187 ASP A CA  1 
ATOM   1191 C  C   . ASP A 1 171 ? -0.645  -21.947 6.522   1.00 31.15 ? 187 ASP A C   1 
ATOM   1192 O  O   . ASP A 1 171 ? -0.521  -22.675 5.535   1.00 33.21 ? 187 ASP A O   1 
ATOM   1193 C  CB  . ASP A 1 171 ? -0.566  -24.030 7.703   1.00 33.88 ? 187 ASP A CB  1 
ATOM   1194 C  CG  . ASP A 1 171 ? -0.166  -24.720 8.918   1.00 43.68 ? 187 ASP A CG  1 
ATOM   1195 O  OD1 . ASP A 1 171 ? -0.137  -24.087 10.010  1.00 52.74 ? 187 ASP A OD1 1 
ATOM   1196 O  OD2 . ASP A 1 171 ? 0.106   -25.926 8.754   1.00 60.36 ? 187 ASP A OD2 1 
ATOM   1197 N  N   . PRO A 1 172 ? -0.737  -20.634 6.426   1.00 29.29 ? 188 PRO A N   1 
ATOM   1198 C  CA  . PRO A 1 172 ? -0.689  -20.107 5.081   1.00 27.89 ? 188 PRO A CA  1 
ATOM   1199 C  C   . PRO A 1 172 ? 0.706   -20.217 4.470   1.00 25.98 ? 188 PRO A C   1 
ATOM   1200 O  O   . PRO A 1 172 ? 1.699   -20.217 5.153   1.00 28.05 ? 188 PRO A O   1 
ATOM   1201 C  CB  . PRO A 1 172 ? -1.115  -18.653 5.255   1.00 29.10 ? 188 PRO A CB  1 
ATOM   1202 C  CG  . PRO A 1 172 ? -0.894  -18.337 6.675   1.00 28.90 ? 188 PRO A CG  1 
ATOM   1203 C  CD  . PRO A 1 172 ? -0.938  -19.601 7.447   1.00 27.00 ? 188 PRO A CD  1 
ATOM   1204 N  N   . SER A 1 173 ? 0.726   -20.231 3.163   1.00 27.21 ? 189 SER A N   1 
ATOM   1205 C  CA  . SER A 1 173 ? 1.870   -20.509 2.354   1.00 26.34 ? 189 SER A CA  1 
ATOM   1206 C  C   . SER A 1 173 ? 1.751   -19.680 1.074   1.00 26.54 ? 189 SER A C   1 
ATOM   1207 O  O   . SER A 1 173 ? 0.676   -19.618 0.469   1.00 28.36 ? 189 SER A O   1 
ATOM   1208 C  CB  . SER A 1 173 ? 1.768   -21.963 1.962   1.00 23.46 ? 189 SER A CB  1 
ATOM   1209 O  OG  . SER A 1 173 ? 3.037   -22.434 1.674   1.00 38.68 ? 189 SER A OG  1 
ATOM   1210 N  N   . PHE A 1 174 ? 2.820   -19.043 0.636   1.00 27.95 ? 190 PHE A N   1 
ATOM   1211 C  CA  . PHE A 1 174 ? 2.756   -18.298 -0.629  1.00 29.69 ? 190 PHE A CA  1 
ATOM   1212 C  C   . PHE A 1 174 ? 3.832   -18.812 -1.538  1.00 31.98 ? 190 PHE A C   1 
ATOM   1213 O  O   . PHE A 1 174 ? 4.993   -18.843 -1.171  1.00 34.40 ? 190 PHE A O   1 
ATOM   1214 C  CB  . PHE A 1 174 ? 2.956   -16.811 -0.435  1.00 26.51 ? 190 PHE A CB  1 
ATOM   1215 C  CG  . PHE A 1 174 ? 2.902   -16.009 -1.718  1.00 32.73 ? 190 PHE A CG  1 
ATOM   1216 C  CD1 . PHE A 1 174 ? 1.684   -15.676 -2.302  1.00 35.53 ? 190 PHE A CD1 1 
ATOM   1217 C  CD2 . PHE A 1 174 ? 4.063   -15.542 -2.321  1.00 32.64 ? 190 PHE A CD2 1 
ATOM   1218 C  CE1 . PHE A 1 174 ? 1.643   -14.926 -3.474  1.00 29.87 ? 190 PHE A CE1 1 
ATOM   1219 C  CE2 . PHE A 1 174 ? 4.017   -14.775 -3.478  1.00 30.73 ? 190 PHE A CE2 1 
ATOM   1220 C  CZ  . PHE A 1 174 ? 2.807   -14.467 -4.051  1.00 27.99 ? 190 PHE A CZ  1 
ATOM   1221 N  N   . SER A 1 175 ? 3.432   -19.213 -2.729  1.00 31.14 ? 191 SER A N   1 
ATOM   1222 C  CA  . SER A 1 175 ? 4.351   -19.592 -3.744  1.00 31.97 ? 191 SER A CA  1 
ATOM   1223 C  C   . SER A 1 175 ? 4.142   -18.699 -5.003  1.00 30.84 ? 191 SER A C   1 
ATOM   1224 O  O   . SER A 1 175 ? 3.034   -18.505 -5.440  1.00 29.22 ? 191 SER A O   1 
ATOM   1225 C  CB  . SER A 1 175 ? 4.135   -21.060 -4.023  1.00 30.48 ? 191 SER A CB  1 
ATOM   1226 O  OG  . SER A 1 175 ? 4.495   -21.379 -5.335  1.00 44.19 ? 191 SER A OG  1 
ATOM   1227 N  N   . GLY A 1 176 ? 5.215   -18.143 -5.565  1.00 29.26 ? 192 GLY A N   1 
ATOM   1228 C  CA  . GLY A 1 176 ? 5.125   -17.391 -6.826  1.00 25.46 ? 192 GLY A CA  1 
ATOM   1229 C  C   . GLY A 1 176 ? 6.100   -16.242 -6.859  1.00 22.89 ? 192 GLY A C   1 
ATOM   1230 O  O   . GLY A 1 176 ? 7.139   -16.309 -6.224  1.00 24.52 ? 192 GLY A O   1 
ATOM   1231 N  N   . ALA A 1 177 ? 5.748   -15.178 -7.567  1.00 19.85 ? 193 ALA A N   1 
ATOM   1232 C  CA  . ALA A 1 177 ? 6.673   -14.055 -7.815  1.00 21.76 ? 193 ALA A CA  1 
ATOM   1233 C  C   . ALA A 1 177 ? 6.281   -12.782 -7.042  1.00 21.38 ? 193 ALA A C   1 
ATOM   1234 O  O   . ALA A 1 177 ? 5.170   -12.627 -6.578  1.00 20.75 ? 193 ALA A O   1 
ATOM   1235 C  CB  . ALA A 1 177 ? 6.751   -13.738 -9.314  1.00 17.58 ? 193 ALA A CB  1 
ATOM   1236 N  N   . SER A 1 178 ? 7.228   -11.881 -6.927  1.00 20.74 ? 194 SER A N   1 
ATOM   1237 C  CA  . SER A 1 178 ? 6.993   -10.588 -6.331  1.00 25.00 ? 194 SER A CA  1 
ATOM   1238 C  C   . SER A 1 178 ? 8.027   -9.657  -6.936  1.00 24.48 ? 194 SER A C   1 
ATOM   1239 O  O   . SER A 1 178 ? 9.003   -10.112 -7.514  1.00 24.66 ? 194 SER A O   1 
ATOM   1240 C  CB  . SER A 1 178 ? 7.174   -10.656 -4.835  1.00 25.24 ? 194 SER A CB  1 
ATOM   1241 O  OG  . SER A 1 178 ? 8.505   -11.074 -4.561  1.00 41.29 ? 194 SER A OG  1 
ATOM   1242 N  N   . SER A 1 179 ? 7.784   -8.362  -6.887  1.00 26.37 ? 195 SER A N   1 
ATOM   1243 C  CA  . SER A 1 179 ? 8.799   -7.411  -7.321  1.00 28.08 ? 195 SER A CA  1 
ATOM   1244 C  C   . SER A 1 179 ? 8.749   -6.146  -6.502  1.00 27.45 ? 195 SER A C   1 
ATOM   1245 O  O   . SER A 1 179 ? 7.750   -5.851  -5.881  1.00 29.89 ? 195 SER A O   1 
ATOM   1246 C  CB  . SER A 1 179 ? 8.642   -7.082  -8.790  1.00 27.40 ? 195 SER A CB  1 
ATOM   1247 O  OG  . SER A 1 179 ? 7.355   -6.594  -9.005  1.00 32.70 ? 195 SER A OG  1 
ATOM   1248 N  N   . VAL A 1 180 ? 9.850   -5.419  -6.502  1.00 27.13 ? 196 VAL A N   1 
ATOM   1249 C  CA  . VAL A 1 180 ? 9.949   -4.142  -5.819  1.00 28.35 ? 196 VAL A CA  1 
ATOM   1250 C  C   . VAL A 1 180 ? 10.815  -3.225  -6.647  1.00 29.01 ? 196 VAL A C   1 
ATOM   1251 O  O   . VAL A 1 180 ? 11.824  -3.631  -7.213  1.00 34.02 ? 196 VAL A O   1 
ATOM   1252 C  CB  . VAL A 1 180 ? 10.539  -4.261  -4.426  1.00 29.86 ? 196 VAL A CB  1 
ATOM   1253 C  CG1 . VAL A 1 180 ? 10.543  -2.906  -3.749  1.00 32.81 ? 196 VAL A CG1 1 
ATOM   1254 C  CG2 . VAL A 1 180 ? 9.704   -5.219  -3.589  1.00 31.41 ? 196 VAL A CG2 1 
ATOM   1255 N  N   . SER A 1 181 ? 10.405  -1.985  -6.766  1.00 27.67 ? 197 SER A N   1 
ATOM   1256 C  CA  . SER A 1 181 ? 11.179  -1.040  -7.498  1.00 28.87 ? 197 SER A CA  1 
ATOM   1257 C  C   . SER A 1 181 ? 10.793  0.367   -7.055  1.00 29.89 ? 197 SER A C   1 
ATOM   1258 O  O   . SER A 1 181 ? 9.771   0.554   -6.398  1.00 31.87 ? 197 SER A O   1 
ATOM   1259 C  CB  . SER A 1 181 ? 10.907  -1.210  -8.960  1.00 27.02 ? 197 SER A CB  1 
ATOM   1260 O  OG  . SER A 1 181 ? 9.680   -0.596  -9.247  1.00 34.04 ? 197 SER A OG  1 
ATOM   1261 N  N   . TYR A 1 182 ? 11.620  1.347   -7.394  1.00 29.35 ? 198 TYR A N   1 
ATOM   1262 C  CA  . TYR A 1 182 ? 11.304  2.729   -7.106  1.00 28.66 ? 198 TYR A CA  1 
ATOM   1263 C  C   . TYR A 1 182 ? 10.964  3.450   -8.419  1.00 30.13 ? 198 TYR A C   1 
ATOM   1264 O  O   . TYR A 1 182 ? 11.758  3.446   -9.349  1.00 28.19 ? 198 TYR A O   1 
ATOM   1265 C  CB  . TYR A 1 182 ? 12.472  3.381   -6.389  1.00 25.18 ? 198 TYR A CB  1 
ATOM   1266 C  CG  . TYR A 1 182 ? 12.304  4.855   -6.156  1.00 29.77 ? 198 TYR A CG  1 
ATOM   1267 C  CD1 . TYR A 1 182 ? 11.320  5.334   -5.311  1.00 28.42 ? 198 TYR A CD1 1 
ATOM   1268 C  CD2 . TYR A 1 182 ? 13.156  5.776   -6.768  1.00 35.16 ? 198 TYR A CD2 1 
ATOM   1269 C  CE1 . TYR A 1 182 ? 11.177  6.695   -5.086  1.00 32.90 ? 198 TYR A CE1 1 
ATOM   1270 C  CE2 . TYR A 1 182 ? 13.026  7.118   -6.550  1.00 28.04 ? 198 TYR A CE2 1 
ATOM   1271 C  CZ  . TYR A 1 182 ? 12.036  7.577   -5.708  1.00 30.43 ? 198 TYR A CZ  1 
ATOM   1272 O  OH  . TYR A 1 182 ? 11.894  8.928   -5.516  1.00 38.78 ? 198 TYR A OH  1 
ATOM   1273 N  N   . ASP A 1 183 ? 9.764   4.035   -8.490  1.00 32.29 ? 199 ASP A N   1 
ATOM   1274 C  CA  . ASP A 1 183 ? 9.320   4.777   -9.670  1.00 33.35 ? 199 ASP A CA  1 
ATOM   1275 C  C   . ASP A 1 183 ? 9.783   6.215   -9.553  1.00 36.20 ? 199 ASP A C   1 
ATOM   1276 O  O   . ASP A 1 183 ? 9.283   6.967   -8.716  1.00 36.37 ? 199 ASP A O   1 
ATOM   1277 C  CB  . ASP A 1 183 ? 7.804   4.731   -9.796  1.00 31.10 ? 199 ASP A CB  1 
ATOM   1278 C  CG  . ASP A 1 183 ? 7.307   5.470   -11.009 1.00 34.35 ? 199 ASP A CG  1 
ATOM   1279 O  OD1 . ASP A 1 183 ? 7.862   6.549   -11.342 1.00 40.34 ? 199 ASP A OD1 1 
ATOM   1280 O  OD2 . ASP A 1 183 ? 6.350   4.980   -11.632 1.00 37.20 ? 199 ASP A OD2 1 
ATOM   1281 N  N   . LYS A 1 184 ? 10.712  6.619   -10.411 1.00 39.51 ? 200 LYS A N   1 
ATOM   1282 C  CA  . LYS A 1 184 ? 11.325  7.950   -10.259 1.00 41.58 ? 200 LYS A CA  1 
ATOM   1283 C  C   . LYS A 1 184 ? 10.404  9.095   -10.670 1.00 41.37 ? 200 LYS A C   1 
ATOM   1284 O  O   . LYS A 1 184 ? 10.592  10.218  -10.217 1.00 42.67 ? 200 LYS A O   1 
ATOM   1285 C  CB  . LYS A 1 184 ? 12.673  8.015   -10.985 1.00 41.88 ? 200 LYS A CB  1 
ATOM   1286 C  CG  . LYS A 1 184 ? 13.733  7.107   -10.363 1.00 47.79 ? 200 LYS A CG  1 
ATOM   1287 C  CD  . LYS A 1 184 ? 15.014  7.056   -11.204 1.00 57.71 ? 200 LYS A CD  1 
ATOM   1288 C  CE  . LYS A 1 184 ? 16.221  6.546   -10.392 1.00 61.25 ? 200 LYS A CE  1 
ATOM   1289 N  NZ  . LYS A 1 184 ? 17.472  6.441   -11.206 1.00 60.55 ? 200 LYS A NZ  1 
ATOM   1290 N  N   . ASP A 1 185 ? 9.399   8.819   -11.499 1.00 41.35 ? 201 ASP A N   1 
ATOM   1291 C  CA  . ASP A 1 185 ? 8.408   9.856   -11.836 1.00 42.31 ? 201 ASP A CA  1 
ATOM   1292 C  C   . ASP A 1 185 ? 7.442   10.127  -10.674 1.00 42.04 ? 201 ASP A C   1 
ATOM   1293 O  O   . ASP A 1 185 ? 7.302   11.265  -10.227 1.00 42.40 ? 201 ASP A O   1 
ATOM   1294 C  CB  . ASP A 1 185 ? 7.569   9.448   -13.045 1.00 42.87 ? 201 ASP A CB  1 
ATOM   1295 C  CG  . ASP A 1 185 ? 8.389   9.162   -14.242 1.00 42.17 ? 201 ASP A CG  1 
ATOM   1296 O  OD1 . ASP A 1 185 ? 9.369   9.899   -14.470 1.00 45.43 ? 201 ASP A OD1 1 
ATOM   1297 O  OD2 . ASP A 1 185 ? 8.047   8.193   -14.950 1.00 49.20 ? 201 ASP A OD2 1 
ATOM   1298 N  N   . LYS A 1 186 ? 6.771   9.069   -10.215 1.00 40.24 ? 202 LYS A N   1 
ATOM   1299 C  CA  . LYS A 1 186 ? 5.787   9.150   -9.141  1.00 38.81 ? 202 LYS A CA  1 
ATOM   1300 C  C   . LYS A 1 186 ? 6.459   9.318   -7.790  1.00 39.11 ? 202 LYS A C   1 
ATOM   1301 O  O   . LYS A 1 186 ? 5.816   9.741   -6.838  1.00 39.47 ? 202 LYS A O   1 
ATOM   1302 C  CB  . LYS A 1 186 ? 4.934   7.885   -9.103  1.00 39.46 ? 202 LYS A CB  1 
ATOM   1303 C  CG  . LYS A 1 186 ? 4.274   7.521   -10.424 1.00 38.90 ? 202 LYS A CG  1 
ATOM   1304 C  CD  . LYS A 1 186 ? 3.308   6.402   -10.204 1.00 41.13 ? 202 LYS A CD  1 
ATOM   1305 C  CE  . LYS A 1 186 ? 2.802   5.786   -11.477 1.00 38.74 ? 202 LYS A CE  1 
ATOM   1306 N  NZ  . LYS A 1 186 ? 2.367   4.412   -11.163 1.00 38.56 ? 202 LYS A NZ  1 
ATOM   1307 N  N   . LYS A 1 187 ? 7.747   8.974   -7.713  1.00 39.81 ? 203 LYS A N   1 
ATOM   1308 C  CA  . LYS A 1 187 ? 8.529   9.046   -6.472  1.00 39.40 ? 203 LYS A CA  1 
ATOM   1309 C  C   . LYS A 1 187 ? 7.927   8.138   -5.394  1.00 38.42 ? 203 LYS A C   1 
ATOM   1310 O  O   . LYS A 1 187 ? 7.847   8.511   -4.227  1.00 38.07 ? 203 LYS A O   1 
ATOM   1311 C  CB  . LYS A 1 187 ? 8.665   10.498  -6.000  1.00 39.28 ? 203 LYS A CB  1 
ATOM   1312 C  CG  . LYS A 1 187 ? 9.286   11.426  -7.077  1.00 47.03 ? 203 LYS A CG  1 
ATOM   1313 C  CD  . LYS A 1 187 ? 9.218   12.936  -6.718  1.00 56.63 ? 203 LYS A CD  1 
ATOM   1314 C  CE  . LYS A 1 187 ? 9.352   13.822  -7.964  1.00 61.25 ? 203 LYS A CE  1 
ATOM   1315 N  NZ  . LYS A 1 187 ? 10.278  13.203  -8.981  1.00 62.94 ? 203 LYS A NZ  1 
ATOM   1316 N  N   . LEU A 1 188 ? 7.503   6.943   -5.817  1.00 36.94 ? 204 LEU A N   1 
ATOM   1317 C  CA  . LEU A 1 188 ? 6.937   5.916   -4.933  1.00 34.76 ? 204 LEU A CA  1 
ATOM   1318 C  C   . LEU A 1 188 ? 7.735   4.613   -5.020  1.00 31.46 ? 204 LEU A C   1 
ATOM   1319 O  O   . LEU A 1 188 ? 8.374   4.342   -6.037  1.00 31.72 ? 204 LEU A O   1 
ATOM   1320 C  CB  . LEU A 1 188 ? 5.496   5.602   -5.355  1.00 33.78 ? 204 LEU A CB  1 
ATOM   1321 C  CG  . LEU A 1 188 ? 4.457   6.713   -5.283  1.00 35.12 ? 204 LEU A CG  1 
ATOM   1322 C  CD1 . LEU A 1 188 ? 3.130   6.201   -5.860  1.00 32.35 ? 204 LEU A CD1 1 
ATOM   1323 C  CD2 . LEU A 1 188 ? 4.290   7.173   -3.849  1.00 27.01 ? 204 LEU A CD2 1 
ATOM   1324 N  N   . ILE A 1 189 ? 7.672   3.806   -3.962  1.00 28.33 ? 205 ILE A N   1 
ATOM   1325 C  CA  . ILE A 1 189 ? 8.144   2.423   -4.004  1.00 25.94 ? 205 ILE A CA  1 
ATOM   1326 C  C   . ILE A 1 189 ? 6.931   1.588   -4.361  1.00 25.74 ? 205 ILE A C   1 
ATOM   1327 O  O   . ILE A 1 189 ? 5.900   1.805   -3.788  1.00 26.20 ? 205 ILE A O   1 
ATOM   1328 C  CB  . ILE A 1 189 ? 8.703   1.979   -2.647  1.00 26.49 ? 205 ILE A CB  1 
ATOM   1329 C  CG1 . ILE A 1 189 ? 9.943   2.816   -2.283  1.00 27.69 ? 205 ILE A CG1 1 
ATOM   1330 C  CG2 . ILE A 1 189 ? 9.090   0.518   -2.658  1.00 22.78 ? 205 ILE A CG2 1 
ATOM   1331 C  CD1 . ILE A 1 189 ? 10.442  2.617   -0.843  1.00 20.87 ? 205 ILE A CD1 1 
ATOM   1332 N  N   . ALA A 1 190 ? 7.053   0.681   -5.344  1.00 27.55 ? 206 ALA A N   1 
ATOM   1333 C  CA  . ALA A 1 190 ? 5.970   -0.233  -5.787  1.00 27.26 ? 206 ALA A CA  1 
ATOM   1334 C  C   . ALA A 1 190 ? 6.370   -1.629  -5.426  1.00 28.08 ? 206 ALA A C   1 
ATOM   1335 O  O   . ALA A 1 190 ? 7.444   -2.051  -5.806  1.00 30.95 ? 206 ALA A O   1 
ATOM   1336 C  CB  . ALA A 1 190 ? 5.766   -0.183  -7.295  1.00 23.15 ? 206 ALA A CB  1 
ATOM   1337 N  N   . ALA A 1 191 ? 5.513   -2.337  -4.695  1.00 27.88 ? 207 ALA A N   1 
ATOM   1338 C  CA  . ALA A 1 191 ? 5.745   -3.734  -4.324  1.00 26.01 ? 207 ALA A CA  1 
ATOM   1339 C  C   . ALA A 1 191 ? 4.565   -4.524  -4.895  1.00 27.88 ? 207 ALA A C   1 
ATOM   1340 O  O   . ALA A 1 191 ? 3.404   -4.122  -4.725  1.00 29.74 ? 207 ALA A O   1 
ATOM   1341 C  CB  . ALA A 1 191 ? 5.829   -3.902  -2.779  1.00 21.65 ? 207 ALA A CB  1 
ATOM   1342 N  N   . SER A 1 192 ? 4.849   -5.627  -5.589  1.00 25.82 ? 208 SER A N   1 
ATOM   1343 C  CA  . SER A 1 192 ? 3.794   -6.407  -6.214  1.00 26.02 ? 208 SER A CA  1 
ATOM   1344 C  C   . SER A 1 192 ? 3.961   -7.852  -5.920  1.00 26.94 ? 208 SER A C   1 
ATOM   1345 O  O   . SER A 1 192 ? 5.063   -8.307  -5.640  1.00 27.97 ? 208 SER A O   1 
ATOM   1346 C  CB  . SER A 1 192 ? 3.816   -6.247  -7.731  1.00 24.47 ? 208 SER A CB  1 
ATOM   1347 O  OG  . SER A 1 192 ? 3.395   -4.949  -8.093  1.00 28.45 ? 208 SER A OG  1 
ATOM   1348 N  N   . CYS A 1 193 ? 2.864   -8.590  -6.026  1.00 24.89 ? 209 CYS A N   1 
ATOM   1349 C  CA  . CYS A 1 193 ? 2.965   -10.009 -5.982  1.00 22.91 ? 209 CYS A CA  1 
ATOM   1350 C  C   . CYS A 1 193 ? 2.095   -10.610 -7.062  1.00 23.33 ? 209 CYS A C   1 
ATOM   1351 O  O   . CYS A 1 193 ? 1.142   -9.980  -7.541  1.00 23.88 ? 209 CYS A O   1 
ATOM   1352 C  CB  . CYS A 1 193 ? 2.585   -10.519 -4.623  1.00 26.18 ? 209 CYS A CB  1 
ATOM   1353 S  SG  . CYS A 1 193 ? 0.834   -10.467 -4.319  1.00 28.45 ? 209 CYS A SG  1 
ATOM   1354 N  N   . SER A 1 194 ? 2.489   -11.806 -7.470  1.00 20.68 ? 210 SER A N   1 
ATOM   1355 C  CA  . SER A 1 194 ? 1.754   -12.586 -8.412  1.00 22.00 ? 210 SER A CA  1 
ATOM   1356 C  C   . SER A 1 194 ? 2.067   -14.052 -8.120  1.00 21.75 ? 210 SER A C   1 
ATOM   1357 O  O   . SER A 1 194 ? 3.147   -14.516 -8.414  1.00 22.69 ? 210 SER A O   1 
ATOM   1358 C  CB  . SER A 1 194 ? 2.178   -12.219 -9.820  1.00 21.59 ? 210 SER A CB  1 
ATOM   1359 O  OG  . SER A 1 194 ? 1.435   -12.984 -10.752 1.00 24.28 ? 210 SER A OG  1 
ATOM   1360 N  N   . GLY A 1 195 ? 1.128   -14.747 -7.509  1.00 21.66 ? 211 GLY A N   1 
ATOM   1361 C  CA  . GLY A 1 195 ? 1.369   -16.085 -6.986  1.00 23.79 ? 211 GLY A CA  1 
ATOM   1362 C  C   . GLY A 1 195 ? 0.116   -16.722 -6.376  1.00 25.66 ? 211 GLY A C   1 
ATOM   1363 O  O   . GLY A 1 195 ? -1.007  -16.266 -6.614  1.00 26.87 ? 211 GLY A O   1 
ATOM   1364 N  N   . THR A 1 196 ? 0.311   -17.782 -5.602  1.00 25.14 ? 212 THR A N   1 
ATOM   1365 C  CA  . THR A 1 196 ? -0.775  -18.535 -5.032  1.00 24.55 ? 212 THR A CA  1 
ATOM   1366 C  C   . THR A 1 196 ? -0.633  -18.566 -3.536  1.00 24.53 ? 212 THR A C   1 
ATOM   1367 O  O   . THR A 1 196 ? 0.420   -18.919 -3.008  1.00 28.76 ? 212 THR A O   1 
ATOM   1368 C  CB  . THR A 1 196 ? -0.833  -19.958 -5.612  1.00 24.60 ? 212 THR A CB  1 
ATOM   1369 O  OG1 . THR A 1 196 ? -1.101  -19.850 -7.005  1.00 29.40 ? 212 THR A OG1 1 
ATOM   1370 C  CG2 . THR A 1 196 ? -2.004  -20.770 -5.022  1.00 20.69 ? 212 THR A CG2 1 
ATOM   1371 N  N   . LEU A 1 197 ? -1.699  -18.170 -2.850  1.00 23.19 ? 213 LEU A N   1 
ATOM   1372 C  CA  . LEU A 1 197 ? -1.773  -18.266 -1.392  1.00 21.36 ? 213 LEU A CA  1 
ATOM   1373 C  C   . LEU A 1 197 ? -2.519  -19.538 -1.113  1.00 19.39 ? 213 LEU A C   1 
ATOM   1374 O  O   . LEU A 1 197 ? -3.566  -19.761 -1.706  1.00 17.78 ? 213 LEU A O   1 
ATOM   1375 C  CB  . LEU A 1 197 ? -2.527  -17.080 -0.800  1.00 21.16 ? 213 LEU A CB  1 
ATOM   1376 C  CG  . LEU A 1 197 ? -2.856  -17.037 0.695   1.00 27.80 ? 213 LEU A CG  1 
ATOM   1377 C  CD1 . LEU A 1 197 ? -1.569  -16.938 1.565   1.00 16.60 ? 213 LEU A CD1 1 
ATOM   1378 C  CD2 . LEU A 1 197 ? -3.861  -15.866 0.983   1.00 22.91 ? 213 LEU A CD2 1 
ATOM   1379 N  N   . SER A 1 198 ? -1.957  -20.392 -0.257  1.00 19.54 ? 214 SER A N   1 
ATOM   1380 C  CA  . SER A 1 198 ? -2.623  -21.641 0.131   1.00 20.99 ? 214 SER A CA  1 
ATOM   1381 C  C   . SER A 1 198 ? -2.745  -21.631 1.617   1.00 21.44 ? 214 SER A C   1 
ATOM   1382 O  O   . SER A 1 198 ? -1.813  -21.218 2.288   1.00 20.11 ? 214 SER A O   1 
ATOM   1383 C  CB  . SER A 1 198 ? -1.802  -22.873 -0.258  1.00 18.84 ? 214 SER A CB  1 
ATOM   1384 O  OG  . SER A 1 198 ? -1.690  -22.937 -1.658  1.00 31.85 ? 214 SER A OG  1 
ATOM   1385 N  N   . PHE A 1 199 ? -3.895  -22.076 2.127   1.00 22.14 ? 215 PHE A N   1 
ATOM   1386 C  CA  . PHE A 1 199 ? -4.091  -22.240 3.567   1.00 22.40 ? 215 PHE A CA  1 
ATOM   1387 C  C   . PHE A 1 199 ? -5.209  -23.212 3.877   1.00 21.63 ? 215 PHE A C   1 
ATOM   1388 O  O   . PHE A 1 199 ? -6.049  -23.541 3.033   1.00 20.44 ? 215 PHE A O   1 
ATOM   1389 C  CB  . PHE A 1 199 ? -4.318  -20.890 4.270   1.00 25.13 ? 215 PHE A CB  1 
ATOM   1390 C  CG  . PHE A 1 199 ? -5.590  -20.169 3.866   1.00 25.52 ? 215 PHE A CG  1 
ATOM   1391 C  CD1 . PHE A 1 199 ? -6.766  -20.364 4.558   1.00 27.92 ? 215 PHE A CD1 1 
ATOM   1392 C  CD2 . PHE A 1 199 ? -5.586  -19.247 2.852   1.00 28.14 ? 215 PHE A CD2 1 
ATOM   1393 C  CE1 . PHE A 1 199 ? -7.928  -19.684 4.202   1.00 29.18 ? 215 PHE A CE1 1 
ATOM   1394 C  CE2 . PHE A 1 199 ? -6.754  -18.572 2.488   1.00 31.54 ? 215 PHE A CE2 1 
ATOM   1395 C  CZ  . PHE A 1 199 ? -7.919  -18.787 3.170   1.00 27.14 ? 215 PHE A CZ  1 
ATOM   1396 N  N   . LYS A 1 200 ? -5.179  -23.702 5.097   1.00 23.94 ? 216 LYS A N   1 
ATOM   1397 C  CA  . LYS A 1 200 ? -6.224  -24.579 5.603   1.00 26.80 ? 216 LYS A CA  1 
ATOM   1398 C  C   . LYS A 1 200 ? -7.340  -23.746 6.223   1.00 25.62 ? 216 LYS A C   1 
ATOM   1399 O  O   . LYS A 1 200 ? -7.075  -22.813 6.986   1.00 25.98 ? 216 LYS A O   1 
ATOM   1400 C  CB  . LYS A 1 200 ? -5.661  -25.522 6.677   1.00 28.03 ? 216 LYS A CB  1 
ATOM   1401 C  CG  . LYS A 1 200 ? -4.602  -26.525 6.188   1.00 36.77 ? 216 LYS A CG  1 
ATOM   1402 C  CD  . LYS A 1 200 ? -5.201  -27.631 5.298   1.00 47.40 ? 216 LYS A CD  1 
ATOM   1403 C  CE  . LYS A 1 200 ? -5.868  -28.757 6.110   1.00 54.16 ? 216 LYS A CE  1 
ATOM   1404 N  NZ  . LYS A 1 200 ? -6.751  -29.624 5.253   1.00 55.06 ? 216 LYS A NZ  1 
ATOM   1405 N  N   . ASP A 1 201 ? -8.574  -24.074 5.858   1.00 25.26 ? 217 ASP A N   1 
ATOM   1406 C  CA  . ASP A 1 201 ? -9.777  -23.624 6.553   1.00 23.43 ? 217 ASP A CA  1 
ATOM   1407 C  C   . ASP A 1 201 ? -10.383 -24.859 7.187   1.00 23.10 ? 217 ASP A C   1 
ATOM   1408 O  O   . ASP A 1 201 ? -11.415 -25.338 6.741   1.00 24.81 ? 217 ASP A O   1 
ATOM   1409 C  CB  . ASP A 1 201 ? -10.761 -23.028 5.555   1.00 24.07 ? 217 ASP A CB  1 
ATOM   1410 C  CG  . ASP A 1 201 ? -12.058 -22.581 6.195   1.00 25.64 ? 217 ASP A CG  1 
ATOM   1411 O  OD1 . ASP A 1 201 ? -12.088 -22.342 7.427   1.00 26.43 ? 217 ASP A OD1 1 
ATOM   1412 O  OD2 . ASP A 1 201 ? -13.045 -22.466 5.439   1.00 32.38 ? 217 ASP A OD2 1 
ATOM   1413 N  N   . GLY A 1 202 ? -9.735  -25.400 8.211   1.00 22.95 ? 218 GLY A N   1 
ATOM   1414 C  CA  . GLY A 1 202 ? -10.196 -26.658 8.801   1.00 23.52 ? 218 GLY A CA  1 
ATOM   1415 C  C   . GLY A 1 202 ? -9.875  -27.759 7.816   1.00 24.59 ? 218 GLY A C   1 
ATOM   1416 O  O   . GLY A 1 202 ? -8.751  -27.833 7.331   1.00 27.28 ? 218 GLY A O   1 
ATOM   1417 N  N   . SER A 1 203 ? -10.852 -28.594 7.489   1.00 24.20 ? 219 SER A N   1 
ATOM   1418 C  CA  . SER A 1 203 ? -10.644 -29.668 6.516   1.00 25.09 ? 219 SER A CA  1 
ATOM   1419 C  C   . SER A 1 203 ? -10.656 -29.214 5.038   1.00 29.16 ? 219 SER A C   1 
ATOM   1420 O  O   . SER A 1 203 ? -10.537 -30.052 4.151   1.00 31.80 ? 219 SER A O   1 
ATOM   1421 C  CB  . SER A 1 203 ? -11.709 -30.736 6.703   1.00 24.08 ? 219 SER A CB  1 
ATOM   1422 O  OG  . SER A 1 203 ? -13.001 -30.201 6.494   1.00 19.34 ? 219 SER A OG  1 
ATOM   1423 N  N   . ARG A 1 204 ? -10.818 -27.917 4.774   1.00 29.77 ? 220 ARG A N   1 
ATOM   1424 C  CA  . ARG A 1 204 ? -10.865 -27.395 3.405   1.00 31.43 ? 220 ARG A CA  1 
ATOM   1425 C  C   . ARG A 1 204 ? -9.563  -26.701 3.058   1.00 30.57 ? 220 ARG A C   1 
ATOM   1426 O  O   . ARG A 1 204 ? -9.140  -25.826 3.795   1.00 31.17 ? 220 ARG A O   1 
ATOM   1427 C  CB  . ARG A 1 204 ? -11.985 -26.361 3.280   1.00 32.16 ? 220 ARG A CB  1 
ATOM   1428 C  CG  . ARG A 1 204 ? -13.374 -26.945 3.114   1.00 33.32 ? 220 ARG A CG  1 
ATOM   1429 C  CD  . ARG A 1 204 ? -14.457 -26.007 3.662   1.00 38.79 ? 220 ARG A CD  1 
ATOM   1430 N  NE  . ARG A 1 204 ? -14.772 -26.301 5.076   1.00 39.23 ? 220 ARG A NE  1 
ATOM   1431 N  N   . LYS A 1 205 ? -8.928  -27.090 1.953   1.00 29.60 ? 221 LYS A N   1 
ATOM   1432 C  CA  . LYS A 1 205 ? -7.753  -26.376 1.443   1.00 28.06 ? 221 LYS A CA  1 
ATOM   1433 C  C   . LYS A 1 205 ? -8.262  -25.191 0.629   1.00 26.51 ? 221 LYS A C   1 
ATOM   1434 O  O   . LYS A 1 205 ? -9.167  -25.327 -0.182  1.00 26.16 ? 221 LYS A O   1 
ATOM   1435 C  CB  . LYS A 1 205 ? -6.850  -27.288 0.588   1.00 29.89 ? 221 LYS A CB  1 
ATOM   1436 C  CG  . LYS A 1 205 ? -6.262  -28.551 1.319   1.00 31.29 ? 221 LYS A CG  1 
ATOM   1437 N  N   . VAL A 1 206 ? -7.729  -24.005 0.870   1.00 25.77 ? 222 VAL A N   1 
ATOM   1438 C  CA  . VAL A 1 206 ? -8.109  -22.850 0.061   1.00 27.01 ? 222 VAL A CA  1 
ATOM   1439 C  C   . VAL A 1 206 ? -6.887  -22.440 -0.748  1.00 25.85 ? 222 VAL A C   1 
ATOM   1440 O  O   . VAL A 1 206 ? -5.798  -22.337 -0.202  1.00 28.37 ? 222 VAL A O   1 
ATOM   1441 C  CB  . VAL A 1 206 ? -8.598  -21.661 0.947   1.00 28.79 ? 222 VAL A CB  1 
ATOM   1442 C  CG1 . VAL A 1 206 ? -8.941  -20.430 0.107   1.00 24.13 ? 222 VAL A CG1 1 
ATOM   1443 C  CG2 . VAL A 1 206 ? -9.775  -22.091 1.772   1.00 18.34 ? 222 VAL A CG2 1 
ATOM   1444 N  N   . GLU A 1 207 ? -7.059  -22.211 -2.040  1.00 25.06 ? 223 GLU A N   1 
ATOM   1445 C  CA  . GLU A 1 207 ? -5.993  -21.650 -2.853  1.00 26.29 ? 223 GLU A CA  1 
ATOM   1446 C  C   . GLU A 1 207 ? -6.478  -20.428 -3.565  1.00 26.48 ? 223 GLU A C   1 
ATOM   1447 O  O   . GLU A 1 207 ? -7.509  -20.477 -4.220  1.00 27.75 ? 223 GLU A O   1 
ATOM   1448 C  CB  . GLU A 1 207 ? -5.505  -22.650 -3.877  1.00 29.09 ? 223 GLU A CB  1 
ATOM   1449 C  CG  . GLU A 1 207 ? -4.778  -23.820 -3.257  1.00 36.10 ? 223 GLU A CG  1 
ATOM   1450 C  CD  . GLU A 1 207 ? -3.943  -24.601 -4.238  1.00 46.62 ? 223 GLU A CD  1 
ATOM   1451 O  OE1 . GLU A 1 207 ? -3.950  -24.308 -5.486  1.00 44.94 ? 223 GLU A OE1 1 
ATOM   1452 O  OE2 . GLU A 1 207 ? -3.257  -25.510 -3.715  1.00 54.14 ? 223 GLU A OE2 1 
ATOM   1453 N  N   . VAL A 1 208 ? -5.731  -19.334 -3.454  1.00 25.70 ? 224 VAL A N   1 
ATOM   1454 C  CA  . VAL A 1 208 ? -6.126  -18.087 -4.087  1.00 27.36 ? 224 VAL A CA  1 
ATOM   1455 C  C   . VAL A 1 208 ? -4.953  -17.575 -4.901  1.00 27.41 ? 224 VAL A C   1 
ATOM   1456 O  O   . VAL A 1 208 ? -3.839  -17.482 -4.387  1.00 27.89 ? 224 VAL A O   1 
ATOM   1457 C  CB  . VAL A 1 208 ? -6.528  -17.013 -3.038  1.00 28.96 ? 224 VAL A CB  1 
ATOM   1458 C  CG1 . VAL A 1 208 ? -7.089  -15.776 -3.715  1.00 25.25 ? 224 VAL A CG1 1 
ATOM   1459 C  CG2 . VAL A 1 208 ? -7.533  -17.585 -2.091  1.00 25.62 ? 224 VAL A CG2 1 
ATOM   1460 N  N   . THR A 1 209 ? -5.202  -17.273 -6.172  1.00 26.59 ? 225 THR A N   1 
ATOM   1461 C  CA  . THR A 1 209 ? -4.202  -16.666 -7.029  1.00 24.87 ? 225 THR A CA  1 
ATOM   1462 C  C   . THR A 1 209 ? -4.356  -15.205 -6.749  1.00 24.02 ? 225 THR A C   1 
ATOM   1463 O  O   . THR A 1 209 ? -5.467  -14.706 -6.797  1.00 26.42 ? 225 THR A O   1 
ATOM   1464 C  CB  . THR A 1 209 ? -4.421  -17.001 -8.510  1.00 24.61 ? 225 THR A CB  1 
ATOM   1465 O  OG1 . THR A 1 209 ? -4.257  -18.407 -8.670  1.00 28.72 ? 225 THR A OG1 1 
ATOM   1466 C  CG2 . THR A 1 209 ? -3.380  -16.343 -9.375  1.00 24.63 ? 225 THR A CG2 1 
ATOM   1467 N  N   . VAL A 1 210 ? -3.259  -14.548 -6.383  1.00 22.24 ? 226 VAL A N   1 
ATOM   1468 C  CA  . VAL A 1 210 ? -3.284  -13.153 -5.982  1.00 22.20 ? 226 VAL A CA  1 
ATOM   1469 C  C   . VAL A 1 210 ? -2.329  -12.300 -6.806  1.00 22.32 ? 226 VAL A C   1 
ATOM   1470 O  O   . VAL A 1 210 ? -1.145  -12.573 -6.872  1.00 24.65 ? 226 VAL A O   1 
ATOM   1471 C  CB  . VAL A 1 210 ? -2.899  -12.998 -4.528  1.00 22.79 ? 226 VAL A CB  1 
ATOM   1472 C  CG1 . VAL A 1 210 ? -2.893  -11.511 -4.145  1.00 23.19 ? 226 VAL A CG1 1 
ATOM   1473 C  CG2 . VAL A 1 210 ? -3.858  -13.822 -3.637  1.00 22.42 ? 226 VAL A CG2 1 
ATOM   1474 N  N   . GLN A 1 211 ? -2.851  -11.257 -7.437  1.00 21.87 ? 227 GLN A N   1 
ATOM   1475 C  CA  . GLN A 1 211 ? -2.023  -10.322 -8.186  1.00 20.81 ? 227 GLN A CA  1 
ATOM   1476 C  C   . GLN A 1 211 ? -2.363  -8.925  -7.676  1.00 19.83 ? 227 GLN A C   1 
ATOM   1477 O  O   . GLN A 1 211 ? -3.431  -8.409  -8.002  1.00 22.67 ? 227 GLN A O   1 
ATOM   1478 C  CB  . GLN A 1 211 ? -2.306  -10.438 -9.671  1.00 17.93 ? 227 GLN A CB  1 
ATOM   1479 C  CG  . GLN A 1 211 ? -1.956  -11.763 -10.262 1.00 23.43 ? 227 GLN A CG  1 
ATOM   1480 C  CD  . GLN A 1 211 ? -2.380  -11.874 -11.724 1.00 19.95 ? 227 GLN A CD  1 
ATOM   1481 O  OE1 . GLN A 1 211 ? -3.512  -12.132 -12.036 1.00 31.91 ? 227 GLN A OE1 1 
ATOM   1482 N  NE2 . GLN A 1 211 ? -1.460  -11.679 -12.599 1.00 31.16 ? 227 GLN A NE2 1 
ATOM   1483 N  N   . LYS A 1 212 ? -1.471  -8.322  -6.882  1.00 19.24 ? 228 LYS A N   1 
ATOM   1484 C  CA  . LYS A 1 212 ? -1.716  -7.014  -6.269  1.00 24.10 ? 228 LYS A CA  1 
ATOM   1485 C  C   . LYS A 1 212 ? -0.498  -6.113  -6.234  1.00 23.60 ? 228 LYS A C   1 
ATOM   1486 O  O   . LYS A 1 212 ? 0.619   -6.596  -6.293  1.00 25.13 ? 228 LYS A O   1 
ATOM   1487 C  CB  . LYS A 1 212 ? -2.234  -7.198  -4.828  1.00 27.43 ? 228 LYS A CB  1 
ATOM   1488 C  CG  . LYS A 1 212 ? -3.553  -7.917  -4.778  1.00 27.88 ? 228 LYS A CG  1 
ATOM   1489 C  CD  . LYS A 1 212 ? -4.622  -7.153  -4.071  1.00 30.99 ? 228 LYS A CD  1 
ATOM   1490 C  CE  . LYS A 1 212 ? -5.870  -7.165  -4.871  1.00 38.49 ? 228 LYS A CE  1 
ATOM   1491 N  NZ  . LYS A 1 212 ? -6.962  -6.415  -4.252  1.00 38.50 ? 228 LYS A NZ  1 
ATOM   1492 N  N   . THR A 1 213 ? -0.727  -4.805  -6.117  1.00 23.64 ? 229 THR A N   1 
ATOM   1493 C  CA  . THR A 1 213 ? 0.354   -3.834  -6.041  1.00 24.73 ? 229 THR A CA  1 
ATOM   1494 C  C   . THR A 1 213 ? 0.057   -2.797  -4.960  1.00 26.92 ? 229 THR A C   1 
ATOM   1495 O  O   . THR A 1 213 ? -1.031  -2.262  -4.870  1.00 28.42 ? 229 THR A O   1 
ATOM   1496 C  CB  . THR A 1 213 ? 0.587   -3.134  -7.389  1.00 25.91 ? 229 THR A CB  1 
ATOM   1497 O  OG1 . THR A 1 213 ? 0.988   -4.103  -8.369  1.00 29.36 ? 229 THR A OG1 1 
ATOM   1498 C  CG2 . THR A 1 213 ? 1.680   -2.078  -7.299  1.00 19.39 ? 229 THR A CG2 1 
ATOM   1499 N  N   . GLY A 1 214 ? 1.042   -2.553  -4.122  1.00 27.28 ? 230 GLY A N   1 
ATOM   1500 C  CA  . GLY A 1 214 ? 0.962   -1.552  -3.116  1.00 28.49 ? 230 GLY A CA  1 
ATOM   1501 C  C   . GLY A 1 214 ? 2.089   -0.553  -3.309  1.00 30.24 ? 230 GLY A C   1 
ATOM   1502 O  O   . GLY A 1 214 ? 3.222   -0.927  -3.663  1.00 31.86 ? 230 GLY A O   1 
ATOM   1503 N  N   . PHE A 1 215 ? 1.765   0.715   -3.062  1.00 29.88 ? 231 PHE A N   1 
ATOM   1504 C  CA  . PHE A 1 215 ? 2.700   1.811   -3.196  1.00 29.52 ? 231 PHE A CA  1 
ATOM   1505 C  C   . PHE A 1 215 ? 3.038   2.397   -1.841  1.00 30.29 ? 231 PHE A C   1 
ATOM   1506 O  O   . PHE A 1 215 ? 2.242   2.360   -0.911  1.00 27.78 ? 231 PHE A O   1 
ATOM   1507 C  CB  . PHE A 1 215 ? 2.132   2.885   -4.129  1.00 30.29 ? 231 PHE A CB  1 
ATOM   1508 C  CG  . PHE A 1 215 ? 2.024   2.437   -5.566  1.00 24.53 ? 231 PHE A CG  1 
ATOM   1509 C  CD1 . PHE A 1 215 ? 0.896   1.796   -6.018  1.00 23.85 ? 231 PHE A CD1 1 
ATOM   1510 C  CD2 . PHE A 1 215 ? 3.088   2.618   -6.450  1.00 31.93 ? 231 PHE A CD2 1 
ATOM   1511 C  CE1 . PHE A 1 215 ? 0.797   1.373   -7.352  1.00 27.22 ? 231 PHE A CE1 1 
ATOM   1512 C  CE2 . PHE A 1 215 ? 3.013   2.200   -7.772  1.00 26.18 ? 231 PHE A CE2 1 
ATOM   1513 C  CZ  . PHE A 1 215 ? 1.853   1.571   -8.221  1.00 30.98 ? 231 PHE A CZ  1 
HETATM 1514 N  N   . MSE A 1 216 ? 4.241   2.942   -1.737  1.00 31.80 ? 232 MSE A N   1 
HETATM 1515 C  CA  . MSE A 1 216 ? 4.717   3.490   -0.489  1.00 31.26 ? 232 MSE A CA  1 
HETATM 1516 C  C   . MSE A 1 216 ? 5.412   4.837   -0.722  1.00 31.00 ? 232 MSE A C   1 
HETATM 1517 O  O   . MSE A 1 216 ? 6.293   4.947   -1.587  1.00 27.56 ? 232 MSE A O   1 
HETATM 1518 C  CB  . MSE A 1 216 ? 5.667   2.486   0.142   1.00 31.33 ? 232 MSE A CB  1 
HETATM 1519 C  CG  . MSE A 1 216 ? 4.971   1.258   0.626   1.00 33.65 ? 232 MSE A CG  1 
HETATM 1520 SE SE  . MSE A 1 216 ? 6.197   -0.110  1.180   0.75 30.23 ? 232 MSE A SE  1 
HETATM 1521 C  CE  . MSE A 1 216 ? 6.609   -0.952  -0.509  1.00 28.94 ? 232 MSE A CE  1 
ATOM   1522 N  N   . ILE A 1 217 ? 4.990   5.869   0.014   1.00 31.28 ? 233 ILE A N   1 
ATOM   1523 C  CA  . ILE A 1 217 ? 5.736   7.126   0.002   1.00 32.76 ? 233 ILE A CA  1 
ATOM   1524 C  C   . ILE A 1 217 ? 6.956   6.869   0.880   1.00 33.86 ? 233 ILE A C   1 
ATOM   1525 O  O   . ILE A 1 217 ? 6.817   6.689   2.092   1.00 33.49 ? 233 ILE A O   1 
ATOM   1526 C  CB  . ILE A 1 217 ? 4.953   8.355   0.537   1.00 33.39 ? 233 ILE A CB  1 
ATOM   1527 C  CG1 . ILE A 1 217 ? 3.735   8.652   -0.345  1.00 32.19 ? 233 ILE A CG1 1 
ATOM   1528 C  CG2 . ILE A 1 217 ? 5.887   9.595   0.563   1.00 28.60 ? 233 ILE A CG2 1 
ATOM   1529 C  CD1 . ILE A 1 217 ? 3.072   10.023  -0.084  1.00 32.97 ? 233 ILE A CD1 1 
ATOM   1530 N  N   . PRO A 1 218 ? 8.149   6.832   0.272   1.00 33.41 ? 234 PRO A N   1 
ATOM   1531 C  CA  . PRO A 1 218 ? 9.365   6.530   1.021   1.00 35.19 ? 234 PRO A CA  1 
ATOM   1532 C  C   . PRO A 1 218 ? 9.649   7.569   2.092   1.00 36.63 ? 234 PRO A C   1 
ATOM   1533 O  O   . PRO A 1 218 ? 9.398   8.746   1.832   1.00 38.77 ? 234 PRO A O   1 
ATOM   1534 C  CB  . PRO A 1 218 ? 10.472  6.576   -0.037  1.00 36.76 ? 234 PRO A CB  1 
ATOM   1535 C  CG  . PRO A 1 218 ? 9.866   7.091   -1.281  1.00 35.11 ? 234 PRO A CG  1 
ATOM   1536 C  CD  . PRO A 1 218 ? 8.410   7.285   -1.099  1.00 32.82 ? 234 PRO A CD  1 
ATOM   1537 O  OXT . PRO A 1 218 ? 10.126  7.270   3.194   1.00 35.27 ? 234 PRO A OXT 1 
# 
